data_8IJ8
#
_entry.id   8IJ8
#
_cell.length_a   141.305
_cell.length_b   141.305
_cell.length_c   164.757
_cell.angle_alpha   90.00
_cell.angle_beta   90.00
_cell.angle_gamma   90.00
#
_symmetry.space_group_name_H-M   'P 4'
#
loop_
_entity.id
_entity.type
_entity.pdbx_description
1 polymer 'Putative short-chain dehydrogenases/reductase family protein'
2 water water
#
_entity_poly.entity_id   1
_entity_poly.type   'polypeptide(L)'
_entity_poly.pdbx_seq_one_letter_code
;MSKRLEGKVALVTGGTSGIGLATAKDLAAQGARVIITGRRQAELDQAVAALGQGVRGVRSDVTRSADLDALFETIRATEG
RLDILFTNAGGASMAALGEISEQHFDDTFERNVKAVVFTVQKALPLMPQGASIILNGSIKGSTGTQAFSIYGASKAAVRA
LARSWVLDLKERGIRVNVVSPGSTRTIGLAELGGDTQEGQDGTLAYLASLVPIGRLADPSEIAKVVSFLASDDSSFINGA
EITADGGQAQV
;
_entity_poly.pdbx_strand_id   A,B,C,D,E,F,G,H
#
# COMPACT_ATOMS: atom_id res chain seq x y z
N SER A 2 40.91 -11.68 -48.61
CA SER A 2 39.61 -11.93 -49.22
C SER A 2 39.01 -10.67 -49.81
N LYS A 3 39.01 -9.61 -49.00
CA LYS A 3 38.56 -8.26 -49.38
C LYS A 3 37.06 -8.20 -49.68
N ARG A 4 36.32 -9.22 -49.26
CA ARG A 4 34.87 -9.20 -49.39
C ARG A 4 34.27 -8.03 -48.63
N LEU A 5 34.82 -7.72 -47.45
CA LEU A 5 34.38 -6.62 -46.61
C LEU A 5 35.19 -5.33 -46.82
N GLU A 6 35.96 -5.24 -47.90
CA GLU A 6 36.81 -4.06 -48.10
C GLU A 6 35.98 -2.78 -48.18
N GLY A 7 36.47 -1.73 -47.52
CA GLY A 7 35.75 -0.48 -47.48
C GLY A 7 34.66 -0.41 -46.44
N LYS A 8 34.43 -1.46 -45.66
CA LYS A 8 33.36 -1.48 -44.67
C LYS A 8 33.93 -1.19 -43.27
N VAL A 9 33.17 -0.45 -42.48
CA VAL A 9 33.53 -0.15 -41.09
C VAL A 9 32.69 -0.99 -40.15
N ALA A 10 33.36 -1.67 -39.22
CA ALA A 10 32.70 -2.58 -38.29
C ALA A 10 33.04 -2.19 -36.86
N LEU A 11 32.04 -2.25 -36.00
CA LEU A 11 32.23 -2.08 -34.57
C LEU A 11 31.86 -3.38 -33.87
N VAL A 12 32.77 -3.87 -33.02
CA VAL A 12 32.55 -5.04 -32.19
C VAL A 12 32.67 -4.57 -30.74
N THR A 13 31.56 -4.54 -30.01
CA THR A 13 31.64 -4.30 -28.57
C THR A 13 32.04 -5.58 -27.86
N GLY A 14 32.85 -5.46 -26.81
CA GLY A 14 33.45 -6.64 -26.22
C GLY A 14 34.42 -7.37 -27.13
N GLY A 15 35.23 -6.61 -27.88
CA GLY A 15 36.17 -7.15 -28.87
C GLY A 15 37.44 -7.76 -28.34
N THR A 16 37.77 -7.56 -27.06
CA THR A 16 39.08 -7.98 -26.57
C THR A 16 39.20 -9.48 -26.33
N SER A 17 38.11 -10.19 -26.10
CA SER A 17 38.21 -11.61 -25.76
C SER A 17 37.17 -12.43 -26.51
N GLY A 18 37.42 -13.74 -26.53
CA GLY A 18 36.41 -14.72 -26.92
C GLY A 18 35.88 -14.55 -28.33
N ILE A 19 34.57 -14.70 -28.48
CA ILE A 19 33.99 -14.65 -29.82
C ILE A 19 34.16 -13.25 -30.42
N GLY A 20 34.08 -12.21 -29.60
CA GLY A 20 34.26 -10.86 -30.12
C GLY A 20 35.64 -10.65 -30.70
N LEU A 21 36.68 -11.13 -30.01
CA LEU A 21 38.05 -11.03 -30.53
C LEU A 21 38.19 -11.81 -31.84
N ALA A 22 37.69 -13.05 -31.87
CA ALA A 22 37.76 -13.86 -33.09
C ALA A 22 37.03 -13.18 -34.24
N THR A 23 35.91 -12.52 -33.94
CA THR A 23 35.16 -11.81 -34.97
C THR A 23 35.93 -10.60 -35.48
N ALA A 24 36.53 -9.83 -34.59
CA ALA A 24 37.33 -8.69 -35.04
C ALA A 24 38.43 -9.18 -35.98
N LYS A 25 39.08 -10.29 -35.63
CA LYS A 25 40.13 -10.83 -36.46
C LYS A 25 39.60 -11.24 -37.83
N ASP A 26 38.47 -11.96 -37.84
CA ASP A 26 37.94 -12.42 -39.11
C ASP A 26 37.46 -11.25 -39.97
N LEU A 27 36.76 -10.28 -39.37
CA LEU A 27 36.36 -9.12 -40.14
C LEU A 27 37.58 -8.39 -40.71
N ALA A 28 38.63 -8.24 -39.89
CA ALA A 28 39.81 -7.52 -40.37
C ALA A 28 40.49 -8.27 -41.51
N ALA A 29 40.55 -9.60 -41.43
CA ALA A 29 41.13 -10.36 -42.53
C ALA A 29 40.35 -10.17 -43.83
N GLN A 30 39.02 -10.02 -43.74
CA GLN A 30 38.19 -9.72 -44.91
C GLN A 30 38.34 -8.30 -45.42
N GLY A 31 39.18 -7.46 -44.79
CA GLY A 31 39.43 -6.12 -45.27
C GLY A 31 38.63 -5.01 -44.62
N ALA A 32 37.79 -5.32 -43.64
CA ALA A 32 37.05 -4.28 -42.93
C ALA A 32 37.95 -3.46 -42.00
N ARG A 33 37.65 -2.17 -41.87
CA ARG A 33 38.15 -1.39 -40.75
C ARG A 33 37.35 -1.74 -39.51
N VAL A 34 38.02 -2.10 -38.41
CA VAL A 34 37.34 -2.60 -37.23
C VAL A 34 37.64 -1.72 -36.02
N ILE A 35 36.60 -1.41 -35.24
CA ILE A 35 36.70 -0.77 -33.93
C ILE A 35 36.26 -1.76 -32.87
N ILE A 36 37.06 -1.93 -31.84
CA ILE A 36 36.72 -2.84 -30.74
C ILE A 36 36.69 -2.04 -29.43
N THR A 37 35.81 -2.47 -28.52
CA THR A 37 35.71 -1.89 -27.19
C THR A 37 36.09 -2.90 -26.11
N GLY A 38 36.73 -2.40 -25.08
CA GLY A 38 37.05 -3.20 -23.93
C GLY A 38 36.95 -2.34 -22.69
N ARG A 39 36.66 -2.99 -21.56
CA ARG A 39 36.61 -2.26 -20.31
C ARG A 39 38.02 -1.89 -19.80
N ARG A 40 39.02 -2.75 -20.02
CA ARG A 40 40.35 -2.56 -19.44
C ARG A 40 41.41 -2.20 -20.47
N GLN A 41 42.19 -1.15 -20.17
CA GLN A 41 43.10 -0.61 -21.17
C GLN A 41 44.17 -1.62 -21.58
N ALA A 42 44.75 -2.34 -20.61
CA ALA A 42 45.83 -3.29 -20.95
C ALA A 42 45.33 -4.39 -21.88
N GLU A 43 44.17 -4.97 -21.56
CA GLU A 43 43.60 -5.99 -22.43
C GLU A 43 43.26 -5.42 -23.80
N LEU A 44 42.74 -4.20 -23.84
CA LEU A 44 42.41 -3.57 -25.11
C LEU A 44 43.66 -3.36 -25.96
N ASP A 45 44.75 -2.92 -25.33
CA ASP A 45 46.00 -2.73 -26.05
C ASP A 45 46.51 -4.04 -26.65
N GLN A 46 46.46 -5.14 -25.88
CA GLN A 46 46.91 -6.42 -26.42
C GLN A 46 46.07 -6.84 -27.61
N ALA A 47 44.75 -6.65 -27.52
CA ALA A 47 43.88 -7.03 -28.63
C ALA A 47 44.17 -6.18 -29.86
N VAL A 48 44.32 -4.87 -29.70
CA VAL A 48 44.62 -4.02 -30.86
C VAL A 48 45.97 -4.40 -31.46
N ALA A 49 46.98 -4.62 -30.60
CA ALA A 49 48.31 -4.99 -31.10
C ALA A 49 48.29 -6.35 -31.81
N ALA A 50 47.61 -7.34 -31.22
CA ALA A 50 47.52 -8.65 -31.85
C ALA A 50 46.76 -8.59 -33.17
N LEU A 51 45.66 -7.84 -33.19
CA LEU A 51 44.84 -7.78 -34.39
C LEU A 51 45.57 -7.07 -35.53
N GLY A 52 46.28 -5.99 -35.22
CA GLY A 52 47.00 -5.28 -36.26
C GLY A 52 46.03 -4.68 -37.23
N GLN A 53 46.30 -4.93 -38.51
CA GLN A 53 45.43 -4.69 -39.66
C GLN A 53 44.39 -3.58 -39.58
N GLY A 54 44.80 -2.36 -39.26
CA GLY A 54 43.84 -1.24 -39.19
C GLY A 54 42.71 -1.55 -38.23
N VAL A 55 43.04 -1.88 -36.97
CA VAL A 55 42.01 -2.13 -35.94
C VAL A 55 42.32 -1.07 -34.88
N ARG A 56 41.29 -0.37 -34.41
CA ARG A 56 41.47 0.69 -33.39
C ARG A 56 40.65 0.30 -32.18
N GLY A 57 41.16 0.55 -30.98
CA GLY A 57 40.43 0.17 -29.75
C GLY A 57 39.95 1.36 -28.97
N VAL A 58 38.70 1.30 -28.48
CA VAL A 58 38.15 2.38 -27.64
C VAL A 58 37.81 1.78 -26.27
N ARG A 59 38.35 2.33 -25.20
CA ARG A 59 38.12 1.81 -23.85
C ARG A 59 36.77 2.32 -23.38
N SER A 60 35.80 1.43 -23.21
CA SER A 60 34.47 1.87 -22.83
C SER A 60 33.74 0.74 -22.13
N ASP A 61 32.78 1.14 -21.31
CA ASP A 61 31.82 0.26 -20.65
C ASP A 61 30.45 0.52 -21.26
N VAL A 62 29.89 -0.50 -21.91
CA VAL A 62 28.63 -0.31 -22.66
C VAL A 62 27.48 0.02 -21.73
N THR A 63 27.56 -0.36 -20.45
CA THR A 63 26.49 0.00 -19.53
C THR A 63 26.48 1.49 -19.20
N ARG A 64 27.61 2.19 -19.38
CA ARG A 64 27.69 3.63 -19.14
C ARG A 64 27.31 4.42 -20.39
N SER A 65 26.25 5.23 -20.27
CA SER A 65 25.76 5.99 -21.42
C SER A 65 26.80 6.98 -21.94
N ALA A 66 27.59 7.59 -21.04
CA ALA A 66 28.61 8.53 -21.48
C ALA A 66 29.71 7.84 -22.28
N ASP A 67 30.07 6.61 -21.91
CA ASP A 67 31.06 5.85 -22.68
C ASP A 67 30.55 5.59 -24.09
N LEU A 68 29.28 5.22 -24.21
CA LEU A 68 28.71 4.99 -25.52
C LEU A 68 28.76 6.27 -26.35
N ASP A 69 28.39 7.41 -25.75
CA ASP A 69 28.44 8.66 -26.50
C ASP A 69 29.86 8.96 -26.96
N ALA A 70 30.85 8.76 -26.07
CA ALA A 70 32.22 9.01 -26.48
C ALA A 70 32.65 8.07 -27.60
N LEU A 71 32.23 6.80 -27.51
CA LEU A 71 32.63 5.81 -28.50
C LEU A 71 32.11 6.18 -29.88
N PHE A 72 30.82 6.49 -29.98
CA PHE A 72 30.27 6.84 -31.30
C PHE A 72 30.76 8.18 -31.78
N GLU A 73 31.19 9.04 -30.85
CA GLU A 73 31.82 10.29 -31.26
C GLU A 73 33.18 10.05 -31.95
N THR A 74 33.97 9.06 -31.49
CA THR A 74 35.22 8.77 -32.21
C THR A 74 34.92 8.23 -33.60
N ILE A 75 33.86 7.42 -33.73
CA ILE A 75 33.54 6.88 -35.05
C ILE A 75 33.06 7.98 -35.98
N ARG A 76 32.21 8.89 -35.48
CA ARG A 76 31.77 10.01 -36.30
C ARG A 76 32.95 10.89 -36.72
N ALA A 77 33.88 11.15 -35.80
CA ALA A 77 35.04 12.00 -36.13
C ALA A 77 36.03 11.31 -37.07
N THR A 78 36.12 9.98 -37.00
CA THR A 78 37.15 9.26 -37.75
C THR A 78 36.65 8.60 -39.03
N GLU A 79 35.84 7.56 -38.89
CA GLU A 79 35.40 6.81 -40.06
C GLU A 79 34.21 7.47 -40.74
N GLY A 80 33.35 8.13 -39.97
CA GLY A 80 32.19 8.80 -40.52
C GLY A 80 31.03 7.90 -40.86
N ARG A 81 31.16 6.59 -40.67
CA ARG A 81 30.05 5.67 -40.94
C ARG A 81 30.29 4.35 -40.23
N LEU A 82 29.20 3.59 -40.09
CA LEU A 82 29.23 2.26 -39.50
C LEU A 82 28.44 1.30 -40.37
N ASP A 83 29.14 0.42 -41.09
CA ASP A 83 28.48 -0.59 -41.93
C ASP A 83 28.07 -1.84 -41.17
N ILE A 84 28.86 -2.26 -40.18
CA ILE A 84 28.67 -3.52 -39.48
C ILE A 84 28.69 -3.28 -37.97
N LEU A 85 27.73 -3.86 -37.25
CA LEU A 85 27.72 -3.79 -35.80
C LEU A 85 27.56 -5.18 -35.21
N PHE A 86 28.49 -5.59 -34.34
CA PHE A 86 28.36 -6.84 -33.60
C PHE A 86 28.53 -6.53 -32.11
N THR A 87 27.51 -6.86 -31.33
CA THR A 87 27.49 -6.62 -29.89
C THR A 87 27.88 -7.91 -29.19
N ASN A 88 29.08 -7.94 -28.60
CA ASN A 88 29.56 -9.10 -27.84
C ASN A 88 29.88 -8.77 -26.38
N ALA A 89 29.47 -7.61 -25.87
CA ALA A 89 29.75 -7.27 -24.48
C ALA A 89 28.61 -7.80 -23.63
N GLY A 90 28.77 -9.02 -23.12
CA GLY A 90 27.72 -9.67 -22.36
C GLY A 90 28.32 -10.68 -21.41
N GLY A 91 27.57 -10.99 -20.35
CA GLY A 91 28.05 -11.88 -19.31
C GLY A 91 26.99 -12.83 -18.83
N ALA A 92 27.45 -13.92 -18.22
CA ALA A 92 26.60 -14.91 -17.57
C ALA A 92 27.07 -15.20 -16.15
N SER A 93 26.15 -15.23 -15.21
CA SER A 93 26.40 -15.72 -13.86
C SER A 93 25.26 -16.64 -13.46
N MET A 94 25.53 -17.56 -12.54
CA MET A 94 24.59 -18.61 -12.19
C MET A 94 23.93 -18.31 -10.85
N ALA A 95 22.60 -18.40 -10.81
CA ALA A 95 21.83 -18.36 -9.57
C ALA A 95 20.56 -19.16 -9.79
N ALA A 96 20.32 -20.16 -8.95
CA ALA A 96 19.07 -20.88 -9.03
C ALA A 96 17.92 -20.06 -8.46
N LEU A 97 16.71 -20.35 -8.94
CA LEU A 97 15.51 -19.77 -8.37
C LEU A 97 15.45 -20.10 -6.89
N GLY A 98 15.11 -19.10 -6.09
CA GLY A 98 15.26 -19.16 -4.65
C GLY A 98 16.51 -18.48 -4.13
N GLU A 99 17.53 -18.30 -4.97
CA GLU A 99 18.73 -17.54 -4.63
C GLU A 99 18.98 -16.35 -5.53
N ILE A 100 18.05 -16.02 -6.44
CA ILE A 100 18.31 -14.95 -7.40
C ILE A 100 18.24 -13.62 -6.67
N SER A 101 19.33 -12.87 -6.73
CA SER A 101 19.41 -11.57 -6.07
C SER A 101 19.05 -10.45 -7.03
N GLU A 102 18.58 -9.33 -6.48
CA GLU A 102 18.24 -8.18 -7.30
C GLU A 102 19.46 -7.67 -8.06
N GLN A 103 20.63 -7.68 -7.41
CA GLN A 103 21.85 -7.30 -8.11
C GLN A 103 22.18 -8.30 -9.22
N HIS A 104 21.94 -9.59 -9.00
CA HIS A 104 22.23 -10.55 -10.06
C HIS A 104 21.31 -10.35 -11.25
N PHE A 105 20.03 -10.05 -11.01
CA PHE A 105 19.12 -9.76 -12.11
C PHE A 105 19.51 -8.46 -12.81
N ASP A 106 19.78 -7.41 -12.03
CA ASP A 106 20.06 -6.11 -12.60
C ASP A 106 21.34 -6.10 -13.43
N ASP A 107 22.39 -6.76 -12.93
CA ASP A 107 23.65 -6.80 -13.66
C ASP A 107 23.48 -7.51 -15.00
N THR A 108 22.79 -8.66 -14.99
CA THR A 108 22.64 -9.42 -16.24
C THR A 108 21.85 -8.63 -17.27
N PHE A 109 20.69 -8.08 -16.88
CA PHE A 109 19.85 -7.46 -17.90
C PHE A 109 20.41 -6.12 -18.34
N GLU A 110 21.13 -5.43 -17.47
CA GLU A 110 21.71 -4.16 -17.89
C GLU A 110 22.78 -4.36 -18.95
N ARG A 111 23.63 -5.38 -18.78
CA ARG A 111 24.72 -5.66 -19.72
C ARG A 111 24.24 -6.42 -20.97
N ASN A 112 23.37 -7.42 -20.79
CA ASN A 112 22.97 -8.31 -21.88
C ASN A 112 21.87 -7.75 -22.77
N VAL A 113 20.98 -6.91 -22.22
CA VAL A 113 19.82 -6.40 -22.99
C VAL A 113 19.82 -4.89 -23.13
N LYS A 114 19.83 -4.19 -21.99
CA LYS A 114 19.74 -2.73 -22.03
C LYS A 114 20.89 -2.13 -22.82
N ALA A 115 22.12 -2.58 -22.56
CA ALA A 115 23.28 -2.02 -23.26
C ALA A 115 23.19 -2.30 -24.75
N VAL A 116 22.59 -3.42 -25.13
CA VAL A 116 22.40 -3.74 -26.53
C VAL A 116 21.43 -2.74 -27.17
N VAL A 117 20.31 -2.44 -26.48
CA VAL A 117 19.31 -1.53 -27.03
C VAL A 117 19.95 -0.17 -27.28
N PHE A 118 20.68 0.35 -26.30
CA PHE A 118 21.26 1.68 -26.42
C PHE A 118 22.54 1.70 -27.25
N THR A 119 23.31 0.60 -27.31
CA THR A 119 24.40 0.55 -28.28
C THR A 119 23.85 0.67 -29.71
N VAL A 120 22.79 -0.10 -30.00
CA VAL A 120 22.19 -0.07 -31.33
C VAL A 120 21.55 1.28 -31.61
N GLN A 121 20.80 1.81 -30.63
CA GLN A 121 20.13 3.07 -30.85
C GLN A 121 21.14 4.18 -31.16
N LYS A 122 22.23 4.25 -30.39
CA LYS A 122 23.22 5.28 -30.63
C LYS A 122 23.98 5.06 -31.94
N ALA A 123 24.10 3.81 -32.39
CA ALA A 123 24.80 3.53 -33.65
C ALA A 123 24.01 3.97 -34.89
N LEU A 124 22.67 3.95 -34.82
CA LEU A 124 21.86 4.06 -36.04
C LEU A 124 22.14 5.27 -36.94
N PRO A 125 22.30 6.50 -36.43
CA PRO A 125 22.54 7.62 -37.35
C PRO A 125 23.77 7.42 -38.22
N LEU A 126 24.74 6.66 -37.73
CA LEU A 126 25.95 6.34 -38.46
C LEU A 126 25.73 5.26 -39.52
N MET A 127 24.67 4.49 -39.43
CA MET A 127 24.52 3.30 -40.27
C MET A 127 23.79 3.64 -41.57
N PRO A 128 24.40 3.44 -42.73
CA PRO A 128 23.75 3.75 -44.00
C PRO A 128 22.79 2.63 -44.42
N GLN A 129 22.09 2.86 -45.52
CA GLN A 129 21.25 1.81 -46.09
C GLN A 129 22.11 0.61 -46.49
N GLY A 130 21.60 -0.58 -46.23
CA GLY A 130 22.37 -1.78 -46.46
C GLY A 130 23.33 -2.15 -45.34
N ALA A 131 23.34 -1.42 -44.22
CA ALA A 131 24.19 -1.81 -43.10
C ALA A 131 23.63 -3.07 -42.43
N SER A 132 24.51 -3.79 -41.74
CA SER A 132 24.18 -5.06 -41.11
C SER A 132 24.44 -5.03 -39.62
N ILE A 133 23.44 -5.44 -38.84
CA ILE A 133 23.55 -5.57 -37.39
C ILE A 133 23.43 -7.04 -37.00
N ILE A 134 24.36 -7.51 -36.19
CA ILE A 134 24.37 -8.86 -35.65
C ILE A 134 24.30 -8.77 -34.13
N LEU A 135 23.31 -9.41 -33.55
CA LEU A 135 23.12 -9.42 -32.11
C LEU A 135 23.62 -10.76 -31.56
N ASN A 136 24.22 -10.73 -30.38
CA ASN A 136 24.73 -11.93 -29.71
C ASN A 136 23.62 -12.65 -28.95
N GLY A 137 23.24 -13.82 -29.44
CA GLY A 137 22.25 -14.66 -28.80
C GLY A 137 22.91 -15.89 -28.20
N SER A 138 22.08 -16.81 -27.71
CA SER A 138 22.58 -18.08 -27.18
C SER A 138 21.53 -19.16 -27.33
N ILE A 139 21.98 -20.41 -27.46
CA ILE A 139 21.01 -21.50 -27.36
C ILE A 139 20.39 -21.53 -25.99
N LYS A 140 21.06 -20.96 -24.98
CA LYS A 140 20.47 -20.86 -23.65
C LYS A 140 19.18 -20.03 -23.65
N GLY A 141 18.99 -19.18 -24.66
CA GLY A 141 17.76 -18.41 -24.79
C GLY A 141 16.53 -19.24 -25.11
N SER A 142 16.72 -20.34 -25.84
CA SER A 142 15.60 -21.18 -26.26
C SER A 142 15.58 -22.55 -25.56
N THR A 143 16.38 -22.75 -24.53
CA THR A 143 16.48 -24.02 -23.80
C THR A 143 16.41 -23.76 -22.30
N GLY A 144 16.37 -24.83 -21.52
CA GLY A 144 16.39 -24.76 -20.07
C GLY A 144 17.70 -25.23 -19.50
N THR A 145 18.29 -24.40 -18.62
CA THR A 145 19.51 -24.74 -17.90
C THR A 145 19.34 -24.40 -16.43
N GLN A 146 19.63 -25.37 -15.55
CA GLN A 146 19.48 -25.16 -14.11
C GLN A 146 20.40 -24.03 -13.64
N ALA A 147 19.86 -23.13 -12.83
CA ALA A 147 20.55 -22.01 -12.23
C ALA A 147 20.96 -20.94 -13.22
N PHE A 148 20.48 -21.01 -14.47
CA PHE A 148 20.81 -20.02 -15.50
C PHE A 148 19.57 -19.35 -16.09
N SER A 149 18.48 -19.32 -15.33
CA SER A 149 17.23 -18.77 -15.86
C SER A 149 17.38 -17.31 -16.25
N ILE A 150 18.06 -16.52 -15.41
CA ILE A 150 18.18 -15.11 -15.70
C ILE A 150 19.00 -14.90 -16.96
N TYR A 151 20.08 -15.64 -17.11
CA TYR A 151 20.90 -15.48 -18.31
C TYR A 151 20.10 -15.86 -19.55
N GLY A 152 19.41 -17.00 -19.50
CA GLY A 152 18.61 -17.44 -20.64
C GLY A 152 17.52 -16.46 -20.99
N ALA A 153 16.88 -15.87 -19.97
CA ALA A 153 15.88 -14.86 -20.25
C ALA A 153 16.48 -13.67 -20.99
N SER A 154 17.70 -13.25 -20.59
CA SER A 154 18.33 -12.11 -21.24
C SER A 154 18.62 -12.39 -22.71
N LYS A 155 19.10 -13.60 -23.02
CA LYS A 155 19.37 -13.93 -24.42
C LYS A 155 18.08 -14.05 -25.22
N ALA A 156 17.03 -14.63 -24.63
CA ALA A 156 15.76 -14.66 -25.34
C ALA A 156 15.26 -13.26 -25.62
N ALA A 157 15.47 -12.34 -24.69
CA ALA A 157 15.12 -10.94 -24.96
C ALA A 157 15.89 -10.39 -26.16
N VAL A 158 17.20 -10.71 -26.25
CA VAL A 158 18.01 -10.22 -27.36
C VAL A 158 17.45 -10.71 -28.68
N ARG A 159 17.12 -12.01 -28.75
CA ARG A 159 16.61 -12.56 -30.01
C ARG A 159 15.29 -11.91 -30.41
N ALA A 160 14.43 -11.60 -29.44
CA ALA A 160 13.15 -10.97 -29.77
C ALA A 160 13.34 -9.55 -30.29
N LEU A 161 14.33 -8.83 -29.76
CA LEU A 161 14.56 -7.46 -30.23
C LEU A 161 14.70 -7.42 -31.75
N ALA A 162 15.40 -8.40 -32.32
CA ALA A 162 15.64 -8.42 -33.77
C ALA A 162 14.35 -8.49 -34.57
N ARG A 163 13.35 -9.28 -34.13
CA ARG A 163 12.15 -9.44 -34.94
C ARG A 163 11.43 -8.11 -35.12
N SER A 164 11.28 -7.34 -34.03
CA SER A 164 10.61 -6.05 -34.11
C SER A 164 11.49 -5.01 -34.82
N TRP A 165 12.80 -5.06 -34.57
CA TRP A 165 13.72 -4.10 -35.19
C TRP A 165 13.75 -4.25 -36.71
N VAL A 166 13.37 -5.42 -37.24
CA VAL A 166 13.24 -5.55 -38.69
C VAL A 166 12.28 -4.48 -39.21
N LEU A 167 11.13 -4.36 -38.55
CA LEU A 167 10.09 -3.42 -38.94
C LEU A 167 10.48 -1.97 -38.65
N ASP A 168 11.07 -1.71 -37.48
CA ASP A 168 11.51 -0.36 -37.13
C ASP A 168 12.55 0.15 -38.13
N LEU A 169 13.44 -0.74 -38.60
CA LEU A 169 14.58 -0.35 -39.42
C LEU A 169 14.33 -0.51 -40.92
N LYS A 170 13.12 -0.91 -41.34
CA LYS A 170 12.94 -1.30 -42.74
C LYS A 170 13.12 -0.13 -43.74
N GLU A 171 12.59 1.08 -43.47
CA GLU A 171 13.03 2.19 -44.33
C GLU A 171 14.47 2.61 -44.16
N ARG A 172 15.10 2.34 -43.04
CA ARG A 172 16.51 2.67 -43.06
C ARG A 172 17.31 1.68 -43.90
N GLY A 173 16.72 0.53 -44.24
CA GLY A 173 17.43 -0.48 -45.01
C GLY A 173 18.44 -1.29 -44.23
N ILE A 174 18.46 -1.14 -42.90
CA ILE A 174 19.36 -1.91 -42.06
C ILE A 174 18.72 -3.24 -41.69
N ARG A 175 19.50 -4.31 -41.75
CA ARG A 175 19.01 -5.63 -41.42
C ARG A 175 19.63 -6.10 -40.11
N VAL A 176 18.82 -6.74 -39.27
CA VAL A 176 19.21 -7.19 -37.94
C VAL A 176 19.06 -8.70 -37.86
N ASN A 177 20.12 -9.37 -37.41
CA ASN A 177 20.11 -10.82 -37.28
C ASN A 177 20.84 -11.23 -35.99
N VAL A 178 20.66 -12.49 -35.60
CA VAL A 178 21.13 -13.00 -34.34
C VAL A 178 22.00 -14.23 -34.60
N VAL A 179 23.19 -14.26 -34.03
CA VAL A 179 24.00 -15.48 -34.00
C VAL A 179 23.79 -16.09 -32.63
N SER A 180 23.43 -17.36 -32.59
CA SER A 180 23.25 -18.04 -31.30
C SER A 180 24.27 -19.16 -31.20
N PRO A 181 25.35 -18.95 -30.48
CA PRO A 181 26.34 -20.02 -30.31
C PRO A 181 25.90 -21.03 -29.27
N GLY A 182 26.28 -22.28 -29.52
CA GLY A 182 26.37 -23.30 -28.49
C GLY A 182 27.64 -23.14 -27.67
N SER A 183 28.05 -24.24 -27.05
CA SER A 183 29.22 -24.22 -26.18
C SER A 183 30.49 -23.94 -26.97
N THR A 184 31.15 -22.82 -26.65
CA THR A 184 32.35 -22.42 -27.41
C THR A 184 33.51 -22.21 -26.44
N ARG A 185 34.67 -22.79 -26.74
CA ARG A 185 35.85 -22.70 -25.83
C ARG A 185 36.27 -21.24 -25.64
N THR A 186 35.86 -20.61 -24.55
CA THR A 186 36.21 -19.21 -24.26
C THR A 186 36.68 -19.09 -22.80
N ILE A 187 37.46 -18.06 -22.49
CA ILE A 187 37.96 -17.87 -21.09
C ILE A 187 36.74 -17.66 -20.20
N GLY A 188 35.74 -16.91 -20.66
CA GLY A 188 34.51 -16.76 -19.88
C GLY A 188 33.89 -18.11 -19.57
N LEU A 189 33.72 -18.94 -20.60
CA LEU A 189 33.12 -20.29 -20.42
C LEU A 189 34.01 -21.09 -19.47
N ALA A 190 35.33 -20.97 -19.64
CA ALA A 190 36.27 -21.70 -18.76
C ALA A 190 36.08 -21.15 -17.35
N GLU A 191 36.10 -19.83 -17.21
CA GLU A 191 36.01 -19.26 -15.86
C GLU A 191 34.70 -19.63 -15.19
N LEU A 192 33.61 -19.75 -15.97
CA LEU A 192 32.34 -20.19 -15.41
C LEU A 192 32.45 -21.59 -14.82
N GLY A 193 33.39 -22.39 -15.32
CA GLY A 193 33.63 -23.72 -14.71
C GLY A 193 34.13 -23.55 -13.30
N GLY A 194 35.05 -22.62 -13.07
CA GLY A 194 35.51 -22.30 -11.70
C GLY A 194 36.92 -21.74 -11.69
N ASP A 195 37.43 -21.36 -10.51
CA ASP A 195 38.83 -20.86 -10.38
C ASP A 195 39.84 -21.97 -10.72
N THR A 196 39.57 -23.20 -10.25
CA THR A 196 40.55 -24.31 -10.43
C THR A 196 40.67 -24.68 -11.92
N GLN A 197 41.88 -24.99 -12.39
CA GLN A 197 42.04 -25.47 -13.78
C GLN A 197 41.29 -26.80 -13.92
N GLU A 198 41.40 -27.66 -12.91
CA GLU A 198 40.71 -28.98 -12.94
C GLU A 198 39.20 -28.74 -13.00
N GLY A 199 38.70 -27.77 -12.23
CA GLY A 199 37.26 -27.46 -12.26
C GLY A 199 36.85 -26.98 -13.63
N GLN A 200 37.69 -26.15 -14.26
CA GLN A 200 37.39 -25.67 -15.63
C GLN A 200 37.47 -26.86 -16.58
N ASP A 201 38.48 -27.71 -16.43
CA ASP A 201 38.68 -28.80 -17.38
C ASP A 201 37.55 -29.82 -17.29
N GLY A 202 37.11 -30.16 -16.08
CA GLY A 202 36.02 -31.10 -15.95
C GLY A 202 34.72 -30.57 -16.52
N THR A 203 34.41 -29.30 -16.23
CA THR A 203 33.20 -28.70 -16.77
C THR A 203 33.28 -28.61 -18.29
N LEU A 204 34.44 -28.23 -18.83
CA LEU A 204 34.60 -28.14 -20.27
C LEU A 204 34.45 -29.50 -20.93
N ALA A 205 35.01 -30.55 -20.32
CA ALA A 205 34.87 -31.90 -20.87
C ALA A 205 33.42 -32.37 -20.84
N TYR A 206 32.70 -32.04 -19.77
CA TYR A 206 31.29 -32.41 -19.69
C TYR A 206 30.45 -31.69 -20.74
N LEU A 207 30.68 -30.39 -20.93
CA LEU A 207 29.91 -29.66 -21.94
C LEU A 207 30.15 -30.24 -23.33
N ALA A 208 31.40 -30.64 -23.61
CA ALA A 208 31.69 -31.26 -24.91
C ALA A 208 30.92 -32.55 -25.09
N SER A 209 30.68 -33.30 -24.01
CA SER A 209 29.91 -34.53 -24.12
C SER A 209 28.46 -34.24 -24.52
N LEU A 210 27.92 -33.09 -24.10
CA LEU A 210 26.56 -32.70 -24.49
C LEU A 210 26.46 -32.33 -25.97
N VAL A 211 27.56 -31.88 -26.58
CA VAL A 211 27.49 -31.51 -27.99
C VAL A 211 27.41 -32.79 -28.83
N PRO A 212 26.46 -32.88 -29.77
CA PRO A 212 26.37 -34.10 -30.59
C PRO A 212 27.63 -34.40 -31.39
N ILE A 213 28.25 -33.41 -32.02
CA ILE A 213 29.51 -33.65 -32.71
C ILE A 213 30.66 -33.92 -31.74
N GLY A 214 30.46 -33.68 -30.45
CA GLY A 214 31.36 -34.11 -29.41
C GLY A 214 32.48 -33.17 -29.02
N ARG A 215 32.56 -31.98 -29.61
CA ARG A 215 33.57 -31.00 -29.22
C ARG A 215 32.96 -29.63 -29.01
N LEU A 216 33.57 -28.85 -28.11
CA LEU A 216 33.29 -27.42 -28.03
C LEU A 216 33.74 -26.73 -29.31
N ALA A 217 33.14 -25.58 -29.61
CA ALA A 217 33.57 -24.81 -30.77
C ALA A 217 34.85 -24.01 -30.48
N ASP A 218 35.68 -23.88 -31.49
CA ASP A 218 36.67 -22.81 -31.46
C ASP A 218 35.99 -21.48 -31.73
N PRO A 219 36.40 -20.39 -31.06
CA PRO A 219 35.73 -19.09 -31.29
C PRO A 219 35.68 -18.68 -32.75
N SER A 220 36.69 -19.03 -33.53
CA SER A 220 36.68 -18.70 -34.95
C SER A 220 35.49 -19.32 -35.67
N GLU A 221 35.02 -20.49 -35.22
CA GLU A 221 33.86 -21.11 -35.87
C GLU A 221 32.60 -20.27 -35.70
N ILE A 222 32.45 -19.59 -34.55
CA ILE A 222 31.34 -18.64 -34.39
C ILE A 222 31.60 -17.36 -35.17
N ALA A 223 32.85 -16.89 -35.19
CA ALA A 223 33.16 -15.67 -35.91
C ALA A 223 32.80 -15.79 -37.39
N LYS A 224 32.97 -16.97 -37.96
CA LYS A 224 32.64 -17.17 -39.36
C LYS A 224 31.17 -16.89 -39.63
N VAL A 225 30.31 -17.21 -38.67
CA VAL A 225 28.89 -16.94 -38.83
C VAL A 225 28.64 -15.44 -38.85
N VAL A 226 29.32 -14.70 -37.97
CA VAL A 226 29.16 -13.25 -37.94
C VAL A 226 29.65 -12.62 -39.23
N SER A 227 30.80 -13.07 -39.75
CA SER A 227 31.29 -12.49 -40.99
C SER A 227 30.29 -12.70 -42.11
N PHE A 228 29.68 -13.89 -42.17
CA PHE A 228 28.68 -14.14 -43.20
C PHE A 228 27.54 -13.16 -43.08
N LEU A 229 27.04 -12.95 -41.86
CA LEU A 229 25.93 -12.01 -41.66
C LEU A 229 26.34 -10.57 -41.96
N ALA A 230 27.58 -10.20 -41.60
CA ALA A 230 28.08 -8.85 -41.90
C ALA A 230 28.21 -8.60 -43.40
N SER A 231 28.54 -9.64 -44.17
CA SER A 231 28.78 -9.52 -45.60
C SER A 231 27.47 -9.34 -46.39
N ASP A 232 27.63 -8.90 -47.63
CA ASP A 232 26.50 -8.73 -48.54
C ASP A 232 25.82 -10.04 -48.91
N ASP A 233 26.45 -11.19 -48.62
CA ASP A 233 25.80 -12.47 -48.93
C ASP A 233 24.50 -12.65 -48.16
N SER A 234 24.39 -12.05 -46.97
CA SER A 234 23.19 -12.20 -46.16
C SER A 234 22.11 -11.18 -46.54
N SER A 235 22.11 -10.72 -47.80
CA SER A 235 21.23 -9.61 -48.18
C SER A 235 19.76 -9.96 -47.99
N PHE A 236 19.37 -11.22 -48.18
CA PHE A 236 17.98 -11.60 -47.96
C PHE A 236 17.70 -12.14 -46.55
N ILE A 237 18.67 -12.14 -45.65
CA ILE A 237 18.46 -12.58 -44.28
C ILE A 237 18.12 -11.39 -43.39
N ASN A 238 16.97 -11.45 -42.69
CA ASN A 238 16.58 -10.37 -41.78
C ASN A 238 15.77 -10.93 -40.61
N GLY A 239 16.12 -10.53 -39.39
CA GLY A 239 15.41 -10.97 -38.21
C GLY A 239 15.64 -12.42 -37.84
N ALA A 240 16.55 -13.09 -38.52
CA ALA A 240 16.73 -14.52 -38.37
C ALA A 240 17.74 -14.80 -37.27
N GLU A 241 17.68 -16.02 -36.77
CA GLU A 241 18.65 -16.53 -35.82
C GLU A 241 19.41 -17.67 -36.49
N ILE A 242 20.73 -17.57 -36.50
CA ILE A 242 21.62 -18.61 -37.00
C ILE A 242 22.29 -19.27 -35.82
N THR A 243 22.02 -20.56 -35.63
CA THR A 243 22.47 -21.26 -34.45
C THR A 243 23.64 -22.16 -34.86
N ALA A 244 24.80 -21.91 -34.26
CA ALA A 244 26.00 -22.72 -34.41
C ALA A 244 26.23 -23.37 -33.06
N ASP A 245 25.72 -24.61 -32.90
CA ASP A 245 25.73 -25.28 -31.62
C ASP A 245 26.27 -26.70 -31.68
N GLY A 246 26.85 -27.10 -32.80
CA GLY A 246 27.22 -28.50 -32.95
C GLY A 246 26.05 -29.45 -33.01
N GLY A 247 24.83 -28.93 -33.21
CA GLY A 247 23.63 -29.73 -33.21
C GLY A 247 22.94 -29.86 -31.87
N GLN A 248 23.45 -29.21 -30.82
CA GLN A 248 22.96 -29.48 -29.48
C GLN A 248 21.49 -29.14 -29.32
N ALA A 249 21.09 -27.91 -29.68
CA ALA A 249 19.70 -27.48 -29.56
C ALA A 249 18.80 -27.98 -30.69
N GLN A 250 19.37 -28.42 -31.82
CA GLN A 250 18.55 -28.91 -32.93
C GLN A 250 17.95 -30.28 -32.65
N VAL A 251 18.68 -31.13 -31.92
CA VAL A 251 18.22 -32.49 -31.66
C VAL A 251 17.25 -32.54 -30.47
N SER B 2 -36.71 1.70 22.71
CA SER B 2 -35.41 1.05 22.41
C SER B 2 -35.23 -0.17 23.32
N LYS B 3 -35.73 -0.11 24.55
CA LYS B 3 -35.64 -1.24 25.52
C LYS B 3 -34.20 -1.29 26.06
N ARG B 4 -33.41 -0.25 25.80
CA ARG B 4 -32.03 -0.19 26.34
C ARG B 4 -32.14 0.04 27.84
N LEU B 5 -33.21 0.71 28.27
CA LEU B 5 -33.40 0.99 29.69
C LEU B 5 -34.49 0.14 30.33
N GLU B 6 -34.92 -0.93 29.68
CA GLU B 6 -36.02 -1.73 30.20
C GLU B 6 -35.67 -2.35 31.55
N GLY B 7 -36.63 -2.36 32.47
CA GLY B 7 -36.41 -2.85 33.81
C GLY B 7 -35.71 -1.90 34.75
N LYS B 8 -35.34 -0.70 34.29
CA LYS B 8 -34.65 0.27 35.11
C LYS B 8 -35.62 1.34 35.64
N VAL B 9 -35.41 1.76 36.89
CA VAL B 9 -36.22 2.78 37.53
C VAL B 9 -35.43 4.09 37.58
N ALA B 10 -36.06 5.19 37.17
CA ALA B 10 -35.43 6.50 37.12
C ALA B 10 -36.28 7.51 37.89
N LEU B 11 -35.60 8.38 38.64
CA LEU B 11 -36.25 9.50 39.31
C LEU B 11 -35.71 10.79 38.73
N VAL B 12 -36.62 11.66 38.29
CA VAL B 12 -36.26 12.99 37.79
C VAL B 12 -36.97 14.01 38.66
N THR B 13 -36.21 14.70 39.51
CA THR B 13 -36.72 15.87 40.22
C THR B 13 -36.75 17.06 39.27
N GLY B 14 -37.76 17.90 39.44
CA GLY B 14 -38.01 18.97 38.47
C GLY B 14 -38.39 18.44 37.11
N GLY B 15 -39.18 17.35 37.07
CA GLY B 15 -39.59 16.67 35.85
C GLY B 15 -40.70 17.33 35.06
N THR B 16 -41.39 18.32 35.63
CA THR B 16 -42.60 18.84 34.99
C THR B 16 -42.31 19.72 33.78
N SER B 17 -41.14 20.34 33.71
CA SER B 17 -40.85 21.28 32.64
C SER B 17 -39.42 21.12 32.12
N GLY B 18 -39.17 21.69 30.95
CA GLY B 18 -37.83 21.89 30.42
C GLY B 18 -37.06 20.62 30.21
N ILE B 19 -35.77 20.63 30.57
CA ILE B 19 -34.91 19.50 30.29
C ILE B 19 -35.35 18.27 31.07
N GLY B 20 -35.84 18.46 32.29
CA GLY B 20 -36.31 17.33 33.08
C GLY B 20 -37.49 16.62 32.45
N LEU B 21 -38.41 17.40 31.87
CA LEU B 21 -39.56 16.83 31.18
C LEU B 21 -39.12 16.01 29.95
N ALA B 22 -38.25 16.59 29.13
CA ALA B 22 -37.73 15.86 27.96
C ALA B 22 -36.94 14.64 28.39
N THR B 23 -36.21 14.74 29.50
CA THR B 23 -35.46 13.58 29.97
C THR B 23 -36.41 12.47 30.42
N ALA B 24 -37.46 12.83 31.17
CA ALA B 24 -38.44 11.81 31.56
C ALA B 24 -39.03 11.13 30.35
N LYS B 25 -39.35 11.92 29.33
CA LYS B 25 -39.92 11.35 28.11
C LYS B 25 -38.93 10.42 27.44
N ASP B 26 -37.65 10.84 27.35
CA ASP B 26 -36.64 10.02 26.70
C ASP B 26 -36.38 8.71 27.44
N LEU B 27 -36.20 8.79 28.76
CA LEU B 27 -35.99 7.58 29.54
C LEU B 27 -37.15 6.62 29.41
N ALA B 28 -38.38 7.15 29.41
CA ALA B 28 -39.56 6.29 29.23
C ALA B 28 -39.60 5.68 27.84
N ALA B 29 -39.25 6.46 26.81
CA ALA B 29 -39.21 5.89 25.47
C ALA B 29 -38.23 4.72 25.41
N GLN B 30 -37.12 4.82 26.13
CA GLN B 30 -36.18 3.70 26.25
C GLN B 30 -36.68 2.56 27.14
N GLY B 31 -37.87 2.64 27.73
CA GLY B 31 -38.41 1.57 28.54
C GLY B 31 -38.22 1.68 30.03
N ALA B 32 -37.67 2.78 30.54
CA ALA B 32 -37.57 2.98 31.98
C ALA B 32 -38.91 3.33 32.62
N ARG B 33 -39.13 2.84 33.85
CA ARG B 33 -40.16 3.40 34.72
C ARG B 33 -39.64 4.69 35.33
N VAL B 34 -40.42 5.77 35.22
CA VAL B 34 -39.95 7.11 35.58
C VAL B 34 -40.86 7.71 36.64
N ILE B 35 -40.25 8.30 37.67
CA ILE B 35 -40.91 9.12 38.65
C ILE B 35 -40.43 10.56 38.47
N ILE B 36 -41.37 11.50 38.37
CA ILE B 36 -41.06 12.91 38.23
C ILE B 36 -41.67 13.65 39.41
N THR B 37 -41.00 14.72 39.83
CA THR B 37 -41.48 15.56 40.91
C THR B 37 -41.77 16.97 40.40
N GLY B 38 -42.81 17.58 40.96
CA GLY B 38 -43.10 18.97 40.72
C GLY B 38 -43.61 19.61 42.00
N ARG B 39 -43.38 20.91 42.11
CA ARG B 39 -43.91 21.65 43.26
C ARG B 39 -45.43 21.85 43.17
N ARG B 40 -45.96 22.04 41.97
CA ARG B 40 -47.36 22.40 41.78
C ARG B 40 -48.16 21.24 41.18
N GLN B 41 -49.32 20.94 41.76
CA GLN B 41 -50.08 19.76 41.37
C GLN B 41 -50.57 19.85 39.94
N ALA B 42 -51.09 21.02 39.53
CA ALA B 42 -51.61 21.17 38.18
C ALA B 42 -50.51 20.96 37.14
N GLU B 43 -49.33 21.56 37.36
CA GLU B 43 -48.21 21.33 36.46
C GLU B 43 -47.77 19.87 36.46
N LEU B 44 -47.79 19.23 37.64
CA LEU B 44 -47.44 17.82 37.72
C LEU B 44 -48.45 16.97 36.95
N ASP B 45 -49.74 17.28 37.07
CA ASP B 45 -50.76 16.53 36.34
C ASP B 45 -50.54 16.62 34.83
N GLN B 46 -50.31 17.84 34.33
CA GLN B 46 -50.06 17.99 32.91
C GLN B 46 -48.83 17.22 32.46
N ALA B 47 -47.77 17.23 33.27
CA ALA B 47 -46.56 16.52 32.88
C ALA B 47 -46.80 15.01 32.81
N VAL B 48 -47.44 14.44 33.84
CA VAL B 48 -47.72 13.01 33.83
C VAL B 48 -48.65 12.64 32.67
N ALA B 49 -49.69 13.45 32.44
CA ALA B 49 -50.62 13.17 31.34
C ALA B 49 -49.93 13.27 29.98
N ALA B 50 -49.07 14.27 29.79
CA ALA B 50 -48.35 14.39 28.53
C ALA B 50 -47.41 13.22 28.32
N LEU B 51 -46.77 12.75 29.39
CA LEU B 51 -45.77 11.67 29.24
C LEU B 51 -46.46 10.31 29.09
N GLY B 52 -47.41 9.99 29.97
CA GLY B 52 -48.02 8.64 29.97
C GLY B 52 -46.90 7.63 30.13
N GLN B 53 -46.85 6.57 29.34
CA GLN B 53 -45.65 5.67 29.33
C GLN B 53 -45.29 5.14 30.73
N GLY B 54 -46.26 4.74 31.54
CA GLY B 54 -45.96 4.29 32.92
C GLY B 54 -45.08 5.28 33.66
N VAL B 55 -45.39 6.57 33.56
CA VAL B 55 -44.66 7.60 34.27
C VAL B 55 -45.47 7.98 35.51
N ARG B 56 -44.78 8.18 36.63
CA ARG B 56 -45.42 8.51 37.90
C ARG B 56 -45.00 9.89 38.37
N GLY B 57 -45.94 10.60 38.98
CA GLY B 57 -45.70 11.94 39.51
C GLY B 57 -45.89 11.99 41.00
N VAL B 58 -44.98 12.68 41.69
CA VAL B 58 -45.08 12.95 43.12
C VAL B 58 -44.94 14.46 43.31
N ARG B 59 -45.85 15.07 44.06
CA ARG B 59 -45.79 16.50 44.30
C ARG B 59 -44.88 16.75 45.49
N SER B 60 -43.76 17.42 45.26
CA SER B 60 -42.81 17.60 46.36
C SER B 60 -41.94 18.83 46.13
N ASP B 61 -41.49 19.41 47.23
CA ASP B 61 -40.52 20.50 47.20
C ASP B 61 -39.21 19.95 47.75
N VAL B 62 -38.18 19.94 46.91
CA VAL B 62 -36.92 19.29 47.25
C VAL B 62 -36.25 19.96 48.43
N THR B 63 -36.50 21.25 48.64
CA THR B 63 -35.90 21.95 49.77
C THR B 63 -36.47 21.49 51.10
N ARG B 64 -37.67 20.89 51.12
CA ARG B 64 -38.26 20.34 52.34
C ARG B 64 -37.82 18.90 52.59
N SER B 65 -37.22 18.66 53.76
CA SER B 65 -36.75 17.32 54.08
C SER B 65 -37.88 16.31 54.16
N ALA B 66 -39.05 16.74 54.67
CA ALA B 66 -40.18 15.81 54.76
C ALA B 66 -40.69 15.42 53.39
N ASP B 67 -40.70 16.36 52.43
CA ASP B 67 -41.12 16.02 51.08
C ASP B 67 -40.20 14.98 50.47
N LEU B 68 -38.89 15.12 50.69
CA LEU B 68 -37.94 14.13 50.19
C LEU B 68 -38.18 12.77 50.83
N ASP B 69 -38.39 12.74 52.15
CA ASP B 69 -38.66 11.45 52.79
C ASP B 69 -39.94 10.83 52.21
N ALA B 70 -41.00 11.63 52.06
CA ALA B 70 -42.22 11.09 51.47
C ALA B 70 -41.98 10.60 50.05
N LEU B 71 -41.17 11.34 49.29
CA LEU B 71 -40.91 10.96 47.91
C LEU B 71 -40.19 9.61 47.85
N PHE B 72 -39.13 9.45 48.64
CA PHE B 72 -38.41 8.18 48.62
C PHE B 72 -39.23 7.06 49.27
N GLU B 73 -40.12 7.40 50.18
CA GLU B 73 -40.99 6.38 50.75
C GLU B 73 -41.93 5.84 49.68
N THR B 74 -42.36 6.68 48.74
CA THR B 74 -43.19 6.21 47.66
C THR B 74 -42.42 5.25 46.74
N ILE B 75 -41.13 5.52 46.50
CA ILE B 75 -40.35 4.64 45.66
C ILE B 75 -40.09 3.30 46.35
N ARG B 76 -39.79 3.34 47.65
CA ARG B 76 -39.57 2.10 48.39
C ARG B 76 -40.83 1.24 48.41
N ALA B 77 -42.00 1.86 48.62
CA ALA B 77 -43.26 1.11 48.67
C ALA B 77 -43.69 0.59 47.30
N THR B 78 -43.36 1.30 46.22
CA THR B 78 -43.85 0.95 44.88
C THR B 78 -42.86 0.17 44.01
N GLU B 79 -41.79 0.84 43.59
CA GLU B 79 -40.81 0.23 42.68
C GLU B 79 -39.76 -0.59 43.41
N GLY B 80 -39.37 -0.20 44.62
CA GLY B 80 -38.39 -0.95 45.36
C GLY B 80 -36.94 -0.73 44.96
N ARG B 81 -36.67 0.14 43.99
CA ARG B 81 -35.30 0.35 43.51
C ARG B 81 -35.20 1.69 42.79
N LEU B 82 -33.98 2.20 42.68
CA LEU B 82 -33.67 3.43 41.94
C LEU B 82 -32.41 3.18 41.11
N ASP B 83 -32.57 2.95 39.80
CA ASP B 83 -31.42 2.72 38.94
C ASP B 83 -30.81 4.03 38.41
N ILE B 84 -31.65 5.04 38.16
CA ILE B 84 -31.22 6.28 37.54
C ILE B 84 -31.75 7.45 38.37
N LEU B 85 -30.89 8.42 38.66
CA LEU B 85 -31.29 9.65 39.34
C LEU B 85 -30.80 10.84 38.53
N PHE B 86 -31.74 11.73 38.18
CA PHE B 86 -31.41 12.98 37.51
C PHE B 86 -32.02 14.10 38.33
N THR B 87 -31.20 15.01 38.80
CA THR B 87 -31.66 16.15 39.58
C THR B 87 -31.79 17.30 38.60
N ASN B 88 -33.02 17.70 38.30
CA ASN B 88 -33.30 18.83 37.42
C ASN B 88 -34.06 19.95 38.12
N ALA B 89 -34.19 19.88 39.44
CA ALA B 89 -34.87 20.96 40.13
C ALA B 89 -33.87 22.08 40.38
N GLY B 90 -34.37 23.28 40.53
CA GLY B 90 -33.47 24.39 40.70
C GLY B 90 -33.62 25.44 39.63
N GLY B 91 -33.29 26.68 39.98
CA GLY B 91 -33.53 27.81 39.09
C GLY B 91 -32.39 28.79 39.07
N ALA B 92 -32.58 29.81 38.26
CA ALA B 92 -31.67 30.94 38.14
C ALA B 92 -32.43 32.23 38.41
N SER B 93 -31.81 33.14 39.15
CA SER B 93 -32.28 34.50 39.33
C SER B 93 -31.12 35.46 39.09
N MET B 94 -31.45 36.68 38.65
CA MET B 94 -30.41 37.63 38.26
C MET B 94 -30.26 38.69 39.35
N ALA B 95 -29.02 38.88 39.79
CA ALA B 95 -28.66 39.98 40.67
C ALA B 95 -27.20 40.30 40.44
N ALA B 96 -26.90 41.55 40.11
CA ALA B 96 -25.53 42.00 40.01
C ALA B 96 -24.95 42.17 41.40
N LEU B 97 -23.62 42.05 41.49
CA LEU B 97 -22.92 42.33 42.75
C LEU B 97 -23.21 43.75 43.19
N GLY B 98 -23.53 43.92 44.47
CA GLY B 98 -24.08 45.15 44.99
C GLY B 98 -25.59 45.16 45.10
N GLU B 99 -26.27 44.26 44.39
CA GLU B 99 -27.73 44.09 44.47
C GLU B 99 -28.12 42.73 45.03
N ILE B 100 -27.14 41.90 45.40
CA ILE B 100 -27.42 40.53 45.81
C ILE B 100 -27.99 40.51 47.22
N SER B 101 -29.18 39.93 47.36
CA SER B 101 -29.85 39.87 48.65
C SER B 101 -29.55 38.54 49.33
N GLU B 102 -29.63 38.55 50.66
CA GLU B 102 -29.42 37.33 51.40
C GLU B 102 -30.40 36.27 50.99
N GLN B 103 -31.63 36.67 50.71
CA GLN B 103 -32.53 35.63 50.29
C GLN B 103 -32.30 35.25 48.83
N HIS B 104 -31.82 36.15 47.98
CA HIS B 104 -31.48 35.66 46.65
C HIS B 104 -30.41 34.57 46.73
N PHE B 105 -29.41 34.74 47.61
CA PHE B 105 -28.38 33.72 47.80
C PHE B 105 -28.94 32.44 48.42
N ASP B 106 -29.72 32.55 49.49
CA ASP B 106 -30.18 31.35 50.19
C ASP B 106 -31.08 30.51 49.30
N ASP B 107 -31.98 31.17 48.56
CA ASP B 107 -32.89 30.44 47.69
C ASP B 107 -32.13 29.69 46.61
N THR B 108 -31.15 30.34 45.98
CA THR B 108 -30.42 29.70 44.89
C THR B 108 -29.68 28.47 45.40
N PHE B 109 -28.95 28.62 46.50
CA PHE B 109 -28.13 27.51 46.98
C PHE B 109 -28.96 26.41 47.62
N GLU B 110 -30.08 26.77 48.23
CA GLU B 110 -30.90 25.74 48.84
C GLU B 110 -31.49 24.80 47.78
N ARG B 111 -31.95 25.35 46.67
CA ARG B 111 -32.50 24.53 45.59
C ARG B 111 -31.41 23.92 44.71
N ASN B 112 -30.41 24.72 44.35
CA ASN B 112 -29.42 24.26 43.36
C ASN B 112 -28.34 23.38 43.96
N VAL B 113 -28.01 23.56 45.24
CA VAL B 113 -26.89 22.84 45.81
C VAL B 113 -27.35 21.94 46.95
N LYS B 114 -27.93 22.55 47.99
CA LYS B 114 -28.31 21.78 49.17
C LYS B 114 -29.30 20.68 48.81
N ALA B 115 -30.32 21.00 48.02
CA ALA B 115 -31.33 19.98 47.67
C ALA B 115 -30.71 18.85 46.88
N VAL B 116 -29.69 19.14 46.07
CA VAL B 116 -29.01 18.07 45.33
C VAL B 116 -28.30 17.12 46.29
N VAL B 117 -27.61 17.67 47.29
CA VAL B 117 -26.88 16.85 48.26
C VAL B 117 -27.85 15.91 48.97
N PHE B 118 -28.97 16.45 49.44
CA PHE B 118 -29.87 15.65 50.25
C PHE B 118 -30.79 14.76 49.42
N THR B 119 -31.11 15.15 48.18
CA THR B 119 -31.81 14.23 47.30
C THR B 119 -30.97 12.99 47.04
N VAL B 120 -29.69 13.19 46.72
CA VAL B 120 -28.78 12.08 46.44
C VAL B 120 -28.55 11.24 47.69
N GLN B 121 -28.31 11.89 48.84
CA GLN B 121 -28.04 11.13 50.05
C GLN B 121 -29.22 10.24 50.40
N LYS B 122 -30.45 10.77 50.33
CA LYS B 122 -31.62 9.96 50.67
C LYS B 122 -31.90 8.86 49.66
N ALA B 123 -31.48 9.03 48.40
CA ALA B 123 -31.70 8.00 47.38
C ALA B 123 -30.78 6.79 47.57
N LEU B 124 -29.60 6.98 48.14
CA LEU B 124 -28.55 5.95 48.10
C LEU B 124 -28.97 4.56 48.56
N PRO B 125 -29.72 4.38 49.65
CA PRO B 125 -30.07 3.00 50.04
C PRO B 125 -30.86 2.25 48.97
N LEU B 126 -31.64 2.98 48.16
CA LEU B 126 -32.40 2.39 47.07
C LEU B 126 -31.54 2.05 45.86
N MET B 127 -30.33 2.61 45.76
CA MET B 127 -29.57 2.51 44.51
C MET B 127 -28.68 1.27 44.52
N PRO B 128 -28.84 0.35 43.58
CA PRO B 128 -28.02 -0.86 43.58
C PRO B 128 -26.64 -0.59 43.02
N GLN B 129 -25.79 -1.61 43.11
CA GLN B 129 -24.50 -1.52 42.44
C GLN B 129 -24.75 -1.36 40.96
N GLY B 130 -23.98 -0.47 40.32
CA GLY B 130 -24.23 -0.15 38.94
C GLY B 130 -25.30 0.88 38.65
N ALA B 131 -25.89 1.52 39.67
CA ALA B 131 -26.81 2.62 39.41
C ALA B 131 -26.05 3.86 38.95
N SER B 132 -26.75 4.76 38.24
CA SER B 132 -26.16 5.94 37.63
C SER B 132 -26.80 7.22 38.16
N ILE B 133 -25.97 8.17 38.61
CA ILE B 133 -26.45 9.49 39.04
C ILE B 133 -25.96 10.53 38.04
N ILE B 134 -26.89 11.36 37.57
CA ILE B 134 -26.57 12.49 36.69
C ILE B 134 -27.02 13.75 37.40
N LEU B 135 -26.08 14.68 37.59
CA LEU B 135 -26.31 15.95 38.25
C LEU B 135 -26.48 17.04 37.19
N ASN B 136 -27.33 18.02 37.51
CA ASN B 136 -27.57 19.16 36.62
C ASN B 136 -26.45 20.21 36.72
N GLY B 137 -25.68 20.36 35.64
CA GLY B 137 -24.64 21.36 35.57
C GLY B 137 -25.02 22.43 34.56
N SER B 138 -24.09 23.36 34.34
CA SER B 138 -24.30 24.42 33.37
C SER B 138 -22.96 24.93 32.87
N ILE B 139 -22.95 25.46 31.64
CA ILE B 139 -21.77 26.21 31.22
C ILE B 139 -21.59 27.44 32.09
N LYS B 140 -22.66 27.90 32.74
CA LYS B 140 -22.56 29.02 33.68
C LYS B 140 -21.66 28.68 34.85
N GLY B 141 -21.50 27.38 35.15
CA GLY B 141 -20.58 26.99 36.20
C GLY B 141 -19.12 27.27 35.88
N SER B 142 -18.75 27.22 34.60
CA SER B 142 -17.36 27.42 34.17
C SER B 142 -17.14 28.70 33.36
N THR B 143 -18.13 29.58 33.28
CA THR B 143 -18.03 30.82 32.51
C THR B 143 -18.46 32.01 33.35
N GLY B 144 -18.31 33.20 32.79
CA GLY B 144 -18.72 34.43 33.44
C GLY B 144 -19.95 35.03 32.76
N THR B 145 -20.96 35.34 33.57
CA THR B 145 -22.14 36.04 33.07
C THR B 145 -22.50 37.16 34.03
N GLN B 146 -22.65 38.37 33.49
CA GLN B 146 -22.98 39.53 34.31
C GLN B 146 -24.34 39.34 34.97
N ALA B 147 -24.40 39.68 36.27
CA ALA B 147 -25.58 39.62 37.13
C ALA B 147 -25.99 38.20 37.48
N PHE B 148 -25.20 37.18 37.15
CA PHE B 148 -25.55 35.79 37.40
C PHE B 148 -24.51 35.08 38.26
N SER B 149 -23.77 35.81 39.08
CA SER B 149 -22.68 35.20 39.82
C SER B 149 -23.17 34.11 40.75
N ILE B 150 -24.27 34.34 41.46
CA ILE B 150 -24.75 33.36 42.43
C ILE B 150 -25.17 32.07 41.73
N TYR B 151 -25.83 32.18 40.58
CA TYR B 151 -26.25 30.99 39.86
C TYR B 151 -25.04 30.17 39.41
N GLY B 152 -24.08 30.83 38.75
CA GLY B 152 -22.92 30.11 38.27
C GLY B 152 -22.17 29.42 39.40
N ALA B 153 -22.03 30.10 40.53
CA ALA B 153 -21.36 29.48 41.67
C ALA B 153 -22.09 28.22 42.11
N SER B 154 -23.42 28.26 42.13
CA SER B 154 -24.17 27.07 42.53
C SER B 154 -23.93 25.93 41.54
N LYS B 155 -23.88 26.25 40.24
CA LYS B 155 -23.62 25.22 39.24
C LYS B 155 -22.19 24.70 39.31
N ALA B 156 -21.20 25.58 39.55
CA ALA B 156 -19.85 25.07 39.72
C ALA B 156 -19.76 24.18 40.95
N ALA B 157 -20.50 24.53 42.03
CA ALA B 157 -20.53 23.68 43.21
C ALA B 157 -21.08 22.29 42.89
N VAL B 158 -22.14 22.23 42.07
CA VAL B 158 -22.74 20.95 41.69
C VAL B 158 -21.70 20.07 41.02
N ARG B 159 -20.98 20.65 40.05
CA ARG B 159 -19.99 19.88 39.30
C ARG B 159 -18.90 19.35 40.20
N ALA B 160 -18.47 20.15 41.18
CA ALA B 160 -17.41 19.72 42.08
C ALA B 160 -17.88 18.55 42.95
N LEU B 161 -19.16 18.54 43.33
CA LEU B 161 -19.68 17.44 44.15
C LEU B 161 -19.41 16.10 43.48
N ALA B 162 -19.60 16.03 42.16
CA ALA B 162 -19.45 14.75 41.49
C ALA B 162 -18.05 14.18 41.70
N ARG B 163 -17.01 15.03 41.64
CA ARG B 163 -15.64 14.52 41.72
C ARG B 163 -15.39 13.82 43.04
N SER B 164 -15.76 14.47 44.15
CA SER B 164 -15.58 13.85 45.46
C SER B 164 -16.52 12.66 45.63
N TRP B 165 -17.75 12.77 45.13
CA TRP B 165 -18.71 11.68 45.26
C TRP B 165 -18.25 10.41 44.55
N VAL B 166 -17.36 10.52 43.56
CA VAL B 166 -16.77 9.34 42.95
C VAL B 166 -16.11 8.47 44.02
N LEU B 167 -15.31 9.10 44.89
CA LEU B 167 -14.63 8.37 45.95
C LEU B 167 -15.60 7.90 47.04
N ASP B 168 -16.55 8.75 47.44
CA ASP B 168 -17.51 8.35 48.45
C ASP B 168 -18.33 7.13 48.03
N LEU B 169 -18.69 7.05 46.76
CA LEU B 169 -19.61 6.04 46.25
C LEU B 169 -18.93 4.79 45.67
N LYS B 170 -17.58 4.71 45.72
CA LYS B 170 -16.87 3.64 45.02
C LYS B 170 -17.24 2.28 45.58
N GLU B 171 -17.42 2.17 46.89
CA GLU B 171 -17.79 0.88 47.46
C GLU B 171 -19.22 0.52 47.07
N ARG B 172 -20.09 1.52 46.93
CA ARG B 172 -21.46 1.26 46.53
C ARG B 172 -21.56 0.91 45.06
N GLY B 173 -20.52 1.18 44.26
CA GLY B 173 -20.61 0.90 42.85
C GLY B 173 -21.46 1.89 42.06
N ILE B 174 -21.89 2.99 42.67
CA ILE B 174 -22.67 4.01 41.97
C ILE B 174 -21.74 5.07 41.38
N ARG B 175 -22.00 5.44 40.12
CA ARG B 175 -21.20 6.42 39.41
C ARG B 175 -22.00 7.71 39.28
N VAL B 176 -21.30 8.85 39.41
CA VAL B 176 -21.88 10.19 39.38
C VAL B 176 -21.29 10.96 38.21
N ASN B 177 -22.16 11.56 37.39
CA ASN B 177 -21.71 12.35 36.25
C ASN B 177 -22.55 13.62 36.16
N VAL B 178 -22.07 14.59 35.38
CA VAL B 178 -22.67 15.90 35.30
C VAL B 178 -23.01 16.22 33.84
N VAL B 179 -24.25 16.62 33.58
CA VAL B 179 -24.63 17.16 32.27
C VAL B 179 -24.65 18.68 32.42
N SER B 180 -23.90 19.37 31.55
CA SER B 180 -23.85 20.84 31.54
C SER B 180 -24.40 21.36 30.24
N PRO B 181 -25.65 21.79 30.20
CA PRO B 181 -26.21 22.33 28.95
C PRO B 181 -25.74 23.74 28.68
N GLY B 182 -25.62 24.05 27.40
CA GLY B 182 -25.62 25.41 26.92
C GLY B 182 -27.03 25.95 26.87
N SER B 183 -27.22 27.01 26.07
CA SER B 183 -28.53 27.64 25.98
C SER B 183 -29.57 26.71 25.35
N THR B 184 -30.59 26.35 26.13
CA THR B 184 -31.59 25.37 25.63
C THR B 184 -32.96 26.06 25.65
N ARG B 185 -33.70 26.03 24.54
CA ARG B 185 -34.98 26.78 24.60
C ARG B 185 -35.82 26.09 25.67
N THR B 186 -36.38 26.87 26.59
CA THR B 186 -37.18 26.31 27.71
C THR B 186 -38.12 27.39 28.21
N ILE B 187 -39.18 27.01 28.91
CA ILE B 187 -40.04 28.06 29.52
C ILE B 187 -39.13 28.85 30.45
N GLY B 188 -38.19 28.17 31.12
CA GLY B 188 -37.33 28.85 32.07
C GLY B 188 -36.43 29.89 31.43
N LEU B 189 -35.82 29.55 30.29
CA LEU B 189 -34.99 30.52 29.57
C LEU B 189 -35.81 31.68 29.05
N ALA B 190 -37.02 31.41 28.54
CA ALA B 190 -37.89 32.48 28.08
C ALA B 190 -38.30 33.40 29.22
N GLU B 191 -38.61 32.83 30.38
CA GLU B 191 -39.06 33.66 31.51
C GLU B 191 -37.96 34.58 32.00
N LEU B 192 -36.69 34.16 31.95
CA LEU B 192 -35.62 35.10 32.24
C LEU B 192 -35.60 36.24 31.22
N GLY B 193 -36.02 35.96 29.98
CA GLY B 193 -36.04 37.00 28.96
C GLY B 193 -37.00 38.14 29.31
N GLY B 194 -38.14 37.81 29.87
CA GLY B 194 -39.09 38.82 30.31
C GLY B 194 -40.51 38.28 30.30
N ASP B 195 -41.42 39.09 30.85
CA ASP B 195 -42.83 38.73 30.84
C ASP B 195 -43.47 39.03 29.49
N THR B 196 -43.03 40.11 28.85
CA THR B 196 -43.53 40.44 27.48
C THR B 196 -42.92 39.45 26.49
N GLN B 197 -43.70 38.95 25.53
CA GLN B 197 -43.19 37.90 24.61
C GLN B 197 -42.01 38.45 23.79
N GLU B 198 -42.11 39.70 23.33
CA GLU B 198 -41.04 40.26 22.48
C GLU B 198 -39.74 40.30 23.29
N GLY B 199 -39.83 40.68 24.56
CA GLY B 199 -38.64 40.71 25.43
C GLY B 199 -37.96 39.35 25.46
N GLN B 200 -38.76 38.28 25.61
CA GLN B 200 -38.19 36.91 25.62
C GLN B 200 -37.67 36.59 24.22
N ASP B 201 -38.46 36.91 23.19
CA ASP B 201 -38.06 36.53 21.84
C ASP B 201 -36.77 37.22 21.44
N GLY B 202 -36.61 38.49 21.83
CA GLY B 202 -35.36 39.18 21.58
C GLY B 202 -34.20 38.57 22.34
N THR B 203 -34.46 38.16 23.58
CA THR B 203 -33.42 37.48 24.36
C THR B 203 -33.03 36.15 23.73
N LEU B 204 -34.03 35.37 23.29
CA LEU B 204 -33.75 34.06 22.71
C LEU B 204 -32.95 34.19 21.41
N ALA B 205 -33.28 35.19 20.58
CA ALA B 205 -32.53 35.38 19.35
C ALA B 205 -31.09 35.78 19.63
N TYR B 206 -30.90 36.64 20.64
CA TYR B 206 -29.54 37.03 21.01
C TYR B 206 -28.75 35.83 21.53
N LEU B 207 -29.38 34.99 22.37
CA LEU B 207 -28.71 33.82 22.91
C LEU B 207 -28.30 32.84 21.80
N ALA B 208 -29.17 32.64 20.80
CA ALA B 208 -28.81 31.81 19.66
C ALA B 208 -27.65 32.40 18.89
N SER B 209 -27.53 33.73 18.86
CA SER B 209 -26.41 34.37 18.20
C SER B 209 -25.09 34.06 18.89
N LEU B 210 -25.13 33.89 20.22
CA LEU B 210 -23.93 33.54 20.98
C LEU B 210 -23.47 32.11 20.73
N VAL B 211 -24.38 31.21 20.40
CA VAL B 211 -24.00 29.81 20.16
C VAL B 211 -23.28 29.68 18.82
N PRO B 212 -22.12 29.03 18.77
CA PRO B 212 -21.40 28.89 17.50
C PRO B 212 -22.19 28.20 16.41
N ILE B 213 -22.93 27.13 16.72
CA ILE B 213 -23.79 26.52 15.72
C ILE B 213 -24.99 27.38 15.38
N GLY B 214 -25.27 28.41 16.18
CA GLY B 214 -26.24 29.41 15.81
C GLY B 214 -27.69 29.12 16.18
N ARG B 215 -27.96 28.03 16.90
CA ARG B 215 -29.31 27.74 17.36
C ARG B 215 -29.29 27.38 18.83
N LEU B 216 -30.37 27.73 19.52
CA LEU B 216 -30.63 27.20 20.85
C LEU B 216 -30.91 25.71 20.73
N ALA B 217 -30.66 24.98 21.83
CA ALA B 217 -30.96 23.56 21.86
C ALA B 217 -32.45 23.31 22.08
N ASP B 218 -32.97 22.28 21.43
CA ASP B 218 -34.21 21.66 21.87
C ASP B 218 -33.93 20.84 23.13
N PRO B 219 -34.83 20.88 24.13
CA PRO B 219 -34.59 20.13 25.38
C PRO B 219 -34.29 18.65 25.18
N SER B 220 -34.86 18.03 24.15
CA SER B 220 -34.57 16.62 23.88
C SER B 220 -33.10 16.38 23.59
N GLU B 221 -32.41 17.34 22.95
CA GLU B 221 -31.00 17.16 22.64
C GLU B 221 -30.15 17.04 23.89
N ILE B 222 -30.51 17.76 24.95
CA ILE B 222 -29.86 17.55 26.25
C ILE B 222 -30.30 16.22 26.86
N ALA B 223 -31.58 15.86 26.69
CA ALA B 223 -32.09 14.62 27.26
C ALA B 223 -31.31 13.42 26.75
N LYS B 224 -30.86 13.45 25.48
CA LYS B 224 -30.07 12.35 24.94
C LYS B 224 -28.80 12.13 25.75
N VAL B 225 -28.19 13.22 26.22
CA VAL B 225 -26.99 13.11 27.03
C VAL B 225 -27.31 12.42 28.34
N VAL B 226 -28.42 12.81 28.99
CA VAL B 226 -28.76 12.21 30.27
C VAL B 226 -29.04 10.73 30.09
N SER B 227 -29.78 10.37 29.04
CA SER B 227 -30.07 8.96 28.80
C SER B 227 -28.81 8.16 28.56
N PHE B 228 -27.86 8.73 27.82
CA PHE B 228 -26.59 8.05 27.59
C PHE B 228 -25.88 7.76 28.91
N LEU B 229 -25.81 8.76 29.79
CA LEU B 229 -25.17 8.55 31.10
C LEU B 229 -25.97 7.58 31.96
N ALA B 230 -27.31 7.62 31.81
CA ALA B 230 -28.16 6.69 32.53
C ALA B 230 -27.94 5.25 32.07
N SER B 231 -27.67 5.05 30.78
CA SER B 231 -27.49 3.71 30.22
C SER B 231 -26.18 3.07 30.69
N ASP B 232 -26.08 1.76 30.50
CA ASP B 232 -24.86 1.03 30.82
C ASP B 232 -23.69 1.40 29.91
N ASP B 233 -23.94 2.08 28.79
CA ASP B 233 -22.86 2.48 27.89
C ASP B 233 -21.87 3.41 28.57
N SER B 234 -22.30 4.14 29.59
CA SER B 234 -21.42 5.05 30.31
C SER B 234 -20.67 4.35 31.44
N SER B 235 -20.48 3.04 31.33
CA SER B 235 -19.95 2.24 32.43
C SER B 235 -18.58 2.71 32.89
N PHE B 236 -17.73 3.17 31.97
CA PHE B 236 -16.44 3.67 32.41
C PHE B 236 -16.43 5.18 32.66
N ILE B 237 -17.55 5.86 32.53
CA ILE B 237 -17.60 7.29 32.81
C ILE B 237 -17.96 7.50 34.29
N ASN B 238 -17.11 8.23 35.01
CA ASN B 238 -17.36 8.53 36.42
C ASN B 238 -16.76 9.88 36.79
N GLY B 239 -17.55 10.73 37.46
CA GLY B 239 -17.09 12.04 37.88
C GLY B 239 -16.90 13.05 36.78
N ALA B 240 -17.34 12.74 35.57
CA ALA B 240 -17.09 13.56 34.39
C ALA B 240 -18.18 14.59 34.16
N GLU B 241 -17.84 15.59 33.37
CA GLU B 241 -18.78 16.59 32.93
C GLU B 241 -18.91 16.46 31.43
N ILE B 242 -20.13 16.25 30.95
CA ILE B 242 -20.42 16.24 29.53
C ILE B 242 -21.19 17.50 29.22
N THR B 243 -20.61 18.34 28.37
CA THR B 243 -21.14 19.65 28.06
C THR B 243 -21.76 19.59 26.67
N ALA B 244 -23.05 19.89 26.59
CA ALA B 244 -23.78 20.01 25.33
C ALA B 244 -24.20 21.47 25.21
N ASP B 245 -23.38 22.26 24.51
CA ASP B 245 -23.56 23.71 24.44
C ASP B 245 -23.55 24.28 23.03
N GLY B 246 -23.59 23.45 21.99
CA GLY B 246 -23.37 23.97 20.66
C GLY B 246 -21.95 24.48 20.40
N GLY B 247 -21.02 24.21 21.30
CA GLY B 247 -19.67 24.71 21.19
C GLY B 247 -19.42 26.03 21.87
N GLN B 248 -20.42 26.61 22.55
CA GLN B 248 -20.27 28.00 23.01
C GLN B 248 -19.15 28.13 24.04
N ALA B 249 -19.17 27.29 25.07
CA ALA B 249 -18.11 27.35 26.07
C ALA B 249 -16.83 26.66 25.62
N GLN B 250 -16.89 25.82 24.58
CA GLN B 250 -15.71 25.11 24.11
C GLN B 250 -14.72 26.03 23.39
N VAL B 251 -15.21 26.99 22.62
CA VAL B 251 -14.35 27.88 21.84
C VAL B 251 -13.79 29.03 22.70
N LYS C 3 39.22 -22.29 -55.41
CA LYS C 3 39.32 -21.23 -54.37
C LYS C 3 38.84 -21.80 -53.03
N ARG C 4 37.77 -21.23 -52.48
CA ARG C 4 37.30 -21.65 -51.13
C ARG C 4 36.91 -23.13 -51.16
N LEU C 5 36.23 -23.57 -52.23
CA LEU C 5 35.72 -24.96 -52.27
C LEU C 5 36.45 -25.75 -53.36
N GLU C 6 37.73 -25.46 -53.64
CA GLU C 6 38.32 -26.25 -54.69
C GLU C 6 38.92 -27.50 -54.06
N GLY C 7 38.86 -28.57 -54.84
CA GLY C 7 39.07 -29.95 -54.43
C GLY C 7 37.82 -30.62 -53.94
N LYS C 8 36.70 -29.91 -53.92
CA LYS C 8 35.44 -30.42 -53.43
C LYS C 8 34.50 -30.78 -54.58
N VAL C 9 33.78 -31.89 -54.40
CA VAL C 9 32.78 -32.36 -55.36
C VAL C 9 31.39 -32.08 -54.81
N ALA C 10 30.54 -31.48 -55.63
CA ALA C 10 29.17 -31.14 -55.23
C ALA C 10 28.14 -31.71 -56.21
N LEU C 11 27.04 -32.20 -55.64
CA LEU C 11 25.88 -32.60 -56.43
C LEU C 11 24.69 -31.73 -56.07
N VAL C 12 24.08 -31.13 -57.10
CA VAL C 12 22.85 -30.36 -56.95
C VAL C 12 21.76 -31.05 -57.76
N THR C 13 20.78 -31.64 -57.07
CA THR C 13 19.60 -32.11 -57.80
C THR C 13 18.68 -30.93 -58.09
N GLY C 14 18.05 -30.96 -59.27
CA GLY C 14 17.32 -29.79 -59.75
C GLY C 14 18.18 -28.58 -60.02
N GLY C 15 19.38 -28.79 -60.54
CA GLY C 15 20.35 -27.75 -60.82
C GLY C 15 20.03 -26.88 -62.02
N THR C 16 19.05 -27.26 -62.83
CA THR C 16 18.80 -26.57 -64.09
C THR C 16 18.09 -25.23 -63.92
N SER C 17 17.32 -25.04 -62.86
CA SER C 17 16.50 -23.83 -62.71
C SER C 17 16.57 -23.29 -61.30
N GLY C 18 16.20 -22.01 -61.15
CA GLY C 18 15.92 -21.42 -59.85
C GLY C 18 17.09 -21.43 -58.88
N ILE C 19 16.79 -21.80 -57.64
CA ILE C 19 17.81 -21.76 -56.59
C ILE C 19 18.92 -22.76 -56.89
N GLY C 20 18.57 -23.94 -57.40
CA GLY C 20 19.59 -24.94 -57.68
C GLY C 20 20.59 -24.49 -58.73
N LEU C 21 20.09 -23.82 -59.79
CA LEU C 21 20.98 -23.29 -60.83
C LEU C 21 21.92 -22.22 -60.26
N ALA C 22 21.38 -21.27 -59.51
CA ALA C 22 22.20 -20.23 -58.90
C ALA C 22 23.22 -20.85 -57.95
N THR C 23 22.84 -21.91 -57.24
CA THR C 23 23.79 -22.61 -56.37
C THR C 23 24.89 -23.30 -57.17
N ALA C 24 24.54 -23.93 -58.28
CA ALA C 24 25.56 -24.55 -59.11
C ALA C 24 26.57 -23.51 -59.58
N LYS C 25 26.08 -22.35 -60.01
CA LYS C 25 26.94 -21.28 -60.45
C LYS C 25 27.84 -20.81 -59.32
N ASP C 26 27.28 -20.64 -58.12
CA ASP C 26 28.09 -20.16 -57.00
C ASP C 26 29.14 -21.17 -56.60
N LEU C 27 28.76 -22.44 -56.44
CA LEU C 27 29.73 -23.47 -56.04
C LEU C 27 30.83 -23.62 -57.08
N ALA C 28 30.48 -23.59 -58.37
CA ALA C 28 31.49 -23.70 -59.41
C ALA C 28 32.46 -22.53 -59.35
N ALA C 29 31.95 -21.33 -59.08
CA ALA C 29 32.80 -20.15 -58.97
C ALA C 29 33.82 -20.31 -57.84
N GLN C 30 33.44 -20.99 -56.76
CA GLN C 30 34.33 -21.33 -55.65
C GLN C 30 35.32 -22.42 -56.03
N GLY C 31 35.27 -22.95 -57.24
CA GLY C 31 36.19 -24.00 -57.64
C GLY C 31 35.71 -25.41 -57.40
N ALA C 32 34.49 -25.61 -56.91
CA ALA C 32 33.98 -26.97 -56.78
C ALA C 32 33.65 -27.58 -58.15
N ARG C 33 33.88 -28.90 -58.32
CA ARG C 33 33.25 -29.72 -59.36
C ARG C 33 31.80 -29.96 -59.02
N VAL C 34 30.94 -29.68 -59.97
CA VAL C 34 29.53 -29.69 -59.72
C VAL C 34 28.87 -30.65 -60.69
N ILE C 35 27.99 -31.49 -60.16
CA ILE C 35 27.08 -32.29 -60.96
C ILE C 35 25.66 -31.77 -60.73
N ILE C 36 24.95 -31.49 -61.81
CA ILE C 36 23.57 -31.00 -61.71
C ILE C 36 22.66 -32.01 -62.41
N THR C 37 21.45 -32.18 -61.90
CA THR C 37 20.48 -33.08 -62.49
C THR C 37 19.27 -32.28 -63.00
N GLY C 38 18.77 -32.68 -64.16
CA GLY C 38 17.54 -32.11 -64.69
C GLY C 38 16.69 -33.19 -65.33
N ARG C 39 15.38 -32.99 -65.28
CA ARG C 39 14.46 -33.95 -65.90
C ARG C 39 14.48 -33.81 -67.42
N ARG C 40 14.69 -32.59 -67.92
CA ARG C 40 14.67 -32.34 -69.39
C ARG C 40 16.09 -32.15 -69.93
N GLN C 41 16.46 -32.92 -70.96
CA GLN C 41 17.84 -32.89 -71.49
C GLN C 41 18.20 -31.50 -72.04
N ALA C 42 17.30 -30.86 -72.79
CA ALA C 42 17.70 -29.59 -73.43
C ALA C 42 18.01 -28.53 -72.37
N GLU C 43 17.19 -28.45 -71.33
CA GLU C 43 17.47 -27.50 -70.23
C GLU C 43 18.76 -27.92 -69.54
N LEU C 44 18.94 -29.22 -69.32
CA LEU C 44 20.15 -29.70 -68.59
C LEU C 44 21.38 -29.34 -69.41
N ASP C 45 21.29 -29.52 -70.72
CA ASP C 45 22.46 -29.25 -71.59
C ASP C 45 22.71 -27.75 -71.56
N GLN C 46 21.66 -26.96 -71.83
CA GLN C 46 21.86 -25.52 -71.86
C GLN C 46 22.41 -25.01 -70.53
N ALA C 47 21.90 -25.54 -69.41
CA ALA C 47 22.38 -25.07 -68.10
C ALA C 47 23.84 -25.43 -67.90
N VAL C 48 24.24 -26.65 -68.26
CA VAL C 48 25.64 -27.05 -68.13
C VAL C 48 26.52 -26.18 -69.03
N ALA C 49 26.03 -25.90 -70.23
CA ALA C 49 26.83 -25.07 -71.16
C ALA C 49 27.17 -23.75 -70.48
N ALA C 50 26.13 -23.03 -70.02
CA ALA C 50 26.33 -21.72 -69.37
C ALA C 50 27.13 -21.84 -68.06
N LEU C 51 26.87 -22.86 -67.24
CA LEU C 51 27.51 -22.89 -65.90
C LEU C 51 29.03 -22.98 -65.97
N GLY C 52 29.59 -23.81 -66.85
CA GLY C 52 31.06 -23.78 -66.98
C GLY C 52 31.72 -25.14 -67.15
N GLN C 53 33.05 -25.17 -67.22
CA GLN C 53 33.82 -26.44 -67.37
C GLN C 53 33.61 -27.34 -66.14
N GLY C 54 33.58 -26.76 -64.95
CA GLY C 54 33.45 -27.55 -63.70
C GLY C 54 32.13 -28.31 -63.65
N VAL C 55 31.05 -27.69 -64.11
CA VAL C 55 29.71 -28.32 -63.99
C VAL C 55 29.48 -29.40 -65.06
N ARG C 56 28.99 -30.57 -64.65
CA ARG C 56 28.59 -31.63 -65.62
C ARG C 56 27.12 -31.95 -65.34
N GLY C 57 26.41 -32.53 -66.30
CA GLY C 57 24.97 -32.74 -66.08
C GLY C 57 24.52 -34.17 -66.30
N VAL C 58 23.71 -34.71 -65.39
CA VAL C 58 23.13 -36.06 -65.55
C VAL C 58 21.60 -35.91 -65.58
N ARG C 59 20.91 -36.52 -66.53
CA ARG C 59 19.45 -36.28 -66.58
C ARG C 59 18.78 -37.37 -65.75
N SER C 60 18.07 -36.96 -64.69
CA SER C 60 17.46 -37.97 -63.79
C SER C 60 16.13 -37.48 -63.21
N ASP C 61 15.23 -38.41 -62.85
CA ASP C 61 13.99 -38.03 -62.14
C ASP C 61 14.21 -38.58 -60.74
N VAL C 62 14.36 -37.71 -59.74
CA VAL C 62 14.72 -38.17 -58.41
C VAL C 62 13.70 -39.15 -57.86
N THR C 63 12.47 -39.11 -58.35
CA THR C 63 11.46 -40.06 -57.89
C THR C 63 11.73 -41.49 -58.36
N ARG C 64 12.48 -41.67 -59.45
CA ARG C 64 12.81 -43.01 -59.92
C ARG C 64 14.04 -43.57 -59.20
N SER C 65 13.87 -44.73 -58.54
CA SER C 65 14.98 -45.36 -57.84
C SER C 65 16.09 -45.71 -58.80
N ALA C 66 15.74 -46.11 -60.02
CA ALA C 66 16.75 -46.43 -61.01
C ALA C 66 17.56 -45.20 -61.39
N ASP C 67 16.88 -44.05 -61.51
CA ASP C 67 17.57 -42.80 -61.86
C ASP C 67 18.58 -42.40 -60.79
N LEU C 68 18.18 -42.51 -59.51
CA LEU C 68 19.10 -42.20 -58.42
C LEU C 68 20.28 -43.14 -58.43
N ASP C 69 20.02 -44.45 -58.60
CA ASP C 69 21.12 -45.40 -58.64
C ASP C 69 22.06 -45.09 -59.79
N ALA C 70 21.52 -44.82 -60.96
CA ALA C 70 22.36 -44.48 -62.12
C ALA C 70 23.23 -43.26 -61.82
N LEU C 71 22.65 -42.20 -61.27
CA LEU C 71 23.39 -40.93 -61.02
C LEU C 71 24.58 -41.18 -60.07
N PHE C 72 24.31 -41.82 -58.94
CA PHE C 72 25.38 -42.03 -57.93
C PHE C 72 26.49 -42.90 -58.55
N GLU C 73 26.11 -43.90 -59.34
CA GLU C 73 27.11 -44.83 -59.93
C GLU C 73 28.06 -44.06 -60.87
N THR C 74 27.53 -43.14 -61.69
CA THR C 74 28.40 -42.34 -62.57
C THR C 74 29.35 -41.49 -61.71
N ILE C 75 28.85 -40.94 -60.61
CA ILE C 75 29.69 -40.08 -59.72
C ILE C 75 30.82 -40.95 -59.16
N ARG C 76 30.52 -42.19 -58.80
CA ARG C 76 31.54 -43.09 -58.20
C ARG C 76 32.67 -43.33 -59.21
N ALA C 77 32.31 -43.52 -60.49
CA ALA C 77 33.34 -43.80 -61.52
C ALA C 77 34.01 -42.50 -61.98
N THR C 78 33.25 -41.42 -62.13
CA THR C 78 33.78 -40.12 -62.61
C THR C 78 34.64 -39.38 -61.58
N GLU C 79 34.22 -39.36 -60.31
CA GLU C 79 34.93 -38.53 -59.30
C GLU C 79 35.29 -39.40 -58.11
N GLY C 80 34.37 -40.25 -57.68
CA GLY C 80 34.70 -41.18 -56.62
C GLY C 80 34.37 -40.74 -55.22
N ARG C 81 33.85 -39.53 -55.04
CA ARG C 81 33.49 -39.02 -53.71
C ARG C 81 32.50 -37.88 -53.88
N LEU C 82 31.76 -37.60 -52.82
CA LEU C 82 30.78 -36.52 -52.81
C LEU C 82 30.96 -35.71 -51.52
N ASP C 83 31.53 -34.50 -51.65
CA ASP C 83 31.75 -33.64 -50.49
C ASP C 83 30.51 -32.83 -50.12
N ILE C 84 29.73 -32.40 -51.11
CA ILE C 84 28.61 -31.49 -50.92
C ILE C 84 27.37 -32.05 -51.59
N LEU C 85 26.25 -32.07 -50.87
CA LEU C 85 24.97 -32.49 -51.44
C LEU C 85 23.93 -31.43 -51.14
N PHE C 86 23.28 -30.91 -52.20
CA PHE C 86 22.16 -29.99 -52.07
C PHE C 86 20.99 -30.51 -52.89
N THR C 87 19.85 -30.70 -52.23
CA THR C 87 18.63 -31.22 -52.86
C THR C 87 17.74 -30.02 -53.22
N ASN C 88 17.59 -29.76 -54.52
CA ASN C 88 16.69 -28.72 -55.01
C ASN C 88 15.59 -29.27 -55.93
N ALA C 89 15.40 -30.59 -55.98
CA ALA C 89 14.37 -31.20 -56.81
C ALA C 89 13.07 -31.26 -56.00
N GLY C 90 12.23 -30.25 -56.16
CA GLY C 90 11.01 -30.15 -55.39
C GLY C 90 10.02 -29.29 -56.11
N GLY C 91 8.73 -29.52 -55.80
CA GLY C 91 7.67 -28.79 -56.45
C GLY C 91 6.59 -28.39 -55.46
N ALA C 92 5.80 -27.39 -55.86
CA ALA C 92 4.61 -26.92 -55.14
C ALA C 92 3.42 -26.88 -56.09
N SER C 93 2.27 -27.35 -55.62
CA SER C 93 0.99 -27.15 -56.31
C SER C 93 -0.07 -26.81 -55.26
N MET C 94 -1.16 -26.20 -55.69
CA MET C 94 -2.16 -25.71 -54.74
C MET C 94 -3.39 -26.61 -54.71
N ALA C 95 -3.81 -26.97 -53.50
CA ALA C 95 -5.10 -27.62 -53.28
C ALA C 95 -5.58 -27.24 -51.89
N ALA C 96 -6.77 -26.66 -51.81
CA ALA C 96 -7.37 -26.40 -50.51
C ALA C 96 -7.95 -27.68 -49.94
N LEU C 97 -8.03 -27.73 -48.61
CA LEU C 97 -8.67 -28.86 -47.93
C LEU C 97 -10.12 -28.99 -48.40
N GLY C 98 -10.53 -30.23 -48.68
CA GLY C 98 -11.78 -30.52 -49.35
C GLY C 98 -11.66 -30.73 -50.84
N GLU C 99 -10.56 -30.28 -51.44
CA GLU C 99 -10.30 -30.52 -52.85
C GLU C 99 -9.00 -31.29 -53.07
N ILE C 100 -8.37 -31.76 -51.99
CA ILE C 100 -7.08 -32.43 -52.08
C ILE C 100 -7.29 -33.81 -52.68
N SER C 101 -6.61 -34.08 -53.78
CA SER C 101 -6.67 -35.36 -54.47
C SER C 101 -5.50 -36.23 -54.01
N GLU C 102 -5.71 -37.54 -54.08
CA GLU C 102 -4.67 -38.48 -53.67
C GLU C 102 -3.44 -38.36 -54.55
N GLN C 103 -3.63 -38.13 -55.84
CA GLN C 103 -2.48 -37.91 -56.72
C GLN C 103 -1.72 -36.67 -56.32
N HIS C 104 -2.44 -35.64 -55.87
CA HIS C 104 -1.77 -34.41 -55.45
C HIS C 104 -0.92 -34.67 -54.21
N PHE C 105 -1.43 -35.46 -53.27
CA PHE C 105 -0.63 -35.77 -52.08
C PHE C 105 0.60 -36.59 -52.45
N ASP C 106 0.41 -37.65 -53.23
CA ASP C 106 1.53 -38.54 -53.55
C ASP C 106 2.60 -37.82 -54.36
N ASP C 107 2.17 -37.07 -55.36
CA ASP C 107 3.16 -36.38 -56.22
C ASP C 107 4.04 -35.50 -55.33
N THR C 108 3.43 -34.61 -54.55
CA THR C 108 4.26 -33.66 -53.77
C THR C 108 5.14 -34.39 -52.74
N PHE C 109 4.58 -35.35 -52.00
CA PHE C 109 5.40 -35.98 -50.91
C PHE C 109 6.51 -36.86 -51.47
N GLU C 110 6.24 -37.57 -52.57
CA GLU C 110 7.31 -38.40 -53.20
C GLU C 110 8.45 -37.50 -53.69
N ARG C 111 8.13 -36.36 -54.27
CA ARG C 111 9.18 -35.49 -54.87
C ARG C 111 9.90 -34.68 -53.79
N ASN C 112 9.16 -34.21 -52.78
CA ASN C 112 9.77 -33.30 -51.77
C ASN C 112 10.32 -34.07 -50.57
N VAL C 113 9.74 -35.21 -50.22
CA VAL C 113 10.19 -35.88 -49.00
C VAL C 113 10.84 -37.22 -49.32
N LYS C 114 10.11 -38.11 -49.98
CA LYS C 114 10.64 -39.43 -50.27
C LYS C 114 11.92 -39.33 -51.08
N ALA C 115 11.91 -38.50 -52.12
CA ALA C 115 13.08 -38.36 -52.98
C ALA C 115 14.29 -37.82 -52.23
N VAL C 116 14.06 -36.96 -51.23
CA VAL C 116 15.17 -36.46 -50.42
C VAL C 116 15.77 -37.59 -49.60
N VAL C 117 14.92 -38.42 -49.01
CA VAL C 117 15.38 -39.50 -48.14
C VAL C 117 16.32 -40.42 -48.91
N PHE C 118 15.94 -40.79 -50.12
CA PHE C 118 16.74 -41.74 -50.89
C PHE C 118 17.86 -41.08 -51.65
N THR C 119 17.72 -39.81 -52.04
CA THR C 119 18.89 -39.12 -52.58
C THR C 119 20.00 -39.08 -51.54
N VAL C 120 19.64 -38.78 -50.29
CA VAL C 120 20.63 -38.73 -49.22
C VAL C 120 21.19 -40.12 -48.94
N GLN C 121 20.30 -41.11 -48.83
CA GLN C 121 20.73 -42.47 -48.49
C GLN C 121 21.68 -43.02 -49.53
N LYS C 122 21.36 -42.83 -50.82
CA LYS C 122 22.25 -43.30 -51.87
C LYS C 122 23.57 -42.53 -51.90
N ALA C 123 23.56 -41.28 -51.44
CA ALA C 123 24.79 -40.48 -51.45
C ALA C 123 25.81 -40.96 -50.42
N LEU C 124 25.34 -41.48 -49.29
CA LEU C 124 26.22 -41.64 -48.12
C LEU C 124 27.51 -42.42 -48.38
N PRO C 125 27.53 -43.55 -49.10
CA PRO C 125 28.82 -44.25 -49.28
C PRO C 125 29.89 -43.39 -49.93
N LEU C 126 29.49 -42.45 -50.80
CA LEU C 126 30.43 -41.54 -51.44
C LEU C 126 30.94 -40.43 -50.53
N MET C 127 30.27 -40.16 -49.41
CA MET C 127 30.52 -38.95 -48.63
C MET C 127 31.62 -39.15 -47.59
N PRO C 128 32.70 -38.36 -47.62
CA PRO C 128 33.76 -38.52 -46.63
C PRO C 128 33.41 -37.83 -45.31
N GLN C 129 34.30 -38.02 -44.34
CA GLN C 129 34.18 -37.30 -43.09
C GLN C 129 34.33 -35.80 -43.32
N GLY C 130 33.48 -35.02 -42.64
CA GLY C 130 33.46 -33.60 -42.88
C GLY C 130 32.63 -33.14 -44.06
N ALA C 131 31.90 -34.05 -44.72
CA ALA C 131 31.04 -33.66 -45.82
C ALA C 131 29.83 -32.88 -45.30
N SER C 132 29.22 -32.10 -46.18
CA SER C 132 28.11 -31.22 -45.84
C SER C 132 26.88 -31.54 -46.69
N ILE C 133 25.74 -31.72 -46.03
CA ILE C 133 24.46 -31.92 -46.72
C ILE C 133 23.55 -30.73 -46.47
N ILE C 134 22.99 -30.16 -47.53
CA ILE C 134 22.03 -29.06 -47.41
C ILE C 134 20.69 -29.49 -48.00
N LEU C 135 19.64 -29.44 -47.19
CA LEU C 135 18.30 -29.83 -47.60
C LEU C 135 17.47 -28.58 -47.87
N ASN C 136 16.61 -28.66 -48.91
CA ASN C 136 15.73 -27.55 -49.28
C ASN C 136 14.48 -27.50 -48.39
N GLY C 137 14.38 -26.46 -47.57
CA GLY C 137 13.22 -26.21 -46.77
C GLY C 137 12.47 -25.00 -47.31
N SER C 138 11.47 -24.57 -46.55
CA SER C 138 10.70 -23.39 -46.90
C SER C 138 10.19 -22.71 -45.65
N ILE C 139 9.96 -21.40 -45.73
CA ILE C 139 9.20 -20.77 -44.68
C ILE C 139 7.78 -21.33 -44.64
N LYS C 140 7.31 -21.91 -45.75
CA LYS C 140 6.01 -22.58 -45.76
C LYS C 140 5.97 -23.76 -44.80
N GLY C 141 7.14 -24.34 -44.48
CA GLY C 141 7.17 -25.44 -43.53
C GLY C 141 6.78 -25.00 -42.14
N SER C 142 7.02 -23.73 -41.82
CA SER C 142 6.80 -23.14 -40.51
C SER C 142 5.63 -22.18 -40.45
N THR C 143 4.87 -22.03 -41.54
CA THR C 143 3.78 -21.07 -41.60
C THR C 143 2.55 -21.70 -42.24
N GLY C 144 1.46 -20.96 -42.22
CA GLY C 144 0.21 -21.38 -42.84
C GLY C 144 -0.06 -20.56 -44.12
N THR C 145 -0.33 -21.29 -45.20
CA THR C 145 -0.70 -20.67 -46.46
C THR C 145 -1.92 -21.38 -47.02
N GLN C 146 -2.96 -20.60 -47.37
CA GLN C 146 -4.19 -21.19 -47.84
C GLN C 146 -3.97 -21.96 -49.14
N ALA C 147 -4.51 -23.18 -49.21
CA ALA C 147 -4.41 -24.07 -50.36
C ALA C 147 -3.01 -24.65 -50.58
N PHE C 148 -2.10 -24.48 -49.62
CA PHE C 148 -0.74 -25.03 -49.76
C PHE C 148 -0.36 -25.94 -48.60
N SER C 149 -1.35 -26.54 -47.93
CA SER C 149 -1.08 -27.32 -46.73
C SER C 149 -0.17 -28.52 -47.04
N ILE C 150 -0.41 -29.20 -48.16
CA ILE C 150 0.40 -30.37 -48.48
C ILE C 150 1.84 -29.97 -48.75
N TYR C 151 2.06 -28.85 -49.44
CA TYR C 151 3.42 -28.39 -49.69
C TYR C 151 4.12 -28.03 -48.39
N GLY C 152 3.44 -27.26 -47.53
CA GLY C 152 4.07 -26.89 -46.28
C GLY C 152 4.41 -28.09 -45.42
N ALA C 153 3.49 -29.06 -45.34
CA ALA C 153 3.76 -30.27 -44.57
C ALA C 153 5.00 -30.99 -45.12
N SER C 154 5.16 -31.03 -46.44
CA SER C 154 6.33 -31.68 -47.00
C SER C 154 7.61 -30.94 -46.61
N LYS C 155 7.58 -29.60 -46.63
CA LYS C 155 8.76 -28.84 -46.25
C LYS C 155 9.08 -29.00 -44.77
N ALA C 156 8.05 -29.05 -43.92
CA ALA C 156 8.31 -29.27 -42.50
C ALA C 156 8.95 -30.63 -42.26
N ALA C 157 8.50 -31.65 -42.99
CA ALA C 157 9.12 -32.96 -42.88
C ALA C 157 10.60 -32.91 -43.25
N VAL C 158 10.93 -32.14 -44.29
CA VAL C 158 12.32 -32.02 -44.73
C VAL C 158 13.20 -31.46 -43.61
N ARG C 159 12.72 -30.41 -42.95
CA ARG C 159 13.50 -29.81 -41.87
C ARG C 159 13.66 -30.77 -40.70
N ALA C 160 12.60 -31.52 -40.38
CA ALA C 160 12.67 -32.46 -39.26
C ALA C 160 13.68 -33.56 -39.54
N LEU C 161 13.77 -34.02 -40.79
CA LEU C 161 14.71 -35.09 -41.13
C LEU C 161 16.12 -34.73 -40.69
N ALA C 162 16.52 -33.47 -40.92
CA ALA C 162 17.88 -33.05 -40.62
C ALA C 162 18.18 -33.21 -39.13
N ARG C 163 17.20 -32.97 -38.27
CA ARG C 163 17.47 -33.03 -36.84
C ARG C 163 17.86 -34.44 -36.42
N SER C 164 17.12 -35.45 -36.88
CA SER C 164 17.46 -36.83 -36.53
C SER C 164 18.72 -37.30 -37.27
N TRP C 165 18.88 -36.91 -38.54
CA TRP C 165 20.04 -37.33 -39.31
C TRP C 165 21.35 -36.82 -38.72
N VAL C 166 21.31 -35.74 -37.93
CA VAL C 166 22.51 -35.34 -37.21
C VAL C 166 23.01 -36.49 -36.36
N LEU C 167 22.10 -37.13 -35.64
CA LEU C 167 22.46 -38.24 -34.78
C LEU C 167 22.85 -39.47 -35.59
N ASP C 168 22.09 -39.77 -36.66
CA ASP C 168 22.43 -40.92 -37.49
C ASP C 168 23.82 -40.77 -38.09
N LEU C 169 24.19 -39.56 -38.52
CA LEU C 169 25.43 -39.32 -39.24
C LEU C 169 26.58 -38.88 -38.36
N LYS C 170 26.39 -38.82 -37.04
CA LYS C 170 27.40 -38.20 -36.19
C LYS C 170 28.72 -38.98 -36.23
N GLU C 171 28.66 -40.32 -36.26
CA GLU C 171 29.87 -41.11 -36.33
C GLU C 171 30.55 -40.96 -37.67
N ARG C 172 29.77 -40.77 -38.72
CA ARG C 172 30.32 -40.57 -40.07
C ARG C 172 30.95 -39.20 -40.24
N GLY C 173 30.66 -38.26 -39.34
CA GLY C 173 31.21 -36.93 -39.48
C GLY C 173 30.55 -36.05 -40.53
N ILE C 174 29.41 -36.47 -41.11
CA ILE C 174 28.68 -35.65 -42.07
C ILE C 174 27.66 -34.78 -41.34
N ARG C 175 27.61 -33.51 -41.71
CA ARG C 175 26.69 -32.57 -41.07
C ARG C 175 25.57 -32.21 -42.04
N VAL C 176 24.35 -32.10 -41.48
CA VAL C 176 23.12 -31.86 -42.24
C VAL C 176 22.49 -30.54 -41.78
N ASN C 177 22.13 -29.69 -42.74
CA ASN C 177 21.49 -28.43 -42.41
C ASN C 177 20.40 -28.12 -43.41
N VAL C 178 19.57 -27.13 -43.10
CA VAL C 178 18.43 -26.78 -43.93
C VAL C 178 18.51 -25.31 -44.28
N VAL C 179 18.39 -24.99 -45.55
CA VAL C 179 18.16 -23.63 -46.01
C VAL C 179 16.67 -23.48 -46.27
N SER C 180 16.05 -22.45 -45.68
CA SER C 180 14.62 -22.20 -45.87
C SER C 180 14.38 -20.88 -46.59
N PRO C 181 14.12 -20.88 -47.88
CA PRO C 181 13.86 -19.64 -48.60
C PRO C 181 12.47 -19.09 -48.33
N GLY C 182 12.39 -17.76 -48.29
CA GLY C 182 11.15 -17.04 -48.53
C GLY C 182 10.92 -16.92 -50.03
N SER C 183 10.05 -15.98 -50.40
CA SER C 183 9.67 -15.82 -51.80
C SER C 183 10.85 -15.38 -52.67
N THR C 184 11.13 -16.16 -53.70
CA THR C 184 12.30 -15.99 -54.55
C THR C 184 11.85 -15.96 -56.00
N ARG C 185 12.35 -14.99 -56.78
CA ARG C 185 11.96 -14.90 -58.18
C ARG C 185 12.56 -16.07 -58.96
N THR C 186 11.70 -16.96 -59.44
CA THR C 186 12.10 -18.18 -60.14
C THR C 186 10.99 -18.49 -61.13
N ILE C 187 11.34 -19.31 -62.13
CA ILE C 187 10.31 -19.74 -63.07
C ILE C 187 9.19 -20.45 -62.32
N GLY C 188 9.55 -21.24 -61.29
CA GLY C 188 8.54 -21.95 -60.52
C GLY C 188 7.59 -21.03 -59.78
N LEU C 189 8.12 -19.99 -59.15
CA LEU C 189 7.27 -19.02 -58.47
C LEU C 189 6.38 -18.30 -59.47
N ALA C 190 6.95 -17.91 -60.62
CA ALA C 190 6.16 -17.25 -61.64
C ALA C 190 5.06 -18.17 -62.13
N GLU C 191 5.36 -19.46 -62.26
CA GLU C 191 4.32 -20.31 -62.83
C GLU C 191 3.19 -20.61 -61.85
N LEU C 192 3.45 -20.58 -60.55
CA LEU C 192 2.31 -20.66 -59.63
C LEU C 192 1.37 -19.49 -59.84
N GLY C 193 1.92 -18.34 -60.24
CA GLY C 193 1.12 -17.13 -60.40
C GLY C 193 0.03 -17.25 -61.45
N GLY C 194 0.32 -17.90 -62.56
CA GLY C 194 -0.67 -18.12 -63.60
C GLY C 194 0.01 -18.29 -64.94
N ASP C 195 -0.81 -18.62 -65.94
CA ASP C 195 -0.31 -18.73 -67.31
C ASP C 195 -0.17 -17.36 -67.97
N THR C 196 -1.12 -16.45 -67.68
CA THR C 196 -1.02 -15.08 -68.16
C THR C 196 0.20 -14.43 -67.55
N GLN C 197 0.85 -13.57 -68.32
CA GLN C 197 1.93 -12.79 -67.74
C GLN C 197 1.47 -11.63 -66.88
N GLU C 198 0.36 -10.99 -67.20
CA GLU C 198 -0.14 -10.07 -66.18
C GLU C 198 -0.51 -10.84 -64.93
N GLY C 199 -0.88 -12.12 -65.09
CA GLY C 199 -1.23 -12.94 -63.95
C GLY C 199 -0.05 -13.29 -63.07
N GLN C 200 1.11 -13.60 -63.67
CA GLN C 200 2.30 -13.81 -62.85
C GLN C 200 2.78 -12.48 -62.25
N ASP C 201 2.75 -11.41 -63.04
CA ASP C 201 3.23 -10.13 -62.54
C ASP C 201 2.41 -9.65 -61.36
N GLY C 202 1.09 -9.83 -61.42
CA GLY C 202 0.27 -9.48 -60.29
C GLY C 202 0.56 -10.33 -59.07
N THR C 203 0.77 -11.64 -59.28
CA THR C 203 1.11 -12.51 -58.17
C THR C 203 2.47 -12.13 -57.58
N LEU C 204 3.46 -11.90 -58.44
CA LEU C 204 4.80 -11.59 -57.95
C LEU C 204 4.83 -10.27 -57.18
N ALA C 205 4.11 -9.26 -57.65
CA ALA C 205 4.08 -8.00 -56.93
C ALA C 205 3.41 -8.15 -55.57
N TYR C 206 2.33 -8.94 -55.52
CA TYR C 206 1.65 -9.16 -54.25
C TYR C 206 2.56 -9.89 -53.26
N LEU C 207 3.32 -10.89 -53.75
CA LEU C 207 4.24 -11.60 -52.85
C LEU C 207 5.33 -10.68 -52.32
N ALA C 208 5.87 -9.79 -53.17
CA ALA C 208 6.86 -8.83 -52.70
C ALA C 208 6.28 -7.89 -51.64
N SER C 209 4.99 -7.56 -51.75
CA SER C 209 4.34 -6.73 -50.72
C SER C 209 4.32 -7.45 -49.38
N LEU C 210 4.31 -8.79 -49.40
CA LEU C 210 4.37 -9.54 -48.16
C LEU C 210 5.76 -9.52 -47.51
N VAL C 211 6.82 -9.38 -48.29
CA VAL C 211 8.18 -9.37 -47.72
C VAL C 211 8.45 -8.04 -47.02
N PRO C 212 8.93 -8.04 -45.77
CA PRO C 212 9.18 -6.78 -45.07
C PRO C 212 10.14 -5.83 -45.77
N ILE C 213 11.23 -6.34 -46.35
CA ILE C 213 12.09 -5.46 -47.14
C ILE C 213 11.48 -5.07 -48.49
N GLY C 214 10.37 -5.69 -48.89
CA GLY C 214 9.61 -5.21 -50.04
C GLY C 214 10.02 -5.73 -51.40
N ARG C 215 10.95 -6.69 -51.47
CA ARG C 215 11.36 -7.29 -52.74
C ARG C 215 11.38 -8.81 -52.61
N LEU C 216 11.14 -9.47 -53.73
CA LEU C 216 11.45 -10.89 -53.85
C LEU C 216 12.96 -11.08 -53.87
N ALA C 217 13.41 -12.26 -53.42
CA ALA C 217 14.84 -12.54 -53.45
C ALA C 217 15.28 -12.91 -54.86
N ASP C 218 16.48 -12.49 -55.22
CA ASP C 218 17.16 -13.10 -56.36
C ASP C 218 17.67 -14.48 -55.96
N PRO C 219 17.61 -15.47 -56.84
CA PRO C 219 18.06 -16.82 -56.46
C PRO C 219 19.48 -16.87 -55.92
N SER C 220 20.37 -15.99 -56.41
CA SER C 220 21.75 -15.98 -55.93
C SER C 220 21.82 -15.69 -54.43
N GLU C 221 20.90 -14.88 -53.91
CA GLU C 221 20.92 -14.59 -52.49
C GLU C 221 20.66 -15.83 -51.66
N ILE C 222 19.81 -16.74 -52.15
CA ILE C 222 19.64 -18.04 -51.50
C ILE C 222 20.86 -18.91 -51.74
N ALA C 223 21.43 -18.85 -52.95
CA ALA C 223 22.60 -19.67 -53.25
C ALA C 223 23.75 -19.35 -52.30
N LYS C 224 23.88 -18.07 -51.91
CA LYS C 224 24.96 -17.69 -51.00
C LYS C 224 24.85 -18.44 -49.67
N VAL C 225 23.62 -18.69 -49.21
CA VAL C 225 23.42 -19.42 -47.96
C VAL C 225 23.87 -20.88 -48.12
N VAL C 226 23.57 -21.49 -49.27
CA VAL C 226 23.98 -22.87 -49.50
C VAL C 226 25.49 -22.98 -49.53
N SER C 227 26.17 -22.05 -50.21
CA SER C 227 27.61 -22.08 -50.28
C SER C 227 28.25 -21.97 -48.91
N PHE C 228 27.71 -21.10 -48.06
CA PHE C 228 28.21 -20.97 -46.71
C PHE C 228 28.07 -22.29 -45.95
N LEU C 229 26.90 -22.92 -46.04
CA LEU C 229 26.70 -24.19 -45.38
C LEU C 229 27.57 -25.28 -46.00
N ALA C 230 27.77 -25.24 -47.32
CA ALA C 230 28.64 -26.21 -47.96
C ALA C 230 30.10 -26.05 -47.54
N SER C 231 30.56 -24.82 -47.29
CA SER C 231 31.95 -24.56 -46.95
C SER C 231 32.29 -24.99 -45.52
N ASP C 232 33.58 -25.06 -45.23
CA ASP C 232 34.07 -25.39 -43.89
C ASP C 232 33.77 -24.31 -42.86
N ASP C 233 33.36 -23.10 -43.28
CA ASP C 233 33.01 -22.08 -42.30
C ASP C 233 31.84 -22.49 -41.43
N SER C 234 30.94 -23.33 -41.95
CA SER C 234 29.77 -23.79 -41.20
C SER C 234 30.07 -25.01 -40.35
N SER C 235 31.33 -25.19 -39.96
CA SER C 235 31.78 -26.43 -39.33
C SER C 235 31.04 -26.71 -38.03
N PHE C 236 30.70 -25.69 -37.27
CA PHE C 236 29.96 -25.91 -36.02
C PHE C 236 28.45 -25.83 -36.18
N ILE C 237 27.94 -25.68 -37.40
CA ILE C 237 26.50 -25.68 -37.65
C ILE C 237 26.06 -27.09 -38.05
N ASN C 238 25.12 -27.67 -37.30
CA ASN C 238 24.61 -28.99 -37.61
C ASN C 238 23.14 -29.09 -37.23
N GLY C 239 22.33 -29.63 -38.15
CA GLY C 239 20.92 -29.79 -37.89
C GLY C 239 20.13 -28.51 -37.82
N ALA C 240 20.73 -27.38 -38.18
CA ALA C 240 20.13 -26.07 -38.02
C ALA C 240 19.34 -25.69 -39.27
N GLU C 241 18.47 -24.71 -39.11
CA GLU C 241 17.73 -24.13 -40.22
C GLU C 241 18.16 -22.68 -40.38
N ILE C 242 18.61 -22.32 -41.58
CA ILE C 242 18.92 -20.94 -41.91
C ILE C 242 17.83 -20.44 -42.83
N THR C 243 17.10 -19.43 -42.37
CA THR C 243 15.94 -18.91 -43.07
C THR C 243 16.33 -17.60 -43.72
N ALA C 244 16.23 -17.55 -45.05
CA ALA C 244 16.46 -16.31 -45.80
C ALA C 244 15.12 -15.91 -46.42
N ASP C 245 14.38 -15.04 -45.73
CA ASP C 245 13.02 -14.67 -46.16
C ASP C 245 12.79 -13.17 -46.24
N GLY C 246 13.84 -12.36 -46.14
CA GLY C 246 13.59 -10.93 -46.07
C GLY C 246 12.89 -10.49 -44.80
N GLY C 247 12.84 -11.34 -43.77
CA GLY C 247 12.14 -11.07 -42.54
C GLY C 247 10.69 -11.53 -42.47
N GLN C 248 10.17 -12.18 -43.51
CA GLN C 248 8.73 -12.45 -43.58
C GLN C 248 8.24 -13.34 -42.44
N ALA C 249 8.88 -14.49 -42.24
CA ALA C 249 8.49 -15.38 -41.14
C ALA C 249 9.10 -14.97 -39.80
N GLN C 250 10.13 -14.11 -39.81
CA GLN C 250 10.77 -13.68 -38.57
C GLN C 250 9.92 -12.70 -37.77
N VAL C 251 9.14 -11.84 -38.44
CA VAL C 251 8.33 -10.83 -37.74
C VAL C 251 6.99 -11.35 -37.17
N LYS D 3 -15.57 -26.62 -7.05
CA LYS D 3 -15.63 -27.86 -7.86
C LYS D 3 -14.21 -28.38 -8.13
N ARG D 4 -13.72 -28.22 -9.36
CA ARG D 4 -12.38 -28.75 -9.72
C ARG D 4 -11.29 -28.07 -8.88
N LEU D 5 -11.39 -26.77 -8.66
CA LEU D 5 -10.32 -26.03 -7.92
C LEU D 5 -10.65 -25.97 -6.42
N GLU D 6 -11.77 -26.54 -6.01
CA GLU D 6 -12.18 -26.46 -4.58
C GLU D 6 -11.00 -26.83 -3.69
N GLY D 7 -10.68 -25.99 -2.70
CA GLY D 7 -9.60 -26.31 -1.76
C GLY D 7 -8.24 -25.87 -2.30
N LYS D 8 -8.25 -25.06 -3.36
CA LYS D 8 -7.00 -24.54 -3.89
C LYS D 8 -6.97 -23.04 -3.70
N VAL D 9 -5.82 -22.52 -3.31
CA VAL D 9 -5.61 -21.09 -3.15
C VAL D 9 -4.84 -20.60 -4.36
N ALA D 10 -5.33 -19.53 -4.97
CA ALA D 10 -4.73 -18.96 -6.17
C ALA D 10 -4.43 -17.48 -5.93
N LEU D 11 -3.27 -17.03 -6.41
CA LEU D 11 -2.92 -15.63 -6.42
C LEU D 11 -2.77 -15.16 -7.86
N VAL D 12 -3.48 -14.09 -8.21
CA VAL D 12 -3.37 -13.46 -9.52
C VAL D 12 -2.92 -12.02 -9.29
N THR D 13 -1.67 -11.72 -9.65
CA THR D 13 -1.22 -10.34 -9.68
C THR D 13 -1.76 -9.67 -10.93
N GLY D 14 -2.04 -8.37 -10.83
CA GLY D 14 -2.74 -7.71 -11.91
C GLY D 14 -4.13 -8.27 -12.13
N GLY D 15 -4.84 -8.58 -11.04
CA GLY D 15 -6.18 -9.17 -11.09
C GLY D 15 -7.33 -8.23 -11.39
N THR D 16 -7.12 -6.91 -11.29
CA THR D 16 -8.25 -5.98 -11.34
C THR D 16 -8.84 -5.79 -12.75
N SER D 17 -8.05 -5.97 -13.82
CA SER D 17 -8.56 -5.66 -15.15
C SER D 17 -8.20 -6.74 -16.16
N GLY D 18 -8.94 -6.73 -17.28
CA GLY D 18 -8.55 -7.49 -18.45
C GLY D 18 -8.49 -8.98 -18.21
N ILE D 19 -7.41 -9.60 -18.70
CA ILE D 19 -7.27 -11.04 -18.62
C ILE D 19 -7.14 -11.48 -17.16
N GLY D 20 -6.43 -10.70 -16.35
CA GLY D 20 -6.30 -11.07 -14.95
C GLY D 20 -7.63 -11.12 -14.23
N LEU D 21 -8.51 -10.16 -14.52
CA LEU D 21 -9.84 -10.15 -13.93
C LEU D 21 -10.65 -11.36 -14.35
N ALA D 22 -10.66 -11.67 -15.66
CA ALA D 22 -11.38 -12.84 -16.14
C ALA D 22 -10.85 -14.13 -15.53
N THR D 23 -9.54 -14.20 -15.33
CA THR D 23 -8.93 -15.37 -14.70
C THR D 23 -9.35 -15.49 -13.24
N ALA D 24 -9.34 -14.37 -12.52
CA ALA D 24 -9.80 -14.40 -11.13
C ALA D 24 -11.23 -14.91 -11.04
N LYS D 25 -12.09 -14.43 -11.93
CA LYS D 25 -13.48 -14.88 -11.92
C LYS D 25 -13.57 -16.37 -12.25
N ASP D 26 -12.86 -16.83 -13.28
CA ASP D 26 -12.97 -18.23 -13.67
C ASP D 26 -12.42 -19.16 -12.57
N LEU D 27 -11.26 -18.82 -12.01
CA LEU D 27 -10.69 -19.64 -10.93
C LEU D 27 -11.63 -19.72 -9.73
N ALA D 28 -12.20 -18.58 -9.33
CA ALA D 28 -13.14 -18.60 -8.21
C ALA D 28 -14.38 -19.41 -8.56
N ALA D 29 -14.86 -19.30 -9.80
CA ALA D 29 -16.00 -20.09 -10.23
C ALA D 29 -15.71 -21.58 -10.14
N GLN D 30 -14.47 -21.97 -10.41
CA GLN D 30 -14.04 -23.36 -10.21
C GLN D 30 -13.86 -23.72 -8.74
N GLY D 31 -14.06 -22.78 -7.82
CA GLY D 31 -13.98 -23.06 -6.40
C GLY D 31 -12.67 -22.73 -5.71
N ALA D 32 -11.70 -22.16 -6.41
CA ALA D 32 -10.48 -21.74 -5.75
C ALA D 32 -10.74 -20.53 -4.88
N ARG D 33 -10.04 -20.45 -3.75
CA ARG D 33 -9.91 -19.18 -3.04
C ARG D 33 -8.91 -18.32 -3.81
N VAL D 34 -9.28 -17.09 -4.11
CA VAL D 34 -8.50 -16.25 -5.01
C VAL D 34 -8.06 -14.98 -4.30
N ILE D 35 -6.79 -14.65 -4.46
CA ILE D 35 -6.25 -13.37 -4.04
C ILE D 35 -5.86 -12.63 -5.31
N ILE D 36 -6.30 -11.38 -5.43
CA ILE D 36 -5.97 -10.56 -6.58
C ILE D 36 -5.18 -9.37 -6.08
N THR D 37 -4.27 -8.89 -6.91
CA THR D 37 -3.44 -7.75 -6.59
C THR D 37 -3.79 -6.61 -7.52
N GLY D 38 -3.84 -5.41 -6.95
CA GLY D 38 -4.03 -4.23 -7.75
C GLY D 38 -3.11 -3.15 -7.27
N ARG D 39 -2.65 -2.34 -8.23
CA ARG D 39 -1.76 -1.25 -7.91
C ARG D 39 -2.52 -0.08 -7.27
N ARG D 40 -3.75 0.17 -7.71
CA ARG D 40 -4.56 1.31 -7.30
C ARG D 40 -5.76 0.87 -6.46
N GLN D 41 -5.98 1.54 -5.32
CA GLN D 41 -6.92 1.06 -4.33
C GLN D 41 -8.36 1.08 -4.83
N ALA D 42 -8.79 2.19 -5.42
CA ALA D 42 -10.19 2.31 -5.83
C ALA D 42 -10.56 1.25 -6.84
N GLU D 43 -9.69 1.04 -7.84
CA GLU D 43 -9.95 0.01 -8.82
C GLU D 43 -9.93 -1.38 -8.19
N LEU D 44 -9.03 -1.61 -7.24
CA LEU D 44 -8.94 -2.92 -6.60
C LEU D 44 -10.22 -3.25 -5.83
N ASP D 45 -10.76 -2.29 -5.09
CA ASP D 45 -11.98 -2.54 -4.34
C ASP D 45 -13.15 -2.86 -5.26
N GLN D 46 -13.30 -2.10 -6.35
CA GLN D 46 -14.39 -2.37 -7.28
C GLN D 46 -14.27 -3.76 -7.89
N ALA D 47 -13.04 -4.19 -8.21
CA ALA D 47 -12.85 -5.52 -8.78
C ALA D 47 -13.24 -6.61 -7.79
N VAL D 48 -12.82 -6.45 -6.54
CA VAL D 48 -13.13 -7.49 -5.51
C VAL D 48 -14.66 -7.55 -5.38
N ALA D 49 -15.32 -6.39 -5.33
CA ALA D 49 -16.78 -6.38 -5.13
C ALA D 49 -17.50 -7.08 -6.28
N ALA D 50 -17.09 -6.83 -7.52
CA ALA D 50 -17.70 -7.54 -8.67
C ALA D 50 -17.41 -9.04 -8.58
N LEU D 51 -16.18 -9.41 -8.23
CA LEU D 51 -15.79 -10.83 -8.04
C LEU D 51 -16.58 -11.40 -6.86
N GLY D 52 -16.77 -10.59 -5.81
CA GLY D 52 -17.52 -11.02 -4.61
C GLY D 52 -16.93 -12.19 -3.85
N GLN D 53 -17.74 -13.21 -3.54
CA GLN D 53 -17.30 -14.31 -2.64
C GLN D 53 -16.14 -15.12 -3.24
N GLY D 54 -15.23 -15.58 -2.38
CA GLY D 54 -14.09 -16.39 -2.83
C GLY D 54 -12.97 -15.53 -3.37
N VAL D 55 -13.12 -14.21 -3.27
CA VAL D 55 -12.09 -13.30 -3.85
C VAL D 55 -11.64 -12.29 -2.81
N ARG D 56 -10.35 -12.27 -2.52
CA ARG D 56 -9.74 -11.34 -1.59
C ARG D 56 -8.80 -10.42 -2.36
N GLY D 57 -8.67 -9.18 -1.91
CA GLY D 57 -7.83 -8.20 -2.55
C GLY D 57 -6.73 -7.67 -1.66
N VAL D 58 -5.52 -7.55 -2.21
CA VAL D 58 -4.39 -6.92 -1.56
C VAL D 58 -3.85 -5.85 -2.48
N ARG D 59 -3.63 -4.65 -1.96
CA ARG D 59 -3.09 -3.56 -2.78
C ARG D 59 -1.57 -3.65 -2.78
N SER D 60 -1.01 -3.94 -3.94
CA SER D 60 0.44 -4.06 -4.02
C SER D 60 0.91 -3.70 -5.42
N ASP D 61 2.11 -3.11 -5.45
CA ASP D 61 2.79 -2.83 -6.74
C ASP D 61 3.87 -3.91 -6.84
N VAL D 62 3.90 -4.65 -7.93
CA VAL D 62 4.85 -5.81 -8.08
C VAL D 62 6.29 -5.29 -8.01
N THR D 63 6.57 -4.13 -8.61
CA THR D 63 7.95 -3.61 -8.65
C THR D 63 8.50 -3.36 -7.24
N ARG D 64 7.70 -2.79 -6.34
CA ARG D 64 8.16 -2.61 -4.94
C ARG D 64 8.32 -3.99 -4.30
N SER D 65 9.36 -4.17 -3.48
CA SER D 65 9.60 -5.47 -2.81
C SER D 65 8.84 -5.54 -1.49
N ALA D 66 8.71 -4.40 -0.80
CA ALA D 66 7.93 -4.43 0.44
C ALA D 66 6.48 -4.82 0.18
N ASP D 67 5.91 -4.37 -0.94
CA ASP D 67 4.54 -4.76 -1.27
C ASP D 67 4.45 -6.27 -1.46
N LEU D 68 5.46 -6.86 -2.10
CA LEU D 68 5.49 -8.31 -2.27
C LEU D 68 5.60 -9.03 -0.93
N ASP D 69 6.43 -8.50 -0.03
CA ASP D 69 6.55 -9.11 1.29
C ASP D 69 5.22 -9.08 2.03
N ALA D 70 4.55 -7.92 2.02
CA ALA D 70 3.26 -7.78 2.67
C ALA D 70 2.22 -8.71 2.05
N LEU D 71 2.28 -8.87 0.72
CA LEU D 71 1.32 -9.73 0.06
C LEU D 71 1.49 -11.19 0.50
N PHE D 72 2.71 -11.69 0.50
CA PHE D 72 2.91 -13.09 0.85
C PHE D 72 2.79 -13.34 2.35
N GLU D 73 3.06 -12.34 3.18
CA GLU D 73 2.84 -12.51 4.62
C GLU D 73 1.36 -12.68 4.93
N THR D 74 0.48 -11.90 4.27
CA THR D 74 -0.95 -12.04 4.50
C THR D 74 -1.47 -13.38 3.97
N ILE D 75 -0.96 -13.84 2.84
CA ILE D 75 -1.41 -15.14 2.33
C ILE D 75 -0.96 -16.24 3.27
N ARG D 76 0.26 -16.13 3.78
CA ARG D 76 0.77 -17.11 4.73
C ARG D 76 -0.06 -17.12 6.01
N ALA D 77 -0.38 -15.93 6.53
CA ALA D 77 -1.13 -15.82 7.78
C ALA D 77 -2.56 -16.32 7.63
N THR D 78 -3.17 -16.14 6.47
CA THR D 78 -4.57 -16.49 6.31
C THR D 78 -4.75 -17.87 5.71
N GLU D 79 -4.39 -18.04 4.43
CA GLU D 79 -4.63 -19.31 3.75
C GLU D 79 -3.53 -20.34 4.03
N GLY D 80 -2.29 -19.90 4.23
CA GLY D 80 -1.18 -20.76 4.59
C GLY D 80 -0.55 -21.56 3.48
N ARG D 81 -1.04 -21.47 2.25
CA ARG D 81 -0.45 -22.17 1.12
C ARG D 81 -0.92 -21.50 -0.16
N LEU D 82 -0.16 -21.75 -1.23
CA LEU D 82 -0.45 -21.19 -2.55
C LEU D 82 -0.34 -22.31 -3.59
N ASP D 83 -1.50 -22.77 -4.08
CA ASP D 83 -1.52 -23.82 -5.09
C ASP D 83 -1.33 -23.29 -6.49
N ILE D 84 -1.84 -22.08 -6.76
CA ILE D 84 -1.86 -21.51 -8.10
C ILE D 84 -1.29 -20.09 -8.05
N LEU D 85 -0.37 -19.80 -8.97
CA LEU D 85 0.14 -18.44 -9.13
C LEU D 85 0.06 -18.07 -10.60
N PHE D 86 -0.58 -16.93 -10.88
CA PHE D 86 -0.64 -16.36 -12.22
C PHE D 86 -0.20 -14.90 -12.14
N THR D 87 0.83 -14.55 -12.90
CA THR D 87 1.38 -13.19 -12.92
C THR D 87 0.76 -12.48 -14.12
N ASN D 88 -0.07 -11.47 -13.86
CA ASN D 88 -0.65 -10.67 -14.93
C ASN D 88 -0.34 -9.18 -14.82
N ALA D 89 0.54 -8.79 -13.89
CA ALA D 89 0.88 -7.38 -13.68
C ALA D 89 1.99 -7.01 -14.65
N GLY D 90 1.60 -6.50 -15.81
CA GLY D 90 2.57 -6.14 -16.83
C GLY D 90 1.96 -5.10 -17.75
N GLY D 91 2.84 -4.36 -18.42
CA GLY D 91 2.40 -3.29 -19.28
C GLY D 91 3.16 -3.28 -20.61
N ALA D 92 2.52 -2.64 -21.60
CA ALA D 92 3.10 -2.39 -22.92
C ALA D 92 3.08 -0.89 -23.18
N SER D 93 4.18 -0.37 -23.71
CA SER D 93 4.31 1.02 -24.12
C SER D 93 4.96 1.10 -25.50
N MET D 94 4.72 2.21 -26.19
CA MET D 94 5.14 2.38 -27.57
C MET D 94 6.43 3.19 -27.65
N ALA D 95 7.46 2.63 -28.27
CA ALA D 95 8.64 3.42 -28.65
C ALA D 95 9.34 2.73 -29.82
N ALA D 96 9.48 3.45 -30.93
CA ALA D 96 10.24 2.91 -32.04
C ALA D 96 11.72 2.96 -31.74
N LEU D 97 12.50 2.09 -32.39
CA LEU D 97 13.97 2.18 -32.24
C LEU D 97 14.40 3.59 -32.65
N GLY D 98 15.30 4.20 -31.89
CA GLY D 98 15.75 5.59 -32.12
C GLY D 98 14.91 6.57 -31.32
N GLU D 99 13.79 6.12 -30.74
CA GLU D 99 13.00 6.99 -29.83
C GLU D 99 12.93 6.37 -28.43
N ILE D 100 13.53 5.20 -28.22
CA ILE D 100 13.39 4.50 -26.91
C ILE D 100 14.10 5.31 -25.82
N SER D 101 13.48 5.41 -24.65
CA SER D 101 14.09 6.15 -23.52
C SER D 101 14.58 5.15 -22.47
N GLU D 102 15.49 5.60 -21.61
CA GLU D 102 15.93 4.73 -20.51
C GLU D 102 14.79 4.41 -19.56
N GLN D 103 13.91 5.39 -19.28
CA GLN D 103 12.74 5.13 -18.45
C GLN D 103 11.81 4.13 -19.11
N HIS D 104 11.69 4.21 -20.43
CA HIS D 104 10.82 3.27 -21.13
C HIS D 104 11.38 1.87 -21.04
N PHE D 105 12.71 1.71 -21.17
CA PHE D 105 13.27 0.37 -21.03
C PHE D 105 13.12 -0.12 -19.59
N ASP D 106 13.48 0.71 -18.61
CA ASP D 106 13.47 0.27 -17.22
C ASP D 106 12.05 -0.06 -16.75
N ASP D 107 11.07 0.78 -17.08
CA ASP D 107 9.72 0.54 -16.62
C ASP D 107 9.18 -0.78 -17.15
N THR D 108 9.38 -1.05 -18.44
CA THR D 108 8.87 -2.29 -19.00
C THR D 108 9.52 -3.51 -18.36
N PHE D 109 10.86 -3.52 -18.26
CA PHE D 109 11.52 -4.73 -17.78
C PHE D 109 11.35 -4.94 -16.28
N GLU D 110 11.20 -3.86 -15.51
CA GLU D 110 10.98 -4.04 -14.08
C GLU D 110 9.62 -4.67 -13.80
N ARG D 111 8.59 -4.25 -14.54
CA ARG D 111 7.26 -4.83 -14.33
C ARG D 111 7.07 -6.16 -15.04
N ASN D 112 7.53 -6.27 -16.28
CA ASN D 112 7.21 -7.45 -17.08
C ASN D 112 8.12 -8.63 -16.77
N VAL D 113 9.38 -8.38 -16.41
CA VAL D 113 10.34 -9.46 -16.20
C VAL D 113 10.83 -9.52 -14.76
N LYS D 114 11.43 -8.44 -14.28
CA LYS D 114 12.02 -8.48 -12.94
C LYS D 114 10.97 -8.82 -11.89
N ALA D 115 9.80 -8.16 -11.98
CA ALA D 115 8.76 -8.39 -10.99
C ALA D 115 8.25 -9.82 -11.04
N VAL D 116 8.24 -10.42 -12.22
CA VAL D 116 7.83 -11.83 -12.32
C VAL D 116 8.81 -12.71 -11.55
N VAL D 117 10.11 -12.43 -11.70
CA VAL D 117 11.13 -13.22 -11.03
C VAL D 117 10.93 -13.19 -9.52
N PHE D 118 10.68 -12.00 -8.97
CA PHE D 118 10.56 -11.88 -7.53
C PHE D 118 9.18 -12.22 -7.01
N THR D 119 8.12 -12.05 -7.81
CA THR D 119 6.83 -12.59 -7.38
C THR D 119 6.93 -14.10 -7.22
N VAL D 120 7.58 -14.77 -8.18
CA VAL D 120 7.72 -16.22 -8.12
C VAL D 120 8.64 -16.62 -6.97
N GLN D 121 9.77 -15.94 -6.80
CA GLN D 121 10.72 -16.33 -5.77
C GLN D 121 10.11 -16.24 -4.38
N LYS D 122 9.47 -15.11 -4.06
CA LYS D 122 8.85 -14.98 -2.75
C LYS D 122 7.66 -15.90 -2.57
N ALA D 123 6.99 -16.28 -3.66
CA ALA D 123 5.85 -17.19 -3.56
C ALA D 123 6.27 -18.61 -3.19
N LEU D 124 7.47 -19.03 -3.56
CA LEU D 124 7.84 -20.44 -3.47
C LEU D 124 7.65 -21.07 -2.09
N PRO D 125 8.01 -20.41 -0.98
CA PRO D 125 7.82 -21.07 0.33
C PRO D 125 6.38 -21.48 0.60
N LEU D 126 5.40 -20.73 0.10
CA LEU D 126 3.99 -21.08 0.30
C LEU D 126 3.52 -22.23 -0.58
N MET D 127 4.21 -22.51 -1.68
CA MET D 127 3.68 -23.42 -2.70
C MET D 127 3.99 -24.88 -2.35
N PRO D 128 2.99 -25.75 -2.26
CA PRO D 128 3.25 -27.14 -1.96
C PRO D 128 3.74 -27.89 -3.19
N GLN D 129 4.08 -29.15 -2.96
CA GLN D 129 4.38 -30.04 -4.07
C GLN D 129 3.13 -30.23 -4.91
N GLY D 130 3.31 -30.25 -6.23
CA GLY D 130 2.21 -30.30 -7.19
C GLY D 130 1.57 -28.98 -7.55
N ALA D 131 2.08 -27.85 -7.07
CA ALA D 131 1.52 -26.54 -7.41
C ALA D 131 1.77 -26.16 -8.88
N SER D 132 0.95 -25.24 -9.39
CA SER D 132 1.04 -24.80 -10.77
C SER D 132 1.26 -23.27 -10.82
N ILE D 133 2.27 -22.85 -11.58
CA ILE D 133 2.59 -21.45 -11.82
C ILE D 133 2.35 -21.14 -13.29
N ILE D 134 1.63 -20.06 -13.58
CA ILE D 134 1.39 -19.62 -14.95
C ILE D 134 1.91 -18.20 -15.13
N LEU D 135 2.76 -18.03 -16.14
CA LEU D 135 3.39 -16.75 -16.44
C LEU D 135 2.68 -16.13 -17.64
N ASN D 136 2.57 -14.79 -17.64
CA ASN D 136 1.96 -14.04 -18.74
C ASN D 136 2.94 -13.85 -19.90
N GLY D 137 2.67 -14.51 -21.02
CA GLY D 137 3.43 -14.31 -22.22
C GLY D 137 2.60 -13.53 -23.22
N SER D 138 3.14 -13.41 -24.43
CA SER D 138 2.42 -12.79 -25.53
C SER D 138 2.94 -13.38 -26.82
N ILE D 139 2.10 -13.39 -27.85
CA ILE D 139 2.63 -13.69 -29.18
C ILE D 139 3.64 -12.62 -29.59
N LYS D 140 3.62 -11.46 -28.94
CA LYS D 140 4.61 -10.42 -29.17
C LYS D 140 6.02 -10.91 -28.84
N GLY D 141 6.15 -11.92 -27.98
CA GLY D 141 7.45 -12.51 -27.67
C GLY D 141 8.08 -13.25 -28.83
N SER D 142 7.27 -13.83 -29.71
CA SER D 142 7.78 -14.62 -30.81
C SER D 142 7.53 -13.98 -32.17
N THR D 143 7.07 -12.72 -32.19
CA THR D 143 6.78 -12.01 -33.43
C THR D 143 7.43 -10.62 -33.39
N GLY D 144 7.36 -9.93 -34.51
CA GLY D 144 7.84 -8.56 -34.63
C GLY D 144 6.68 -7.60 -34.78
N THR D 145 6.68 -6.56 -33.96
CA THR D 145 5.69 -5.50 -34.08
C THR D 145 6.39 -4.16 -34.03
N GLN D 146 6.10 -3.30 -35.01
CA GLN D 146 6.76 -2.00 -35.12
C GLN D 146 6.46 -1.14 -33.88
N ALA D 147 7.51 -0.54 -33.33
CA ALA D 147 7.47 0.33 -32.17
C ALA D 147 7.17 -0.41 -30.87
N PHE D 148 7.21 -1.74 -30.88
CA PHE D 148 6.93 -2.54 -29.69
C PHE D 148 8.12 -3.44 -29.30
N SER D 149 9.33 -3.12 -29.75
CA SER D 149 10.42 -4.08 -29.58
C SER D 149 10.69 -4.38 -28.11
N ILE D 150 10.68 -3.35 -27.26
CA ILE D 150 11.01 -3.57 -25.85
C ILE D 150 9.97 -4.49 -25.21
N TYR D 151 8.68 -4.28 -25.54
CA TYR D 151 7.64 -5.15 -24.99
C TYR D 151 7.84 -6.60 -25.44
N GLY D 152 8.09 -6.80 -26.74
CA GLY D 152 8.28 -8.17 -27.22
C GLY D 152 9.46 -8.85 -26.55
N ALA D 153 10.56 -8.12 -26.37
CA ALA D 153 11.74 -8.66 -25.68
C ALA D 153 11.40 -9.06 -24.24
N SER D 154 10.59 -8.24 -23.55
CA SER D 154 10.21 -8.57 -22.18
C SER D 154 9.38 -9.84 -22.14
N LYS D 155 8.46 -10.01 -23.10
CA LYS D 155 7.65 -11.21 -23.15
C LYS D 155 8.48 -12.45 -23.50
N ALA D 156 9.44 -12.30 -24.40
CA ALA D 156 10.33 -13.43 -24.71
C ALA D 156 11.14 -13.83 -23.48
N ALA D 157 11.61 -12.85 -22.71
CA ALA D 157 12.31 -13.16 -21.47
C ALA D 157 11.41 -13.94 -20.51
N VAL D 158 10.13 -13.56 -20.44
CA VAL D 158 9.19 -14.25 -19.56
C VAL D 158 9.06 -15.72 -19.97
N ARG D 159 8.85 -15.97 -21.26
CA ARG D 159 8.72 -17.34 -21.71
C ARG D 159 9.98 -18.13 -21.43
N ALA D 160 11.16 -17.51 -21.59
CA ALA D 160 12.41 -18.22 -21.38
C ALA D 160 12.59 -18.62 -19.91
N LEU D 161 12.16 -17.76 -18.98
CA LEU D 161 12.31 -18.09 -17.56
C LEU D 161 11.70 -19.45 -17.26
N ALA D 162 10.54 -19.74 -17.85
CA ALA D 162 9.85 -20.99 -17.54
C ALA D 162 10.70 -22.20 -17.89
N ARG D 163 11.44 -22.15 -19.00
CA ARG D 163 12.20 -23.34 -19.42
C ARG D 163 13.24 -23.72 -18.38
N SER D 164 13.99 -22.74 -17.88
CA SER D 164 14.97 -23.08 -16.85
C SER D 164 14.30 -23.37 -15.52
N TRP D 165 13.23 -22.65 -15.20
CA TRP D 165 12.56 -22.83 -13.91
C TRP D 165 12.01 -24.24 -13.75
N VAL D 166 11.73 -24.94 -14.85
CA VAL D 166 11.34 -26.34 -14.74
C VAL D 166 12.40 -27.13 -13.98
N LEU D 167 13.66 -26.94 -14.35
CA LEU D 167 14.77 -27.65 -13.70
C LEU D 167 15.01 -27.13 -12.30
N ASP D 168 14.95 -25.81 -12.10
CA ASP D 168 15.12 -25.26 -10.76
C ASP D 168 14.08 -25.82 -9.81
N LEU D 169 12.85 -26.02 -10.29
CA LEU D 169 11.72 -26.41 -9.46
C LEU D 169 11.45 -27.91 -9.44
N LYS D 170 12.23 -28.75 -10.12
CA LYS D 170 11.82 -30.15 -10.25
C LYS D 170 11.77 -30.85 -8.90
N GLU D 171 12.71 -30.55 -8.00
CA GLU D 171 12.70 -31.20 -6.69
C GLU D 171 11.52 -30.73 -5.84
N ARG D 172 11.09 -29.47 -6.00
CA ARG D 172 9.95 -28.98 -5.24
C ARG D 172 8.62 -29.49 -5.79
N GLY D 173 8.61 -30.07 -6.99
CA GLY D 173 7.36 -30.55 -7.57
C GLY D 173 6.48 -29.47 -8.15
N ILE D 174 6.94 -28.22 -8.23
CA ILE D 174 6.19 -27.12 -8.82
C ILE D 174 6.48 -27.05 -10.32
N ARG D 175 5.43 -26.89 -11.11
CA ARG D 175 5.53 -26.82 -12.56
C ARG D 175 5.21 -25.41 -13.04
N VAL D 176 5.94 -24.96 -14.07
CA VAL D 176 5.83 -23.61 -14.63
C VAL D 176 5.40 -23.70 -16.08
N ASN D 177 4.41 -22.91 -16.46
CA ASN D 177 3.95 -22.87 -17.84
C ASN D 177 3.61 -21.44 -18.22
N VAL D 178 3.51 -21.21 -19.53
CA VAL D 178 3.30 -19.87 -20.06
C VAL D 178 2.05 -19.86 -20.93
N VAL D 179 1.16 -18.90 -20.68
CA VAL D 179 0.04 -18.64 -21.59
C VAL D 179 0.41 -17.40 -22.40
N SER D 180 0.30 -17.52 -23.74
CA SER D 180 0.61 -16.41 -24.64
C SER D 180 -0.64 -15.96 -25.37
N PRO D 181 -1.28 -14.88 -24.96
CA PRO D 181 -2.48 -14.40 -25.65
C PRO D 181 -2.15 -13.72 -26.97
N GLY D 182 -3.05 -13.90 -27.93
CA GLY D 182 -3.17 -12.97 -29.04
C GLY D 182 -3.91 -11.73 -28.59
N SER D 183 -4.40 -10.96 -29.56
CA SER D 183 -5.08 -9.71 -29.25
C SER D 183 -6.43 -9.97 -28.59
N THR D 184 -6.60 -9.40 -27.39
CA THR D 184 -7.73 -9.64 -26.51
C THR D 184 -8.36 -8.31 -26.15
N ARG D 185 -9.69 -8.24 -26.21
CA ARG D 185 -10.42 -7.03 -25.90
C ARG D 185 -10.22 -6.66 -24.44
N THR D 186 -9.53 -5.55 -24.21
CA THR D 186 -9.13 -5.18 -22.88
C THR D 186 -9.13 -3.65 -22.81
N ILE D 187 -9.32 -3.11 -21.62
CA ILE D 187 -9.20 -1.67 -21.51
C ILE D 187 -7.81 -1.24 -21.95
N GLY D 188 -6.78 -1.92 -21.43
CA GLY D 188 -5.40 -1.62 -21.83
C GLY D 188 -5.23 -1.56 -23.34
N LEU D 189 -5.75 -2.56 -24.07
CA LEU D 189 -5.57 -2.60 -25.55
C LEU D 189 -6.26 -1.38 -26.16
N ALA D 190 -7.45 -1.05 -25.68
CA ALA D 190 -8.17 0.14 -26.17
C ALA D 190 -7.36 1.39 -25.85
N GLU D 191 -6.76 1.44 -24.65
CA GLU D 191 -5.94 2.60 -24.21
C GLU D 191 -4.74 2.73 -25.16
N LEU D 192 -4.16 1.60 -25.58
CA LEU D 192 -3.00 1.62 -26.51
C LEU D 192 -3.47 2.28 -27.82
N GLY D 193 -4.70 2.01 -28.25
CA GLY D 193 -5.24 2.69 -29.43
C GLY D 193 -5.30 4.19 -29.18
N GLY D 194 -5.69 4.62 -27.98
CA GLY D 194 -5.62 6.06 -27.64
C GLY D 194 -6.85 6.56 -26.90
N ASP D 195 -6.91 7.87 -26.61
CA ASP D 195 -8.14 8.44 -26.02
C ASP D 195 -9.35 8.52 -26.90
N THR D 196 -9.17 8.96 -28.14
CA THR D 196 -10.35 9.13 -29.02
C THR D 196 -11.10 7.81 -29.04
N GLN D 197 -12.38 7.81 -28.68
CA GLN D 197 -13.12 6.52 -28.60
C GLN D 197 -13.11 5.94 -30.01
N GLU D 198 -13.30 6.79 -31.01
CA GLU D 198 -13.30 6.34 -32.43
C GLU D 198 -11.93 5.77 -32.75
N GLY D 199 -10.86 6.40 -32.25
CA GLY D 199 -9.51 5.89 -32.47
C GLY D 199 -9.34 4.51 -31.86
N GLN D 200 -9.90 4.29 -30.66
CA GLN D 200 -9.86 2.94 -30.06
C GLN D 200 -10.63 1.99 -30.96
N ASP D 201 -11.87 2.33 -31.32
CA ASP D 201 -12.66 1.39 -32.12
C ASP D 201 -11.98 1.07 -33.44
N GLY D 202 -11.41 2.08 -34.09
CA GLY D 202 -10.69 1.82 -35.33
C GLY D 202 -9.46 0.94 -35.11
N THR D 203 -8.73 1.18 -34.03
CA THR D 203 -7.58 0.35 -33.73
C THR D 203 -8.00 -1.08 -33.43
N LEU D 204 -9.07 -1.26 -32.63
CA LEU D 204 -9.54 -2.61 -32.32
C LEU D 204 -10.03 -3.31 -33.58
N ALA D 205 -10.73 -2.58 -34.44
CA ALA D 205 -11.18 -3.17 -35.71
C ALA D 205 -9.99 -3.59 -36.56
N TYR D 206 -8.93 -2.78 -36.58
CA TYR D 206 -7.75 -3.16 -37.34
C TYR D 206 -7.11 -4.43 -36.78
N LEU D 207 -6.98 -4.52 -35.45
CA LEU D 207 -6.38 -5.71 -34.84
C LEU D 207 -7.19 -6.97 -35.14
N ALA D 208 -8.54 -6.87 -35.12
CA ALA D 208 -9.35 -8.05 -35.45
C ALA D 208 -9.12 -8.50 -36.88
N SER D 209 -8.82 -7.56 -37.79
CA SER D 209 -8.54 -7.92 -39.17
C SER D 209 -7.30 -8.79 -39.29
N LEU D 210 -6.34 -8.63 -38.38
CA LEU D 210 -5.12 -9.44 -38.37
C LEU D 210 -5.38 -10.88 -37.90
N VAL D 211 -6.37 -11.09 -37.04
CA VAL D 211 -6.66 -12.43 -36.51
C VAL D 211 -7.29 -13.29 -37.61
N PRO D 212 -6.80 -14.52 -37.84
CA PRO D 212 -7.40 -15.34 -38.90
C PRO D 212 -8.88 -15.62 -38.69
N ILE D 213 -9.30 -15.97 -37.48
CA ILE D 213 -10.72 -16.17 -37.21
C ILE D 213 -11.50 -14.87 -37.24
N GLY D 214 -10.83 -13.72 -37.29
CA GLY D 214 -11.50 -12.47 -37.59
C GLY D 214 -12.10 -11.71 -36.43
N ARG D 215 -11.89 -12.17 -35.18
CA ARG D 215 -12.36 -11.48 -33.99
C ARG D 215 -11.24 -11.37 -32.96
N LEU D 216 -11.28 -10.30 -32.19
CA LEU D 216 -10.52 -10.25 -30.95
C LEU D 216 -11.08 -11.26 -29.98
N ALA D 217 -10.26 -11.74 -29.05
CA ALA D 217 -10.71 -12.66 -28.03
C ALA D 217 -11.41 -11.93 -26.89
N ASP D 218 -12.44 -12.57 -26.33
CA ASP D 218 -12.92 -12.14 -25.02
C ASP D 218 -11.96 -12.62 -23.95
N PRO D 219 -11.67 -11.80 -22.92
CA PRO D 219 -10.70 -12.20 -21.89
C PRO D 219 -10.99 -13.56 -21.27
N SER D 220 -12.26 -13.96 -21.19
CA SER D 220 -12.59 -15.26 -20.63
C SER D 220 -11.94 -16.38 -21.44
N GLU D 221 -11.80 -16.19 -22.76
CA GLU D 221 -11.20 -17.21 -23.60
C GLU D 221 -9.73 -17.43 -23.25
N ILE D 222 -9.04 -16.38 -22.80
CA ILE D 222 -7.69 -16.57 -22.27
C ILE D 222 -7.75 -17.18 -20.88
N ALA D 223 -8.70 -16.74 -20.06
CA ALA D 223 -8.80 -17.22 -18.68
C ALA D 223 -8.95 -18.73 -18.64
N LYS D 224 -9.69 -19.31 -19.60
CA LYS D 224 -9.85 -20.76 -19.61
C LYS D 224 -8.52 -21.48 -19.75
N VAL D 225 -7.58 -20.90 -20.51
CA VAL D 225 -6.27 -21.53 -20.65
C VAL D 225 -5.54 -21.54 -19.33
N VAL D 226 -5.55 -20.41 -18.62
CA VAL D 226 -4.87 -20.37 -17.33
C VAL D 226 -5.50 -21.37 -16.38
N SER D 227 -6.83 -21.46 -16.38
CA SER D 227 -7.53 -22.41 -15.51
C SER D 227 -7.16 -23.85 -15.86
N PHE D 228 -7.07 -24.17 -17.15
CA PHE D 228 -6.66 -25.51 -17.54
C PHE D 228 -5.25 -25.81 -17.02
N LEU D 229 -4.31 -24.87 -17.20
CA LEU D 229 -2.95 -25.08 -16.69
C LEU D 229 -2.93 -25.15 -15.18
N ALA D 230 -3.80 -24.38 -14.53
CA ALA D 230 -3.90 -24.41 -13.07
C ALA D 230 -4.41 -25.75 -12.56
N SER D 231 -5.28 -26.42 -13.32
CA SER D 231 -5.89 -27.67 -12.91
C SER D 231 -4.90 -28.84 -13.04
N ASP D 232 -5.24 -29.94 -12.38
CA ASP D 232 -4.46 -31.17 -12.43
C ASP D 232 -4.47 -31.82 -13.81
N ASP D 233 -5.32 -31.36 -14.72
CA ASP D 233 -5.28 -31.87 -16.08
C ASP D 233 -3.94 -31.56 -16.74
N SER D 234 -3.27 -30.48 -16.31
CA SER D 234 -1.99 -30.07 -16.85
C SER D 234 -0.80 -30.74 -16.14
N SER D 235 -1.00 -31.94 -15.59
CA SER D 235 0.04 -32.55 -14.75
C SER D 235 1.30 -32.87 -15.54
N PHE D 236 1.17 -33.31 -16.78
CA PHE D 236 2.34 -33.63 -17.61
C PHE D 236 2.83 -32.45 -18.45
N ILE D 237 2.26 -31.26 -18.30
CA ILE D 237 2.73 -30.06 -19.00
C ILE D 237 3.73 -29.31 -18.12
N ASN D 238 4.93 -29.07 -18.64
CA ASN D 238 5.94 -28.33 -17.88
C ASN D 238 6.83 -27.51 -18.81
N GLY D 239 7.02 -26.23 -18.47
CA GLY D 239 7.84 -25.37 -19.31
C GLY D 239 7.25 -25.03 -20.65
N ALA D 240 5.99 -25.35 -20.88
CA ALA D 240 5.38 -25.21 -22.19
C ALA D 240 4.72 -23.84 -22.34
N GLU D 241 4.50 -23.47 -23.59
CA GLU D 241 3.78 -22.26 -23.92
C GLU D 241 2.51 -22.67 -24.65
N ILE D 242 1.36 -22.21 -24.14
CA ILE D 242 0.08 -22.40 -24.81
C ILE D 242 -0.37 -21.05 -25.36
N THR D 243 -0.54 -20.99 -26.67
CA THR D 243 -0.81 -19.74 -27.35
C THR D 243 -2.28 -19.71 -27.77
N ALA D 244 -3.00 -18.73 -27.26
CA ALA D 244 -4.39 -18.51 -27.63
C ALA D 244 -4.42 -17.22 -28.43
N ASP D 245 -4.33 -17.35 -29.76
CA ASP D 245 -4.21 -16.16 -30.60
C ASP D 245 -5.20 -16.14 -31.76
N GLY D 246 -6.16 -17.06 -31.80
CA GLY D 246 -7.01 -17.16 -32.99
C GLY D 246 -6.30 -17.60 -34.23
N GLY D 247 -5.07 -18.12 -34.10
CA GLY D 247 -4.28 -18.53 -35.24
C GLY D 247 -3.31 -17.51 -35.81
N GLN D 248 -3.21 -16.30 -35.21
CA GLN D 248 -2.44 -15.23 -35.82
C GLN D 248 -0.95 -15.58 -35.95
N ALA D 249 -0.33 -15.96 -34.83
CA ALA D 249 1.08 -16.35 -34.86
C ALA D 249 1.28 -17.78 -35.34
N GLN D 250 0.23 -18.61 -35.31
CA GLN D 250 0.39 -19.97 -35.79
C GLN D 250 0.52 -20.01 -37.30
N VAL D 251 -0.15 -19.09 -38.00
CA VAL D 251 -0.01 -19.03 -39.45
C VAL D 251 1.26 -18.21 -39.75
N LYS E 3 -29.83 -0.11 14.49
CA LYS E 3 -30.16 0.61 13.23
C LYS E 3 -30.06 2.13 13.40
N ARG E 4 -29.56 2.58 14.56
CA ARG E 4 -29.42 4.04 14.81
C ARG E 4 -28.38 4.64 13.87
N LEU E 5 -27.32 3.88 13.55
CA LEU E 5 -26.25 4.38 12.65
C LEU E 5 -26.51 3.79 11.26
N GLU E 6 -27.62 3.09 11.08
CA GLU E 6 -27.87 2.42 9.79
C GLU E 6 -27.95 3.48 8.69
N GLY E 7 -27.38 3.19 7.53
CA GLY E 7 -27.35 4.19 6.44
C GLY E 7 -26.31 5.26 6.69
N LYS E 8 -25.39 5.04 7.63
CA LYS E 8 -24.30 6.01 7.86
C LYS E 8 -22.96 5.37 7.50
N VAL E 9 -22.04 6.15 6.95
CA VAL E 9 -20.71 5.66 6.58
C VAL E 9 -19.70 6.13 7.61
N ALA E 10 -18.89 5.20 8.12
CA ALA E 10 -17.91 5.52 9.15
C ALA E 10 -16.52 5.07 8.73
N LEU E 11 -15.52 5.91 9.01
CA LEU E 11 -14.13 5.54 8.81
C LEU E 11 -13.40 5.54 10.15
N VAL E 12 -12.73 4.44 10.46
CA VAL E 12 -11.90 4.31 11.65
C VAL E 12 -10.47 4.08 11.19
N THR E 13 -9.61 5.07 11.38
CA THR E 13 -8.18 4.82 11.22
C THR E 13 -7.64 4.18 12.50
N GLY E 14 -6.68 3.29 12.34
CA GLY E 14 -6.25 2.44 13.46
C GLY E 14 -7.33 1.50 13.90
N GLY E 15 -8.11 0.96 12.95
CA GLY E 15 -9.21 0.06 13.20
C GLY E 15 -8.84 -1.37 13.53
N THR E 16 -7.59 -1.77 13.32
CA THR E 16 -7.23 -3.18 13.44
C THR E 16 -7.14 -3.64 14.89
N SER E 17 -6.82 -2.76 15.83
CA SER E 17 -6.61 -3.21 17.21
C SER E 17 -7.25 -2.26 18.21
N GLY E 18 -7.44 -2.78 19.42
CA GLY E 18 -7.78 -1.97 20.58
C GLY E 18 -9.10 -1.23 20.46
N ILE E 19 -9.08 0.05 20.84
CA ILE E 19 -10.30 0.85 20.87
C ILE E 19 -10.87 1.02 19.47
N GLY E 20 -9.99 1.22 18.48
CA GLY E 20 -10.46 1.35 17.11
C GLY E 20 -11.17 0.10 16.62
N LEU E 21 -10.63 -1.07 16.96
CA LEU E 21 -11.28 -2.31 16.59
C LEU E 21 -12.66 -2.43 17.25
N ALA E 22 -12.73 -2.21 18.56
CA ALA E 22 -14.01 -2.29 19.27
C ALA E 22 -14.97 -1.23 18.74
N THR E 23 -14.47 -0.04 18.42
CA THR E 23 -15.33 0.99 17.87
C THR E 23 -15.88 0.57 16.52
N ALA E 24 -15.03 0.03 15.66
CA ALA E 24 -15.49 -0.45 14.37
C ALA E 24 -16.58 -1.50 14.54
N LYS E 25 -16.39 -2.42 15.48
CA LYS E 25 -17.42 -3.42 15.73
C LYS E 25 -18.72 -2.77 16.17
N ASP E 26 -18.63 -1.82 17.11
CA ASP E 26 -19.84 -1.17 17.62
C ASP E 26 -20.54 -0.36 16.53
N LEU E 27 -19.80 0.45 15.77
CA LEU E 27 -20.43 1.21 14.70
C LEU E 27 -21.12 0.29 13.71
N ALA E 28 -20.46 -0.81 13.36
CA ALA E 28 -21.07 -1.79 12.47
C ALA E 28 -22.31 -2.42 13.10
N ALA E 29 -22.26 -2.68 14.42
CA ALA E 29 -23.39 -3.28 15.11
C ALA E 29 -24.65 -2.42 15.00
N GLN E 30 -24.48 -1.09 15.06
CA GLN E 30 -25.54 -0.10 14.86
C GLN E 30 -26.02 0.00 13.42
N GLY E 31 -25.45 -0.76 12.49
CA GLY E 31 -25.85 -0.67 11.12
C GLY E 31 -25.01 0.27 10.27
N ALA E 32 -24.00 0.90 10.84
CA ALA E 32 -23.07 1.63 10.00
C ALA E 32 -22.23 0.67 9.18
N ARG E 33 -21.99 1.08 7.93
CA ARG E 33 -20.93 0.63 7.01
C ARG E 33 -19.60 1.18 7.52
N VAL E 34 -18.62 0.32 7.78
CA VAL E 34 -17.39 0.79 8.40
C VAL E 34 -16.22 0.51 7.46
N ILE E 35 -15.32 1.49 7.33
CA ILE E 35 -14.03 1.31 6.68
C ILE E 35 -12.98 1.44 7.76
N ILE E 36 -12.07 0.46 7.83
CA ILE E 36 -10.97 0.50 8.82
C ILE E 36 -9.62 0.59 8.08
N THR E 37 -8.63 1.23 8.69
CA THR E 37 -7.30 1.39 8.04
C THR E 37 -6.22 0.68 8.87
N GLY E 38 -5.41 -0.15 8.22
CA GLY E 38 -4.29 -0.83 8.89
C GLY E 38 -3.03 -0.60 8.10
N ARG E 39 -1.92 -0.25 8.75
CA ARG E 39 -0.60 -0.16 8.05
C ARG E 39 -0.10 -1.59 7.74
N ARG E 40 -0.54 -2.57 8.54
CA ARG E 40 -0.07 -3.97 8.35
C ARG E 40 -1.14 -4.81 7.65
N GLN E 41 -0.82 -5.33 6.48
CA GLN E 41 -1.81 -6.08 5.66
C GLN E 41 -2.26 -7.32 6.44
N ALA E 42 -1.33 -8.11 6.98
CA ALA E 42 -1.76 -9.35 7.61
C ALA E 42 -2.74 -9.07 8.74
N GLU E 43 -2.41 -8.13 9.63
CA GLU E 43 -3.31 -7.80 10.72
C GLU E 43 -4.61 -7.20 10.23
N LEU E 44 -4.54 -6.33 9.21
CA LEU E 44 -5.74 -5.72 8.67
C LEU E 44 -6.69 -6.75 8.09
N ASP E 45 -6.14 -7.73 7.36
CA ASP E 45 -7.00 -8.78 6.81
C ASP E 45 -7.69 -9.59 7.89
N GLN E 46 -6.96 -9.96 8.95
CA GLN E 46 -7.58 -10.70 10.04
C GLN E 46 -8.65 -9.86 10.74
N ALA E 47 -8.37 -8.58 10.96
CA ALA E 47 -9.34 -7.72 11.63
C ALA E 47 -10.60 -7.57 10.81
N VAL E 48 -10.46 -7.37 9.50
CA VAL E 48 -11.64 -7.26 8.64
C VAL E 48 -12.42 -8.56 8.64
N ALA E 49 -11.73 -9.69 8.63
CA ALA E 49 -12.40 -10.99 8.64
C ALA E 49 -13.14 -11.21 9.96
N ALA E 50 -12.51 -10.86 11.08
CA ALA E 50 -13.14 -11.00 12.38
C ALA E 50 -14.36 -10.10 12.51
N LEU E 51 -14.22 -8.84 12.08
CA LEU E 51 -15.32 -7.86 12.23
C LEU E 51 -16.57 -8.30 11.48
N GLY E 52 -16.40 -9.17 10.48
CA GLY E 52 -17.59 -9.71 9.79
C GLY E 52 -18.14 -8.83 8.69
N GLN E 53 -19.27 -9.22 8.11
CA GLN E 53 -19.85 -8.50 6.95
C GLN E 53 -20.26 -7.09 7.35
N GLY E 54 -20.08 -6.13 6.44
CA GLY E 54 -20.39 -4.73 6.75
C GLY E 54 -19.11 -3.95 6.96
N VAL E 55 -17.97 -4.64 7.06
CA VAL E 55 -16.77 -3.87 7.35
C VAL E 55 -15.72 -4.20 6.28
N ARG E 56 -15.11 -3.18 5.71
CA ARG E 56 -14.04 -3.35 4.73
C ARG E 56 -12.78 -2.66 5.22
N GLY E 57 -11.64 -3.18 4.79
CA GLY E 57 -10.34 -2.67 5.18
C GLY E 57 -9.55 -2.08 4.03
N VAL E 58 -8.86 -0.99 4.29
CA VAL E 58 -7.92 -0.38 3.35
C VAL E 58 -6.57 -0.28 4.06
N ARG E 59 -5.52 -0.73 3.39
CA ARG E 59 -4.18 -0.65 3.99
C ARG E 59 -3.64 0.75 3.79
N SER E 60 -3.40 1.46 4.89
CA SER E 60 -2.94 2.84 4.80
C SER E 60 -2.09 3.17 6.00
N ASP E 61 -1.09 4.01 5.76
CA ASP E 61 -0.26 4.60 6.79
C ASP E 61 -0.57 6.08 6.80
N VAL E 62 -1.12 6.56 7.93
CA VAL E 62 -1.63 7.91 8.03
C VAL E 62 -0.54 8.94 7.85
N THR E 63 0.70 8.52 8.09
CA THR E 63 1.83 9.48 8.02
C THR E 63 2.21 9.70 6.56
N ARG E 64 1.55 8.98 5.64
CA ARG E 64 1.83 9.17 4.20
C ARG E 64 0.63 9.84 3.54
N SER E 65 0.87 10.96 2.86
CA SER E 65 -0.22 11.69 2.17
C SER E 65 -0.75 10.79 1.05
N ALA E 66 0.15 10.09 0.36
CA ALA E 66 -0.31 9.27 -0.75
C ALA E 66 -1.27 8.20 -0.27
N ASP E 67 -1.00 7.65 0.92
CA ASP E 67 -1.88 6.59 1.48
C ASP E 67 -3.26 7.20 1.76
N LEU E 68 -3.30 8.39 2.34
CA LEU E 68 -4.57 9.05 2.61
C LEU E 68 -5.34 9.33 1.32
N ASP E 69 -4.66 9.77 0.26
CA ASP E 69 -5.37 10.02 -0.99
C ASP E 69 -6.04 8.77 -1.51
N ALA E 70 -5.30 7.66 -1.51
CA ALA E 70 -5.88 6.40 -1.98
C ALA E 70 -7.06 6.00 -1.11
N LEU E 71 -6.96 6.19 0.20
CA LEU E 71 -8.05 5.79 1.09
C LEU E 71 -9.31 6.58 0.82
N PHE E 72 -9.19 7.91 0.76
CA PHE E 72 -10.38 8.72 0.52
C PHE E 72 -10.87 8.60 -0.91
N GLU E 73 -10.00 8.27 -1.85
CA GLU E 73 -10.47 8.06 -3.20
C GLU E 73 -11.35 6.81 -3.29
N THR E 74 -10.98 5.73 -2.60
CA THR E 74 -11.82 4.53 -2.62
C THR E 74 -13.16 4.76 -1.92
N ILE E 75 -13.19 5.58 -0.87
CA ILE E 75 -14.46 5.86 -0.22
C ILE E 75 -15.36 6.66 -1.17
N ARG E 76 -14.77 7.66 -1.85
CA ARG E 76 -15.51 8.45 -2.83
C ARG E 76 -16.01 7.59 -3.97
N ALA E 77 -15.16 6.71 -4.48
CA ALA E 77 -15.55 5.86 -5.59
C ALA E 77 -16.62 4.85 -5.19
N THR E 78 -16.57 4.35 -3.96
CA THR E 78 -17.48 3.28 -3.56
C THR E 78 -18.69 3.80 -2.80
N GLU E 79 -18.48 4.34 -1.60
CA GLU E 79 -19.60 4.75 -0.76
C GLU E 79 -20.11 6.14 -1.16
N GLY E 80 -19.21 7.01 -1.58
CA GLY E 80 -19.52 8.36 -2.01
C GLY E 80 -19.71 9.39 -0.92
N ARG E 81 -19.63 9.00 0.34
CA ARG E 81 -19.76 9.99 1.42
C ARG E 81 -19.19 9.40 2.70
N LEU E 82 -18.88 10.30 3.63
CA LEU E 82 -18.36 9.93 4.95
C LEU E 82 -19.17 10.65 6.02
N ASP E 83 -20.07 9.92 6.70
CA ASP E 83 -20.88 10.50 7.77
C ASP E 83 -20.13 10.55 9.10
N ILE E 84 -19.29 9.55 9.39
CA ILE E 84 -18.62 9.43 10.69
C ILE E 84 -17.12 9.26 10.46
N LEU E 85 -16.31 10.01 11.20
CA LEU E 85 -14.86 9.89 11.14
C LEU E 85 -14.33 9.70 12.56
N PHE E 86 -13.58 8.63 12.78
CA PHE E 86 -12.92 8.40 14.06
C PHE E 86 -11.45 8.07 13.82
N THR E 87 -10.56 8.86 14.43
CA THR E 87 -9.12 8.69 14.28
C THR E 87 -8.60 7.97 15.51
N ASN E 88 -8.14 6.73 15.34
CA ASN E 88 -7.51 5.99 16.43
C ASN E 88 -6.07 5.60 16.14
N ALA E 89 -5.48 6.12 15.06
CA ALA E 89 -4.12 5.79 14.64
C ALA E 89 -3.14 6.68 15.39
N GLY E 90 -2.65 6.17 16.51
CA GLY E 90 -1.76 6.93 17.38
C GLY E 90 -0.93 5.98 18.21
N GLY E 91 0.21 6.49 18.69
CA GLY E 91 1.13 5.67 19.44
C GLY E 91 1.65 6.40 20.64
N ALA E 92 2.17 5.62 21.60
CA ALA E 92 2.86 6.13 22.78
C ALA E 92 4.23 5.48 22.90
N SER E 93 5.24 6.28 23.22
CA SER E 93 6.55 5.79 23.62
C SER E 93 7.01 6.59 24.83
N MET E 94 7.88 5.99 25.64
CA MET E 94 8.32 6.63 26.88
C MET E 94 9.71 7.19 26.65
N ALA E 95 9.88 8.46 27.03
CA ALA E 95 11.20 9.07 27.12
C ALA E 95 11.10 10.15 28.18
N ALA E 96 11.93 10.06 29.21
CA ALA E 96 12.01 11.13 30.18
C ALA E 96 12.78 12.31 29.59
N LEU E 97 12.59 13.48 30.21
CA LEU E 97 13.34 14.68 29.77
C LEU E 97 14.83 14.41 29.98
N GLY E 98 15.65 14.67 28.96
CA GLY E 98 17.07 14.29 29.04
C GLY E 98 17.34 13.19 28.05
N GLU E 99 16.51 12.14 28.06
CA GLU E 99 16.66 11.02 27.11
C GLU E 99 15.82 11.23 25.84
N ILE E 100 15.05 12.31 25.76
CA ILE E 100 14.14 12.48 24.58
C ILE E 100 14.98 12.60 23.32
N SER E 101 14.55 11.93 22.24
CA SER E 101 15.29 11.97 20.96
C SER E 101 14.49 12.79 19.94
N GLU E 102 15.13 13.20 18.84
CA GLU E 102 14.37 13.92 17.82
C GLU E 102 13.45 12.99 17.04
N GLN E 103 13.90 11.76 16.77
CA GLN E 103 13.03 10.79 16.11
C GLN E 103 11.83 10.45 16.99
N HIS E 104 12.04 10.42 18.31
CA HIS E 104 10.96 10.11 19.23
C HIS E 104 9.91 11.22 19.21
N PHE E 105 10.35 12.48 19.15
CA PHE E 105 9.40 13.58 19.03
C PHE E 105 8.73 13.57 17.66
N ASP E 106 9.51 13.42 16.60
CA ASP E 106 8.94 13.50 15.26
C ASP E 106 7.95 12.37 15.03
N ASP E 107 8.30 11.16 15.46
CA ASP E 107 7.40 10.03 15.27
C ASP E 107 6.09 10.22 16.01
N THR E 108 6.15 10.69 17.25
CA THR E 108 4.93 10.87 18.03
C THR E 108 4.01 11.89 17.37
N PHE E 109 4.55 13.06 17.05
CA PHE E 109 3.73 14.16 16.54
C PHE E 109 3.31 13.92 15.09
N GLU E 110 4.12 13.16 14.32
CA GLU E 110 3.71 12.89 12.95
C GLU E 110 2.46 12.03 12.91
N ARG E 111 2.39 11.01 13.79
CA ARG E 111 1.24 10.12 13.84
C ARG E 111 0.07 10.67 14.66
N ASN E 112 0.35 11.24 15.83
CA ASN E 112 -0.70 11.62 16.76
C ASN E 112 -1.36 12.95 16.41
N VAL E 113 -0.60 13.89 15.85
CA VAL E 113 -1.13 15.23 15.62
C VAL E 113 -1.19 15.55 14.14
N LYS E 114 -0.05 15.47 13.44
CA LYS E 114 -0.01 15.81 12.03
C LYS E 114 -0.96 14.95 11.23
N ALA E 115 -0.92 13.63 11.44
CA ALA E 115 -1.78 12.74 10.67
C ALA E 115 -3.25 13.00 10.94
N VAL E 116 -3.57 13.41 12.18
CA VAL E 116 -4.95 13.75 12.49
C VAL E 116 -5.40 14.97 11.70
N VAL E 117 -4.54 15.98 11.61
CA VAL E 117 -4.87 17.21 10.89
C VAL E 117 -5.16 16.91 9.43
N PHE E 118 -4.31 16.08 8.81
CA PHE E 118 -4.47 15.82 7.38
C PHE E 118 -5.50 14.73 7.10
N THR E 119 -5.70 13.78 8.01
CA THR E 119 -6.82 12.86 7.82
C THR E 119 -8.13 13.63 7.77
N VAL E 120 -8.31 14.59 8.66
CA VAL E 120 -9.54 15.38 8.68
C VAL E 120 -9.64 16.25 7.42
N GLN E 121 -8.56 16.96 7.09
CA GLN E 121 -8.63 17.88 5.93
C GLN E 121 -9.09 17.10 4.69
N LYS E 122 -8.45 15.97 4.41
CA LYS E 122 -8.79 15.14 3.22
C LYS E 122 -10.22 14.60 3.29
N ALA E 123 -10.69 14.18 4.46
CA ALA E 123 -12.06 13.62 4.62
C ALA E 123 -13.12 14.68 4.30
N LEU E 124 -12.91 15.92 4.72
CA LEU E 124 -13.91 17.01 4.56
C LEU E 124 -14.78 16.91 3.29
N PRO E 125 -14.24 16.86 2.04
CA PRO E 125 -15.10 16.92 0.86
C PRO E 125 -16.21 15.87 0.89
N LEU E 126 -15.90 14.66 1.36
CA LEU E 126 -16.90 13.55 1.34
C LEU E 126 -17.91 13.67 2.49
N MET E 127 -17.70 14.59 3.44
CA MET E 127 -18.59 14.61 4.60
C MET E 127 -19.80 15.51 4.36
N PRO E 128 -21.02 15.00 4.50
CA PRO E 128 -22.20 15.82 4.29
C PRO E 128 -22.44 16.74 5.48
N GLN E 129 -23.45 17.60 5.33
CA GLN E 129 -23.84 18.45 6.45
C GLN E 129 -24.41 17.62 7.59
N GLY E 130 -24.05 17.97 8.83
CA GLY E 130 -24.46 17.19 9.97
C GLY E 130 -23.61 15.98 10.31
N ALA E 131 -22.49 15.79 9.62
CA ALA E 131 -21.58 14.69 9.92
C ALA E 131 -20.85 14.93 11.24
N SER E 132 -20.37 13.85 11.84
CA SER E 132 -19.71 13.89 13.14
C SER E 132 -18.29 13.36 13.03
N ILE E 133 -17.35 14.12 13.59
CA ILE E 133 -15.95 13.74 13.63
C ILE E 133 -15.55 13.54 15.10
N ILE E 134 -14.88 12.42 15.38
CA ILE E 134 -14.40 12.11 16.72
C ILE E 134 -12.88 11.96 16.70
N LEU E 135 -12.19 12.70 17.57
CA LEU E 135 -10.74 12.68 17.67
C LEU E 135 -10.33 11.89 18.92
N ASN E 136 -9.23 11.14 18.80
CA ASN E 136 -8.70 10.38 19.91
C ASN E 136 -7.85 11.28 20.83
N GLY E 137 -8.34 11.50 22.03
CA GLY E 137 -7.61 12.21 23.05
C GLY E 137 -7.22 11.23 24.13
N SER E 138 -6.67 11.76 25.21
CA SER E 138 -6.29 10.93 26.35
C SER E 138 -6.39 11.77 27.61
N ILE E 139 -6.61 11.10 28.75
CA ILE E 139 -6.44 11.81 30.00
C ILE E 139 -5.01 12.30 30.15
N LYS E 140 -4.07 11.68 29.42
CA LYS E 140 -2.67 12.11 29.43
C LYS E 140 -2.50 13.51 28.86
N GLY E 141 -3.41 13.96 27.99
CA GLY E 141 -3.33 15.33 27.49
C GLY E 141 -3.51 16.36 28.58
N SER E 142 -4.26 16.01 29.62
CA SER E 142 -4.64 16.92 30.69
C SER E 142 -4.00 16.59 32.03
N THR E 143 -3.06 15.64 32.06
CA THR E 143 -2.39 15.24 33.29
C THR E 143 -0.90 15.18 33.00
N GLY E 144 -0.11 14.94 34.08
CA GLY E 144 1.32 14.75 33.96
C GLY E 144 1.70 13.32 34.23
N THR E 145 2.46 12.73 33.31
CA THR E 145 2.96 11.36 33.47
C THR E 145 4.45 11.30 33.20
N GLN E 146 5.19 10.74 34.13
CA GLN E 146 6.65 10.68 34.00
C GLN E 146 7.04 9.89 32.76
N ALA E 147 8.00 10.43 32.00
CA ALA E 147 8.55 9.84 30.79
C ALA E 147 7.55 9.82 29.64
N PHE E 148 6.41 10.48 29.77
CA PHE E 148 5.44 10.52 28.68
C PHE E 148 5.08 11.94 28.26
N SER E 149 5.99 12.89 28.50
CA SER E 149 5.69 14.30 28.23
C SER E 149 5.37 14.52 26.76
N ILE E 150 6.11 13.89 25.87
CA ILE E 150 5.85 14.07 24.45
C ILE E 150 4.47 13.54 24.09
N TYR E 151 4.11 12.37 24.65
CA TYR E 151 2.82 11.75 24.31
C TYR E 151 1.64 12.61 24.78
N GLY E 152 1.67 13.07 26.03
CA GLY E 152 0.56 13.87 26.52
C GLY E 152 0.42 15.17 25.74
N ALA E 153 1.55 15.82 25.44
CA ALA E 153 1.53 17.04 24.65
C ALA E 153 0.88 16.80 23.30
N SER E 154 1.13 15.63 22.71
CA SER E 154 0.47 15.31 21.44
C SER E 154 -1.02 15.16 21.62
N LYS E 155 -1.45 14.54 22.73
CA LYS E 155 -2.88 14.39 22.99
C LYS E 155 -3.53 15.74 23.32
N ALA E 156 -2.83 16.59 24.08
CA ALA E 156 -3.37 17.92 24.34
C ALA E 156 -3.52 18.71 23.04
N ALA E 157 -2.59 18.54 22.09
CA ALA E 157 -2.73 19.18 20.80
C ALA E 157 -3.99 18.72 20.08
N VAL E 158 -4.30 17.42 20.15
CA VAL E 158 -5.49 16.88 19.48
C VAL E 158 -6.76 17.53 20.02
N ARG E 159 -6.87 17.62 21.34
CA ARG E 159 -8.06 18.20 21.96
C ARG E 159 -8.22 19.66 21.57
N ALA E 160 -7.13 20.43 21.56
CA ALA E 160 -7.21 21.85 21.25
C ALA E 160 -7.67 22.05 19.82
N LEU E 161 -7.27 21.16 18.91
CA LEU E 161 -7.69 21.24 17.51
C LEU E 161 -9.20 21.34 17.39
N ALA E 162 -9.93 20.53 18.17
CA ALA E 162 -11.39 20.49 18.04
C ALA E 162 -12.03 21.85 18.34
N ARG E 163 -11.49 22.58 19.33
CA ARG E 163 -12.12 23.85 19.69
C ARG E 163 -12.11 24.83 18.53
N SER E 164 -10.96 25.00 17.87
CA SER E 164 -10.91 25.90 16.72
C SER E 164 -11.67 25.32 15.54
N TRP E 165 -11.62 24.00 15.36
CA TRP E 165 -12.30 23.38 14.23
C TRP E 165 -13.81 23.56 14.27
N VAL E 166 -14.39 23.82 15.45
CA VAL E 166 -15.82 24.11 15.49
C VAL E 166 -16.13 25.32 14.61
N LEU E 167 -15.34 26.38 14.76
CA LEU E 167 -15.54 27.60 13.98
C LEU E 167 -15.20 27.39 12.51
N ASP E 168 -14.08 26.72 12.21
CA ASP E 168 -13.74 26.45 10.82
C ASP E 168 -14.84 25.63 10.14
N LEU E 169 -15.44 24.70 10.86
CA LEU E 169 -16.43 23.79 10.30
C LEU E 169 -17.88 24.27 10.48
N LYS E 170 -18.07 25.46 11.06
CA LYS E 170 -19.43 25.89 11.42
C LYS E 170 -20.32 26.02 10.19
N GLU E 171 -19.78 26.54 9.08
CA GLU E 171 -20.55 26.66 7.85
C GLU E 171 -20.81 25.30 7.21
N ARG E 172 -19.87 24.36 7.35
CA ARG E 172 -20.04 23.04 6.77
C ARG E 172 -21.07 22.20 7.52
N GLY E 173 -21.41 22.57 8.76
CA GLY E 173 -22.34 21.78 9.52
C GLY E 173 -21.73 20.55 10.16
N ILE E 174 -20.40 20.42 10.13
CA ILE E 174 -19.68 19.30 10.73
C ILE E 174 -19.37 19.62 12.18
N ARG E 175 -19.57 18.64 13.06
CA ARG E 175 -19.26 18.79 14.47
C ARG E 175 -18.06 17.92 14.80
N VAL E 176 -17.17 18.44 15.63
CA VAL E 176 -15.93 17.77 16.03
C VAL E 176 -15.92 17.62 17.53
N ASN E 177 -15.66 16.40 18.02
CA ASN E 177 -15.60 16.17 19.46
C ASN E 177 -14.46 15.21 19.76
N VAL E 178 -14.08 15.17 21.02
CA VAL E 178 -12.92 14.42 21.45
C VAL E 178 -13.33 13.43 22.55
N VAL E 179 -12.95 12.17 22.38
CA VAL E 179 -13.05 11.16 23.43
C VAL E 179 -11.66 11.02 24.04
N SER E 180 -11.58 11.11 25.37
CA SER E 180 -10.31 10.95 26.09
C SER E 180 -10.38 9.71 26.97
N PRO E 181 -9.82 8.59 26.54
CA PRO E 181 -9.85 7.39 27.39
C PRO E 181 -8.84 7.47 28.51
N GLY E 182 -9.22 6.89 29.65
CA GLY E 182 -8.30 6.44 30.67
C GLY E 182 -7.72 5.10 30.29
N SER E 183 -7.20 4.39 31.31
CA SER E 183 -6.55 3.09 31.09
C SER E 183 -7.53 2.04 30.57
N THR E 184 -7.20 1.46 29.41
CA THR E 184 -8.06 0.51 28.71
C THR E 184 -7.23 -0.73 28.39
N ARG E 185 -7.78 -1.92 28.66
CA ARG E 185 -7.06 -3.16 28.37
C ARG E 185 -6.91 -3.31 26.86
N THR E 186 -5.68 -3.19 26.37
CA THR E 186 -5.37 -3.29 24.95
C THR E 186 -3.96 -3.85 24.83
N ILE E 187 -3.67 -4.44 23.67
CA ILE E 187 -2.32 -4.94 23.43
C ILE E 187 -1.31 -3.80 23.50
N GLY E 188 -1.70 -2.62 23.02
CA GLY E 188 -0.78 -1.48 23.06
C GLY E 188 -0.42 -1.10 24.47
N LEU E 189 -1.41 -1.07 25.37
CA LEU E 189 -1.12 -0.80 26.77
C LEU E 189 -0.26 -1.91 27.36
N ALA E 190 -0.56 -3.16 27.03
CA ALA E 190 0.20 -4.29 27.57
C ALA E 190 1.65 -4.27 27.10
N GLU E 191 1.89 -3.96 25.83
CA GLU E 191 3.26 -3.95 25.32
C GLU E 191 4.09 -2.85 25.96
N LEU E 192 3.49 -1.71 26.27
CA LEU E 192 4.20 -0.70 27.06
C LEU E 192 4.55 -1.26 28.43
N GLY E 193 3.75 -2.20 28.93
CA GLY E 193 4.03 -2.82 30.22
C GLY E 193 5.36 -3.54 30.25
N GLY E 194 5.73 -4.19 29.14
CA GLY E 194 7.03 -4.83 29.04
C GLY E 194 7.00 -5.94 28.02
N ASP E 195 8.20 -6.48 27.77
CA ASP E 195 8.34 -7.62 26.88
C ASP E 195 7.95 -8.92 27.57
N THR E 196 8.28 -9.03 28.86
CA THR E 196 7.90 -10.18 29.67
C THR E 196 6.39 -10.26 29.83
N GLN E 197 5.87 -11.47 29.93
CA GLN E 197 4.44 -11.65 30.20
C GLN E 197 4.10 -11.19 31.61
N GLU E 198 4.88 -11.62 32.60
CA GLU E 198 4.67 -11.19 33.99
C GLU E 198 4.88 -9.69 34.15
N GLY E 199 5.72 -9.09 33.31
CA GLY E 199 5.95 -7.65 33.41
C GLY E 199 4.75 -6.82 32.98
N GLN E 200 4.05 -7.26 31.93
CA GLN E 200 2.83 -6.57 31.52
C GLN E 200 1.71 -6.78 32.55
N ASP E 201 1.60 -7.99 33.10
CA ASP E 201 0.53 -8.26 34.05
C ASP E 201 0.65 -7.39 35.29
N GLY E 202 1.87 -7.22 35.80
CA GLY E 202 2.09 -6.32 36.91
C GLY E 202 1.80 -4.87 36.55
N THR E 203 2.19 -4.47 35.34
CA THR E 203 1.91 -3.11 34.87
C THR E 203 0.40 -2.88 34.74
N LEU E 204 -0.32 -3.85 34.17
CA LEU E 204 -1.77 -3.71 34.03
C LEU E 204 -2.45 -3.68 35.40
N ALA E 205 -1.99 -4.52 36.33
CA ALA E 205 -2.57 -4.51 37.67
C ALA E 205 -2.24 -3.19 38.39
N TYR E 206 -1.04 -2.65 38.21
CA TYR E 206 -0.70 -1.38 38.83
C TYR E 206 -1.58 -0.26 38.27
N LEU E 207 -1.76 -0.23 36.95
CA LEU E 207 -2.63 0.78 36.35
C LEU E 207 -4.06 0.66 36.85
N ALA E 208 -4.53 -0.57 37.08
CA ALA E 208 -5.87 -0.75 37.62
C ALA E 208 -5.99 -0.18 39.02
N SER E 209 -4.92 -0.23 39.81
CA SER E 209 -4.96 0.36 41.14
C SER E 209 -5.10 1.88 41.07
N LEU E 210 -4.60 2.51 40.01
CA LEU E 210 -4.77 3.95 39.86
C LEU E 210 -6.20 4.36 39.52
N VAL E 211 -6.97 3.49 38.86
CA VAL E 211 -8.34 3.82 38.50
C VAL E 211 -9.22 3.78 39.74
N PRO E 212 -10.02 4.81 40.01
CA PRO E 212 -10.87 4.80 41.22
C PRO E 212 -11.85 3.65 41.28
N ILE E 213 -12.53 3.31 40.18
CA ILE E 213 -13.41 2.15 40.21
C ILE E 213 -12.62 0.85 40.31
N GLY E 214 -11.29 0.91 40.14
CA GLY E 214 -10.44 -0.22 40.44
C GLY E 214 -10.22 -1.23 39.33
N ARG E 215 -10.71 -0.97 38.13
CA ARG E 215 -10.53 -1.84 36.98
C ARG E 215 -10.07 -1.05 35.77
N LEU E 216 -9.33 -1.73 34.91
CA LEU E 216 -9.10 -1.24 33.56
C LEU E 216 -10.40 -1.27 32.77
N ALA E 217 -10.51 -0.37 31.78
CA ALA E 217 -11.68 -0.38 30.91
C ALA E 217 -11.58 -1.50 29.89
N ASP E 218 -12.71 -2.09 29.56
CA ASP E 218 -12.80 -2.86 28.34
C ASP E 218 -12.88 -1.92 27.14
N PRO E 219 -12.23 -2.27 26.02
CA PRO E 219 -12.28 -1.39 24.84
C PRO E 219 -13.69 -1.05 24.37
N SER E 220 -14.63 -1.96 24.55
CA SER E 220 -16.01 -1.65 24.17
C SER E 220 -16.56 -0.45 24.94
N GLU E 221 -16.13 -0.27 26.19
CA GLU E 221 -16.64 0.86 26.98
C GLU E 221 -16.24 2.20 26.40
N ILE E 222 -15.04 2.30 25.81
CA ILE E 222 -14.68 3.53 25.10
C ILE E 222 -15.42 3.62 23.78
N ALA E 223 -15.57 2.48 23.10
CA ALA E 223 -16.26 2.47 21.82
C ALA E 223 -17.68 3.00 21.94
N LYS E 224 -18.38 2.69 23.04
CA LYS E 224 -19.73 3.23 23.21
C LYS E 224 -19.74 4.75 23.24
N VAL E 225 -18.68 5.37 23.77
CA VAL E 225 -18.60 6.83 23.75
C VAL E 225 -18.48 7.34 22.32
N VAL E 226 -17.67 6.65 21.51
CA VAL E 226 -17.53 7.05 20.11
C VAL E 226 -18.87 6.91 19.39
N SER E 227 -19.59 5.82 19.65
CA SER E 227 -20.87 5.60 18.99
C SER E 227 -21.87 6.70 19.37
N PHE E 228 -21.88 7.10 20.64
CA PHE E 228 -22.76 8.18 21.07
C PHE E 228 -22.43 9.46 20.30
N LEU E 229 -21.15 9.81 20.23
CA LEU E 229 -20.73 11.01 19.51
C LEU E 229 -21.01 10.89 18.02
N ALA E 230 -20.90 9.68 17.47
CA ALA E 230 -21.22 9.45 16.07
C ALA E 230 -22.72 9.64 15.81
N SER E 231 -23.56 9.29 16.78
CA SER E 231 -25.00 9.32 16.57
C SER E 231 -25.53 10.75 16.56
N ASP E 232 -26.76 10.88 16.06
CA ASP E 232 -27.48 12.15 16.07
C ASP E 232 -27.84 12.62 17.48
N ASP E 233 -27.72 11.76 18.50
CA ASP E 233 -27.95 12.18 19.88
C ASP E 233 -26.98 13.28 20.29
N SER E 234 -25.78 13.30 19.69
CA SER E 234 -24.79 14.31 20.02
C SER E 234 -24.98 15.58 19.21
N SER E 235 -26.19 15.85 18.73
CA SER E 235 -26.38 16.96 17.78
C SER E 235 -26.02 18.31 18.39
N PHE E 236 -26.24 18.50 19.70
CA PHE E 236 -25.86 19.74 20.36
C PHE E 236 -24.46 19.71 20.99
N ILE E 237 -23.71 18.63 20.83
CA ILE E 237 -22.33 18.56 21.31
C ILE E 237 -21.36 18.95 20.21
N ASN E 238 -20.51 19.95 20.47
CA ASN E 238 -19.49 20.38 19.51
C ASN E 238 -18.26 20.89 20.26
N GLY E 239 -17.08 20.42 19.84
CA GLY E 239 -15.82 20.83 20.43
C GLY E 239 -15.57 20.35 21.84
N ALA E 240 -16.42 19.45 22.35
CA ALA E 240 -16.32 19.03 23.74
C ALA E 240 -15.43 17.80 23.85
N GLU E 241 -14.95 17.56 25.06
CA GLU E 241 -14.20 16.36 25.38
C GLU E 241 -15.02 15.52 26.34
N ILE E 242 -15.26 14.25 25.98
CA ILE E 242 -15.90 13.30 26.87
C ILE E 242 -14.84 12.32 27.34
N THR E 243 -14.61 12.31 28.65
CA THR E 243 -13.53 11.58 29.27
C THR E 243 -14.11 10.35 29.92
N ALA E 244 -13.70 9.17 29.45
CA ALA E 244 -14.10 7.90 30.03
C ALA E 244 -12.84 7.30 30.65
N ASP E 245 -12.64 7.60 31.93
CA ASP E 245 -11.41 7.22 32.60
C ASP E 245 -11.67 6.48 33.90
N GLY E 246 -12.92 6.06 34.15
CA GLY E 246 -13.21 5.44 35.42
C GLY E 246 -13.10 6.37 36.60
N GLY E 247 -13.01 7.68 36.35
CA GLY E 247 -12.83 8.70 37.36
C GLY E 247 -11.41 9.15 37.64
N GLN E 248 -10.40 8.63 36.93
CA GLN E 248 -9.01 8.87 37.32
C GLN E 248 -8.64 10.35 37.28
N ALA E 249 -8.85 11.00 36.13
CA ALA E 249 -8.52 12.42 36.03
C ALA E 249 -9.58 13.32 36.69
N GLN E 250 -10.80 12.82 36.89
CA GLN E 250 -11.84 13.65 37.51
C GLN E 250 -11.59 13.90 39.00
N VAL E 251 -10.96 12.97 39.71
CA VAL E 251 -10.69 13.13 41.14
C VAL E 251 -9.41 13.95 41.46
N LYS F 3 -19.83 -32.97 -17.72
CA LYS F 3 -20.81 -33.11 -18.78
C LYS F 3 -20.72 -31.94 -19.76
N ARG F 4 -19.58 -31.24 -19.73
CA ARG F 4 -19.39 -30.08 -20.61
C ARG F 4 -19.55 -30.44 -22.08
N LEU F 5 -19.11 -31.63 -22.51
CA LEU F 5 -19.26 -32.00 -23.90
C LEU F 5 -20.56 -32.76 -24.20
N GLU F 6 -21.54 -32.72 -23.32
CA GLU F 6 -22.78 -33.46 -23.57
C GLU F 6 -23.46 -32.93 -24.83
N GLY F 7 -24.01 -33.85 -25.61
CA GLY F 7 -24.60 -33.46 -26.87
C GLY F 7 -23.60 -33.28 -27.99
N LYS F 8 -22.31 -33.44 -27.69
CA LYS F 8 -21.26 -33.33 -28.68
C LYS F 8 -20.90 -34.74 -29.10
N VAL F 9 -20.67 -34.93 -30.39
CA VAL F 9 -20.30 -36.20 -30.99
C VAL F 9 -18.80 -36.13 -31.25
N ALA F 10 -18.05 -37.19 -30.88
CA ALA F 10 -16.60 -37.21 -31.11
C ALA F 10 -16.19 -38.49 -31.81
N LEU F 11 -15.25 -38.39 -32.76
CA LEU F 11 -14.63 -39.55 -33.41
C LEU F 11 -13.14 -39.60 -33.10
N VAL F 12 -12.68 -40.75 -32.62
CA VAL F 12 -11.26 -41.02 -32.36
C VAL F 12 -10.85 -42.19 -33.25
N THR F 13 -10.01 -41.94 -34.25
CA THR F 13 -9.37 -43.04 -34.96
C THR F 13 -8.24 -43.61 -34.11
N GLY F 14 -7.99 -44.91 -34.24
CA GLY F 14 -7.05 -45.52 -33.32
C GLY F 14 -7.54 -45.46 -31.88
N GLY F 15 -8.84 -45.69 -31.68
CA GLY F 15 -9.43 -45.62 -30.35
C GLY F 15 -9.14 -46.81 -29.45
N THR F 16 -8.63 -47.92 -30.00
CA THR F 16 -8.55 -49.17 -29.22
C THR F 16 -7.43 -49.19 -28.19
N SER F 17 -6.34 -48.43 -28.38
CA SER F 17 -5.23 -48.50 -27.44
C SER F 17 -4.66 -47.12 -27.12
N GLY F 18 -3.91 -47.08 -26.02
CA GLY F 18 -3.06 -45.96 -25.72
C GLY F 18 -3.80 -44.66 -25.50
N ILE F 19 -3.25 -43.59 -26.09
CA ILE F 19 -3.76 -42.25 -25.86
C ILE F 19 -5.18 -42.10 -26.41
N GLY F 20 -5.44 -42.70 -27.57
CA GLY F 20 -6.79 -42.65 -28.12
C GLY F 20 -7.79 -43.36 -27.23
N LEU F 21 -7.40 -44.49 -26.64
CA LEU F 21 -8.27 -45.22 -25.72
C LEU F 21 -8.65 -44.33 -24.55
N ALA F 22 -7.63 -43.75 -23.90
CA ALA F 22 -7.84 -42.85 -22.77
C ALA F 22 -8.61 -41.61 -23.18
N THR F 23 -8.39 -41.11 -24.40
CA THR F 23 -9.14 -39.94 -24.85
C THR F 23 -10.60 -40.31 -25.07
N ALA F 24 -10.84 -41.44 -25.74
CA ALA F 24 -12.22 -41.88 -25.90
C ALA F 24 -12.88 -42.02 -24.54
N LYS F 25 -12.15 -42.58 -23.57
CA LYS F 25 -12.71 -42.68 -22.23
C LYS F 25 -12.94 -41.30 -21.64
N ASP F 26 -11.95 -40.41 -21.77
CA ASP F 26 -12.14 -39.10 -21.17
C ASP F 26 -13.31 -38.39 -21.83
N LEU F 27 -13.37 -38.39 -23.16
CA LEU F 27 -14.48 -37.74 -23.86
C LEU F 27 -15.82 -38.33 -23.45
N ALA F 28 -15.88 -39.65 -23.25
CA ALA F 28 -17.15 -40.31 -22.85
C ALA F 28 -17.59 -39.81 -21.47
N ALA F 29 -16.65 -39.53 -20.57
CA ALA F 29 -16.97 -39.04 -19.21
C ALA F 29 -17.69 -37.70 -19.34
N GLN F 30 -17.28 -36.89 -20.32
CA GLN F 30 -17.86 -35.55 -20.56
C GLN F 30 -19.29 -35.71 -21.10
N GLY F 31 -19.70 -36.92 -21.47
CA GLY F 31 -21.05 -37.16 -22.02
C GLY F 31 -21.06 -37.06 -23.52
N ALA F 32 -19.87 -36.94 -24.11
CA ALA F 32 -19.78 -36.93 -25.59
C ALA F 32 -19.98 -38.33 -26.17
N ARG F 33 -20.93 -38.50 -27.08
CA ARG F 33 -21.05 -39.74 -27.84
C ARG F 33 -19.78 -39.92 -28.64
N VAL F 34 -19.12 -41.07 -28.51
CA VAL F 34 -17.80 -41.29 -29.08
C VAL F 34 -17.84 -42.47 -30.04
N ILE F 35 -17.21 -42.30 -31.21
CA ILE F 35 -16.98 -43.37 -32.17
C ILE F 35 -15.48 -43.62 -32.23
N ILE F 36 -15.07 -44.89 -32.08
CA ILE F 36 -13.66 -45.29 -32.14
C ILE F 36 -13.47 -46.30 -33.26
N THR F 37 -12.28 -46.26 -33.86
CA THR F 37 -11.90 -47.17 -34.94
C THR F 37 -10.71 -48.05 -34.54
N GLY F 38 -10.76 -49.30 -35.00
CA GLY F 38 -9.64 -50.22 -34.87
C GLY F 38 -9.53 -51.08 -36.11
N ARG F 39 -8.33 -51.55 -36.39
CA ARG F 39 -8.16 -52.51 -37.49
C ARG F 39 -8.68 -53.91 -37.13
N ARG F 40 -8.57 -54.32 -35.86
CA ARG F 40 -8.88 -55.70 -35.45
C ARG F 40 -10.15 -55.76 -34.60
N GLN F 41 -11.12 -56.57 -35.03
CA GLN F 41 -12.45 -56.60 -34.36
C GLN F 41 -12.36 -56.87 -32.86
N ALA F 42 -11.59 -57.88 -32.46
CA ALA F 42 -11.58 -58.25 -31.03
C ALA F 42 -11.06 -57.09 -30.18
N GLU F 43 -10.01 -56.41 -30.66
CA GLU F 43 -9.50 -55.23 -29.91
C GLU F 43 -10.58 -54.16 -29.84
N LEU F 44 -11.27 -53.93 -30.96
CA LEU F 44 -12.36 -52.91 -30.97
C LEU F 44 -13.47 -53.34 -30.01
N ASP F 45 -13.83 -54.62 -30.03
CA ASP F 45 -14.93 -55.10 -29.15
C ASP F 45 -14.52 -54.90 -27.70
N GLN F 46 -13.26 -55.25 -27.39
CA GLN F 46 -12.77 -55.10 -25.99
C GLN F 46 -12.76 -53.62 -25.61
N ALA F 47 -12.32 -52.75 -26.52
CA ALA F 47 -12.29 -51.30 -26.23
C ALA F 47 -13.72 -50.79 -26.04
N VAL F 48 -14.64 -51.24 -26.90
CA VAL F 48 -16.04 -50.72 -26.81
C VAL F 48 -16.63 -51.26 -25.51
N ALA F 49 -16.42 -52.54 -25.23
CA ALA F 49 -16.94 -53.12 -23.99
C ALA F 49 -16.30 -52.45 -22.78
N ALA F 50 -14.99 -52.19 -22.85
CA ALA F 50 -14.30 -51.53 -21.74
C ALA F 50 -14.83 -50.11 -21.54
N LEU F 51 -14.97 -49.38 -22.65
CA LEU F 51 -15.42 -47.97 -22.55
C LEU F 51 -16.90 -47.93 -22.15
N GLY F 52 -17.75 -48.65 -22.89
CA GLY F 52 -19.19 -48.56 -22.63
C GLY F 52 -19.59 -47.11 -22.75
N GLN F 53 -20.36 -46.57 -21.80
CA GLN F 53 -20.61 -45.09 -21.81
C GLN F 53 -21.16 -44.65 -23.16
N GLY F 54 -22.06 -45.41 -23.76
CA GLY F 54 -22.65 -44.97 -25.04
C GLY F 54 -21.57 -44.71 -26.09
N VAL F 55 -20.55 -45.57 -26.15
CA VAL F 55 -19.45 -45.39 -27.13
C VAL F 55 -19.60 -46.48 -28.19
N ARG F 56 -19.60 -46.07 -29.46
CA ARG F 56 -19.76 -47.03 -30.59
C ARG F 56 -18.37 -47.29 -31.19
N GLY F 57 -18.18 -48.45 -31.81
CA GLY F 57 -16.90 -48.72 -32.47
C GLY F 57 -17.08 -49.22 -33.88
N VAL F 58 -16.29 -48.68 -34.82
CA VAL F 58 -16.35 -49.18 -36.21
C VAL F 58 -15.02 -49.81 -36.61
N ARG F 59 -15.04 -51.03 -37.14
CA ARG F 59 -13.78 -51.61 -37.64
C ARG F 59 -13.34 -50.81 -38.87
N SER F 60 -12.07 -50.43 -38.96
CA SER F 60 -11.63 -49.56 -40.07
C SER F 60 -10.12 -49.34 -40.16
N ASP F 61 -9.56 -49.47 -41.37
CA ASP F 61 -8.16 -49.16 -41.60
C ASP F 61 -8.08 -47.80 -42.31
N VAL F 62 -7.46 -46.82 -41.66
CA VAL F 62 -7.45 -45.43 -42.20
C VAL F 62 -6.77 -45.36 -43.57
N THR F 63 -5.86 -46.29 -43.84
CA THR F 63 -5.10 -46.26 -45.12
C THR F 63 -5.85 -46.64 -46.39
N ARG F 64 -7.13 -47.02 -46.25
CA ARG F 64 -7.94 -47.38 -47.44
C ARG F 64 -9.15 -46.45 -47.48
N SER F 65 -9.45 -45.90 -48.66
CA SER F 65 -10.58 -44.93 -48.78
C SER F 65 -11.94 -45.56 -48.50
N ALA F 66 -12.13 -46.82 -48.87
CA ALA F 66 -13.45 -47.49 -48.69
C ALA F 66 -13.79 -47.56 -47.21
N ASP F 67 -12.80 -47.89 -46.37
CA ASP F 67 -13.05 -47.97 -44.91
C ASP F 67 -13.43 -46.56 -44.43
N LEU F 68 -12.69 -45.55 -44.89
CA LEU F 68 -12.98 -44.18 -44.49
C LEU F 68 -14.37 -43.77 -44.99
N ASP F 69 -14.70 -44.11 -46.23
CA ASP F 69 -16.04 -43.81 -46.74
C ASP F 69 -17.10 -44.55 -45.94
N ALA F 70 -16.90 -45.84 -45.69
CA ALA F 70 -17.88 -46.59 -44.90
C ALA F 70 -17.99 -46.03 -43.48
N LEU F 71 -16.86 -45.62 -42.91
CA LEU F 71 -16.87 -45.11 -41.54
C LEU F 71 -17.68 -43.82 -41.45
N PHE F 72 -17.44 -42.87 -42.36
CA PHE F 72 -18.20 -41.63 -42.27
C PHE F 72 -19.64 -41.84 -42.71
N GLU F 73 -19.88 -42.80 -43.61
CA GLU F 73 -21.26 -43.13 -43.94
C GLU F 73 -21.99 -43.66 -42.72
N THR F 74 -21.29 -44.38 -41.85
CA THR F 74 -21.91 -44.84 -40.63
C THR F 74 -22.26 -43.66 -39.71
N ILE F 75 -21.41 -42.64 -39.66
CA ILE F 75 -21.67 -41.48 -38.82
C ILE F 75 -22.83 -40.66 -39.39
N ARG F 76 -22.87 -40.49 -40.70
CA ARG F 76 -23.96 -39.77 -41.33
C ARG F 76 -25.30 -40.45 -41.08
N ALA F 77 -25.34 -41.79 -41.22
CA ALA F 77 -26.60 -42.52 -41.01
C ALA F 77 -27.03 -42.51 -39.55
N THR F 78 -26.07 -42.51 -38.61
CA THR F 78 -26.42 -42.64 -37.20
C THR F 78 -26.53 -41.30 -36.48
N GLU F 79 -25.42 -40.57 -36.39
CA GLU F 79 -25.44 -39.24 -35.72
C GLU F 79 -25.66 -38.15 -36.77
N GLY F 80 -24.82 -38.11 -37.79
CA GLY F 80 -24.94 -37.13 -38.89
C GLY F 80 -24.28 -35.79 -38.67
N ARG F 81 -23.66 -35.57 -37.50
CA ARG F 81 -22.84 -34.35 -37.27
C ARG F 81 -21.60 -34.80 -36.50
N LEU F 82 -20.41 -34.26 -36.83
CA LEU F 82 -19.23 -34.60 -36.00
C LEU F 82 -18.76 -33.29 -35.38
N ASP F 83 -18.56 -33.26 -34.07
CA ASP F 83 -18.17 -31.99 -33.40
C ASP F 83 -16.69 -32.09 -33.05
N ILE F 84 -16.23 -33.29 -32.73
CA ILE F 84 -14.85 -33.46 -32.29
C ILE F 84 -14.20 -34.55 -33.14
N LEU F 85 -13.00 -34.27 -33.64
CA LEU F 85 -12.20 -35.25 -34.37
C LEU F 85 -10.80 -35.34 -33.77
N PHE F 86 -10.37 -36.55 -33.40
CA PHE F 86 -9.01 -36.83 -32.95
C PHE F 86 -8.46 -38.02 -33.73
N THR F 87 -7.34 -37.81 -34.41
CA THR F 87 -6.67 -38.85 -35.19
C THR F 87 -5.52 -39.43 -34.37
N ASN F 88 -5.66 -40.69 -33.93
CA ASN F 88 -4.64 -41.43 -33.19
C ASN F 88 -4.17 -42.69 -33.91
N ALA F 89 -4.44 -42.84 -35.19
CA ALA F 89 -4.14 -44.09 -35.87
C ALA F 89 -2.68 -44.24 -36.33
N GLY F 90 -1.77 -43.40 -35.85
CA GLY F 90 -0.40 -43.43 -36.33
C GLY F 90 0.48 -44.47 -35.64
N GLY F 91 1.58 -44.82 -36.33
CA GLY F 91 2.53 -45.79 -35.81
C GLY F 91 3.96 -45.33 -35.97
N ALA F 92 4.84 -45.91 -35.16
CA ALA F 92 6.28 -45.64 -35.23
C ALA F 92 7.08 -46.92 -35.41
N SER F 93 8.04 -46.89 -36.34
CA SER F 93 9.00 -47.97 -36.52
C SER F 93 10.41 -47.39 -36.67
N MET F 94 11.43 -48.16 -36.29
CA MET F 94 12.78 -47.65 -36.21
C MET F 94 13.63 -48.12 -37.38
N ALA F 95 14.28 -47.18 -38.06
CA ALA F 95 15.29 -47.47 -39.07
C ALA F 95 16.29 -46.32 -39.12
N ALA F 96 17.58 -46.64 -38.98
CA ALA F 96 18.62 -45.63 -39.14
C ALA F 96 18.82 -45.32 -40.62
N LEU F 97 19.31 -44.10 -40.89
CA LEU F 97 19.65 -43.71 -42.25
C LEU F 97 20.72 -44.64 -42.84
N GLY F 98 20.54 -45.02 -44.11
CA GLY F 98 21.34 -46.05 -44.75
C GLY F 98 20.72 -47.43 -44.68
N GLU F 99 19.73 -47.56 -43.79
CA GLU F 99 18.93 -48.73 -43.47
C GLU F 99 17.44 -48.55 -43.77
N ILE F 100 17.03 -47.37 -44.24
CA ILE F 100 15.61 -47.04 -44.42
C ILE F 100 15.11 -47.68 -45.70
N SER F 101 14.05 -48.48 -45.59
CA SER F 101 13.49 -49.11 -46.78
C SER F 101 12.35 -48.28 -47.35
N GLU F 102 12.18 -48.39 -48.66
CA GLU F 102 11.10 -47.67 -49.32
C GLU F 102 9.76 -48.08 -48.74
N GLN F 103 9.66 -49.36 -48.35
CA GLN F 103 8.42 -49.84 -47.76
C GLN F 103 8.20 -49.14 -46.42
N HIS F 104 9.29 -48.96 -45.67
CA HIS F 104 9.26 -48.36 -44.33
C HIS F 104 8.84 -46.89 -44.40
N PHE F 105 9.31 -46.17 -45.41
CA PHE F 105 8.89 -44.80 -45.58
C PHE F 105 7.41 -44.76 -45.95
N ASP F 106 7.00 -45.61 -46.90
CA ASP F 106 5.62 -45.56 -47.39
C ASP F 106 4.62 -45.87 -46.29
N ASP F 107 4.87 -46.90 -45.47
CA ASP F 107 3.93 -47.21 -44.39
C ASP F 107 3.84 -46.07 -43.40
N THR F 108 4.98 -45.49 -43.02
CA THR F 108 4.98 -44.46 -42.00
C THR F 108 4.15 -43.24 -42.45
N PHE F 109 4.41 -42.74 -43.65
CA PHE F 109 3.73 -41.52 -44.08
C PHE F 109 2.27 -41.79 -44.43
N GLU F 110 1.96 -42.99 -44.95
CA GLU F 110 0.57 -43.27 -45.30
C GLU F 110 -0.29 -43.31 -44.06
N ARG F 111 0.20 -43.95 -43.01
CA ARG F 111 -0.59 -44.02 -41.78
C ARG F 111 -0.54 -42.71 -41.01
N ASN F 112 0.65 -42.10 -40.91
CA ASN F 112 0.82 -40.92 -40.05
C ASN F 112 0.40 -39.61 -40.69
N VAL F 113 0.49 -39.49 -42.03
CA VAL F 113 0.22 -38.20 -42.66
C VAL F 113 -0.95 -38.28 -43.64
N LYS F 114 -0.85 -39.15 -44.64
CA LYS F 114 -1.89 -39.22 -45.66
C LYS F 114 -3.25 -39.55 -45.05
N ALA F 115 -3.29 -40.54 -44.16
CA ALA F 115 -4.56 -40.92 -43.55
C ALA F 115 -5.14 -39.78 -42.73
N VAL F 116 -4.29 -38.97 -42.12
CA VAL F 116 -4.77 -37.80 -41.39
C VAL F 116 -5.43 -36.82 -42.36
N VAL F 117 -4.79 -36.63 -43.51
CA VAL F 117 -5.29 -35.69 -44.52
C VAL F 117 -6.68 -36.11 -44.99
N PHE F 118 -6.84 -37.38 -45.33
CA PHE F 118 -8.09 -37.84 -45.90
C PHE F 118 -9.15 -38.14 -44.84
N THR F 119 -8.74 -38.50 -43.62
CA THR F 119 -9.69 -38.58 -42.51
C THR F 119 -10.32 -37.22 -42.24
N VAL F 120 -9.48 -36.18 -42.21
CA VAL F 120 -10.00 -34.82 -41.99
C VAL F 120 -10.85 -34.39 -43.18
N GLN F 121 -10.35 -34.62 -44.39
CA GLN F 121 -11.07 -34.17 -45.57
C GLN F 121 -12.46 -34.80 -45.65
N LYS F 122 -12.54 -36.12 -45.43
CA LYS F 122 -13.83 -36.82 -45.47
C LYS F 122 -14.74 -36.43 -44.32
N ALA F 123 -14.18 -36.05 -43.17
CA ALA F 123 -15.03 -35.65 -42.05
C ALA F 123 -15.70 -34.28 -42.28
N LEU F 124 -15.09 -33.40 -43.05
CA LEU F 124 -15.51 -31.99 -43.06
C LEU F 124 -16.99 -31.74 -43.31
N PRO F 125 -17.66 -32.36 -44.28
CA PRO F 125 -19.08 -32.07 -44.46
C PRO F 125 -19.93 -32.33 -43.22
N LEU F 126 -19.56 -33.34 -42.42
CA LEU F 126 -20.27 -33.65 -41.19
C LEU F 126 -19.97 -32.65 -40.08
N MET F 127 -18.89 -31.90 -40.21
CA MET F 127 -18.45 -31.06 -39.10
C MET F 127 -19.13 -29.69 -39.18
N PRO F 128 -19.85 -29.26 -38.15
CA PRO F 128 -20.49 -27.95 -38.19
C PRO F 128 -19.50 -26.84 -37.89
N GLN F 129 -19.97 -25.61 -38.02
CA GLN F 129 -19.18 -24.47 -37.60
C GLN F 129 -18.98 -24.53 -36.09
N GLY F 130 -17.77 -24.18 -35.65
CA GLY F 130 -17.39 -24.31 -34.25
C GLY F 130 -16.91 -25.69 -33.83
N ALA F 131 -16.79 -26.64 -34.76
CA ALA F 131 -16.25 -27.94 -34.42
C ALA F 131 -14.74 -27.85 -34.17
N SER F 132 -14.20 -28.84 -33.45
CA SER F 132 -12.80 -28.87 -33.08
C SER F 132 -12.10 -30.12 -33.60
N ILE F 133 -10.97 -29.92 -34.28
CA ILE F 133 -10.12 -31.00 -34.78
C ILE F 133 -8.82 -30.98 -34.00
N ILE F 134 -8.42 -32.14 -33.49
CA ILE F 134 -7.16 -32.31 -32.78
C ILE F 134 -6.33 -33.34 -33.52
N LEU F 135 -5.14 -32.96 -33.95
CA LEU F 135 -4.25 -33.83 -34.71
C LEU F 135 -3.16 -34.40 -33.80
N ASN F 136 -2.75 -35.64 -34.09
CA ASN F 136 -1.71 -36.36 -33.35
C ASN F 136 -0.32 -35.88 -33.72
N GLY F 137 0.32 -35.14 -32.81
CA GLY F 137 1.68 -34.68 -33.01
C GLY F 137 2.62 -35.39 -32.04
N SER F 138 3.89 -34.98 -32.09
CA SER F 138 4.87 -35.54 -31.16
C SER F 138 6.01 -34.57 -30.95
N ILE F 139 6.62 -34.64 -29.76
CA ILE F 139 7.90 -33.95 -29.57
C ILE F 139 8.95 -34.51 -30.51
N LYS F 140 8.75 -35.73 -31.02
CA LYS F 140 9.66 -36.26 -32.03
C LYS F 140 9.65 -35.42 -33.30
N GLY F 141 8.55 -34.70 -33.55
CA GLY F 141 8.47 -33.83 -34.72
C GLY F 141 9.42 -32.65 -34.66
N SER F 142 9.74 -32.17 -33.46
CA SER F 142 10.59 -31.00 -33.25
C SER F 142 11.95 -31.32 -32.61
N THR F 143 12.32 -32.60 -32.48
CA THR F 143 13.58 -33.01 -31.85
C THR F 143 14.31 -34.01 -32.74
N GLY F 144 15.50 -34.39 -32.31
CA GLY F 144 16.30 -35.40 -32.98
C GLY F 144 16.34 -36.71 -32.20
N THR F 145 16.00 -37.81 -32.87
CA THR F 145 16.11 -39.15 -32.23
C THR F 145 16.79 -40.09 -33.23
N GLN F 146 17.79 -40.83 -32.78
CA GLN F 146 18.55 -41.70 -33.72
C GLN F 146 17.64 -42.79 -34.30
N ALA F 147 17.83 -43.12 -35.58
CA ALA F 147 17.06 -44.20 -36.24
C ALA F 147 15.55 -43.91 -36.21
N PHE F 148 15.16 -42.64 -36.01
CA PHE F 148 13.75 -42.31 -35.98
C PHE F 148 13.44 -41.12 -36.89
N SER F 149 14.26 -40.92 -37.91
CA SER F 149 14.11 -39.76 -38.76
C SER F 149 12.77 -39.78 -39.51
N ILE F 150 12.38 -40.94 -40.05
CA ILE F 150 11.15 -41.03 -40.82
C ILE F 150 9.95 -40.72 -39.94
N TYR F 151 9.94 -41.26 -38.71
CA TYR F 151 8.83 -40.98 -37.81
C TYR F 151 8.76 -39.50 -37.45
N GLY F 152 9.90 -38.90 -37.07
CA GLY F 152 9.92 -37.50 -36.70
C GLY F 152 9.49 -36.59 -37.84
N ALA F 153 9.96 -36.87 -39.05
CA ALA F 153 9.51 -36.09 -40.19
C ALA F 153 7.99 -36.16 -40.36
N SER F 154 7.41 -37.35 -40.17
CA SER F 154 5.96 -37.50 -40.33
C SER F 154 5.22 -36.69 -39.28
N LYS F 155 5.72 -36.67 -38.06
CA LYS F 155 5.07 -35.89 -37.00
C LYS F 155 5.18 -34.39 -37.25
N ALA F 156 6.34 -33.92 -37.76
CA ALA F 156 6.47 -32.50 -38.08
C ALA F 156 5.51 -32.10 -39.18
N ALA F 157 5.32 -32.99 -40.17
CA ALA F 157 4.36 -32.73 -41.23
C ALA F 157 2.94 -32.58 -40.70
N VAL F 158 2.58 -33.42 -39.72
CA VAL F 158 1.24 -33.33 -39.14
C VAL F 158 1.04 -31.96 -38.50
N ARG F 159 2.04 -31.49 -37.76
CA ARG F 159 1.95 -30.18 -37.14
C ARG F 159 1.80 -29.07 -38.17
N ALA F 160 2.50 -29.18 -39.30
CA ALA F 160 2.43 -28.13 -40.31
C ALA F 160 1.04 -28.05 -40.94
N LEU F 161 0.38 -29.20 -41.12
CA LEU F 161 -0.96 -29.22 -41.74
C LEU F 161 -1.91 -28.29 -41.00
N ALA F 162 -1.85 -28.31 -39.67
CA ALA F 162 -2.75 -27.47 -38.89
C ALA F 162 -2.59 -25.98 -39.22
N ARG F 163 -1.36 -25.50 -39.42
CA ARG F 163 -1.19 -24.06 -39.64
C ARG F 163 -1.89 -23.61 -40.92
N SER F 164 -1.70 -24.33 -42.02
CA SER F 164 -2.41 -23.98 -43.24
C SER F 164 -3.90 -24.31 -43.15
N TRP F 165 -4.26 -25.42 -42.50
CA TRP F 165 -5.67 -25.77 -42.40
C TRP F 165 -6.45 -24.73 -41.61
N VAL F 166 -5.79 -23.94 -40.77
CA VAL F 166 -6.48 -22.84 -40.09
C VAL F 166 -7.13 -21.94 -41.12
N LEU F 167 -6.38 -21.56 -42.16
CA LEU F 167 -6.90 -20.68 -43.18
C LEU F 167 -7.94 -21.37 -44.06
N ASP F 168 -7.70 -22.63 -44.40
CA ASP F 168 -8.64 -23.38 -45.28
C ASP F 168 -9.99 -23.55 -44.56
N LEU F 169 -9.98 -23.77 -43.24
CA LEU F 169 -11.23 -24.05 -42.48
C LEU F 169 -11.82 -22.78 -41.85
N LYS F 170 -11.23 -21.61 -42.08
CA LYS F 170 -11.69 -20.39 -41.36
C LYS F 170 -13.15 -20.07 -41.71
N GLU F 171 -13.54 -20.22 -42.97
CA GLU F 171 -14.93 -19.95 -43.39
C GLU F 171 -15.84 -20.95 -42.66
N ARG F 172 -15.40 -22.19 -42.54
CA ARG F 172 -16.23 -23.25 -41.91
C ARG F 172 -16.22 -23.16 -40.38
N GLY F 173 -15.49 -22.19 -39.81
CA GLY F 173 -15.52 -22.05 -38.38
C GLY F 173 -14.90 -23.23 -37.65
N ILE F 174 -14.27 -24.18 -38.36
CA ILE F 174 -13.61 -25.29 -37.69
C ILE F 174 -12.17 -24.93 -37.34
N ARG F 175 -11.76 -25.23 -36.13
CA ARG F 175 -10.41 -24.92 -35.66
C ARG F 175 -9.62 -26.23 -35.54
N VAL F 176 -8.33 -26.17 -35.91
CA VAL F 176 -7.42 -27.31 -35.91
C VAL F 176 -6.29 -27.04 -34.93
N ASN F 177 -6.05 -28.01 -34.06
CA ASN F 177 -4.96 -27.88 -33.11
C ASN F 177 -4.26 -29.22 -33.00
N VAL F 178 -3.05 -29.20 -32.45
CA VAL F 178 -2.17 -30.35 -32.45
C VAL F 178 -1.82 -30.66 -31.00
N VAL F 179 -1.96 -31.93 -30.61
CA VAL F 179 -1.46 -32.40 -29.32
C VAL F 179 -0.13 -33.10 -29.58
N SER F 180 0.91 -32.69 -28.85
CA SER F 180 2.23 -33.31 -28.98
C SER F 180 2.64 -33.98 -27.68
N PRO F 181 2.51 -35.29 -27.56
CA PRO F 181 2.93 -35.97 -26.33
C PRO F 181 4.43 -36.16 -26.26
N GLY F 182 4.95 -36.08 -25.04
CA GLY F 182 6.22 -36.71 -24.73
C GLY F 182 6.04 -38.21 -24.55
N SER F 183 7.04 -38.83 -23.93
CA SER F 183 7.02 -40.28 -23.73
C SER F 183 5.91 -40.68 -22.76
N THR F 184 5.01 -41.55 -23.23
CA THR F 184 3.82 -41.93 -22.46
C THR F 184 3.72 -43.45 -22.39
N ARG F 185 3.37 -43.97 -21.21
CA ARG F 185 3.24 -45.40 -21.02
C ARG F 185 2.13 -45.99 -21.88
N THR F 186 2.51 -46.80 -22.87
CA THR F 186 1.57 -47.34 -23.82
C THR F 186 2.09 -48.68 -24.32
N ILE F 187 1.18 -49.51 -24.84
CA ILE F 187 1.62 -50.74 -25.47
C ILE F 187 2.57 -50.43 -26.61
N GLY F 188 2.29 -49.37 -27.35
CA GLY F 188 3.15 -49.00 -28.46
C GLY F 188 4.55 -48.63 -28.02
N LEU F 189 4.68 -47.92 -26.90
CA LEU F 189 6.02 -47.56 -26.38
C LEU F 189 6.73 -48.81 -25.86
N ALA F 190 6.01 -49.63 -25.09
CA ALA F 190 6.60 -50.86 -24.52
C ALA F 190 6.99 -51.81 -25.66
N GLU F 191 6.16 -51.91 -26.69
CA GLU F 191 6.43 -52.82 -27.84
C GLU F 191 7.73 -52.35 -28.50
N LEU F 192 7.91 -51.04 -28.60
CA LEU F 192 9.14 -50.46 -29.22
C LEU F 192 10.34 -50.91 -28.38
N GLY F 193 10.18 -50.97 -27.06
CA GLY F 193 11.33 -51.31 -26.19
C GLY F 193 11.89 -52.70 -26.47
N GLY F 194 11.05 -53.71 -26.72
CA GLY F 194 11.59 -55.02 -27.11
C GLY F 194 10.59 -56.16 -26.96
N ASP F 195 10.93 -57.35 -27.48
CA ASP F 195 10.04 -58.50 -27.30
C ASP F 195 10.09 -59.03 -25.88
N THR F 196 11.26 -58.98 -25.25
CA THR F 196 11.38 -59.39 -23.85
C THR F 196 10.55 -58.45 -22.97
N GLN F 197 9.96 -59.01 -21.91
CA GLN F 197 9.18 -58.22 -20.96
C GLN F 197 10.06 -57.29 -20.10
N GLU F 198 11.07 -57.83 -19.44
CA GLU F 198 12.08 -57.01 -18.75
C GLU F 198 12.97 -56.22 -19.68
N GLY F 199 13.19 -56.70 -20.90
CA GLY F 199 14.01 -55.94 -21.83
C GLY F 199 13.31 -54.68 -22.31
N GLN F 200 12.01 -54.77 -22.58
CA GLN F 200 11.23 -53.58 -22.91
C GLN F 200 11.09 -52.69 -21.69
N ASP F 201 10.96 -53.30 -20.51
CA ASP F 201 10.82 -52.54 -19.27
C ASP F 201 12.05 -51.67 -19.01
N GLY F 202 13.24 -52.18 -19.35
CA GLY F 202 14.44 -51.37 -19.22
C GLY F 202 14.41 -50.14 -20.10
N THR F 203 13.87 -50.29 -21.32
CA THR F 203 13.72 -49.14 -22.21
C THR F 203 12.81 -48.10 -21.60
N LEU F 204 11.71 -48.54 -20.99
CA LEU F 204 10.78 -47.61 -20.35
C LEU F 204 11.45 -46.88 -19.19
N ALA F 205 12.29 -47.60 -18.43
CA ALA F 205 13.00 -46.95 -17.33
C ALA F 205 13.96 -45.88 -17.84
N TYR F 206 14.60 -46.14 -18.98
CA TYR F 206 15.49 -45.15 -19.57
C TYR F 206 14.73 -43.92 -20.04
N LEU F 207 13.58 -44.10 -20.69
CA LEU F 207 12.80 -42.96 -21.16
C LEU F 207 12.35 -42.08 -20.01
N ALA F 208 11.95 -42.69 -18.89
CA ALA F 208 11.56 -41.90 -17.73
C ALA F 208 12.71 -41.07 -17.21
N SER F 209 13.94 -41.57 -17.34
CA SER F 209 15.10 -40.79 -16.90
C SER F 209 15.30 -39.54 -17.73
N LEU F 210 14.97 -39.59 -19.03
CA LEU F 210 15.07 -38.42 -19.90
C LEU F 210 14.02 -37.36 -19.58
N VAL F 211 12.88 -37.73 -19.02
CA VAL F 211 11.86 -36.74 -18.71
C VAL F 211 12.30 -35.90 -17.51
N PRO F 212 12.22 -34.58 -17.57
CA PRO F 212 12.67 -33.78 -16.42
C PRO F 212 11.92 -34.07 -15.13
N ILE F 213 10.60 -34.23 -15.16
CA ILE F 213 9.89 -34.61 -13.93
C ILE F 213 10.13 -36.06 -13.54
N GLY F 214 10.78 -36.84 -14.41
CA GLY F 214 11.29 -38.15 -14.08
C GLY F 214 10.34 -39.32 -14.25
N ARG F 215 9.13 -39.09 -14.74
CA ARG F 215 8.19 -40.18 -14.96
C ARG F 215 7.60 -40.12 -16.37
N LEU F 216 7.29 -41.29 -16.91
CA LEU F 216 6.47 -41.40 -18.10
C LEU F 216 5.05 -40.90 -17.80
N ALA F 217 4.36 -40.43 -18.83
CA ALA F 217 2.97 -40.01 -18.64
C ALA F 217 2.02 -41.20 -18.58
N ASP F 218 1.01 -41.08 -17.72
CA ASP F 218 -0.15 -41.91 -17.90
C ASP F 218 -0.95 -41.40 -19.08
N PRO F 219 -1.49 -42.27 -19.93
CA PRO F 219 -2.23 -41.81 -21.12
C PRO F 219 -3.35 -40.82 -20.80
N SER F 220 -3.96 -40.92 -19.62
CA SER F 220 -5.01 -39.98 -19.24
C SER F 220 -4.51 -38.54 -19.22
N GLU F 221 -3.26 -38.33 -18.82
CA GLU F 221 -2.70 -36.98 -18.77
C GLU F 221 -2.63 -36.37 -20.16
N ILE F 222 -2.34 -37.18 -21.17
CA ILE F 222 -2.40 -36.70 -22.55
C ILE F 222 -3.86 -36.52 -22.98
N ALA F 223 -4.73 -37.45 -22.58
CA ALA F 223 -6.14 -37.36 -22.96
C ALA F 223 -6.77 -36.08 -22.46
N LYS F 224 -6.37 -35.60 -21.28
CA LYS F 224 -6.94 -34.37 -20.76
C LYS F 224 -6.66 -33.20 -21.70
N VAL F 225 -5.48 -33.18 -22.34
CA VAL F 225 -5.14 -32.11 -23.27
C VAL F 225 -6.06 -32.15 -24.49
N VAL F 226 -6.32 -33.35 -25.01
CA VAL F 226 -7.23 -33.48 -26.16
C VAL F 226 -8.63 -33.04 -25.78
N SER F 227 -9.09 -33.45 -24.60
CA SER F 227 -10.43 -33.07 -24.16
C SER F 227 -10.55 -31.56 -24.02
N PHE F 228 -9.52 -30.90 -23.49
CA PHE F 228 -9.53 -29.46 -23.36
C PHE F 228 -9.64 -28.78 -24.72
N LEU F 229 -8.89 -29.27 -25.71
CA LEU F 229 -8.98 -28.71 -27.06
C LEU F 229 -10.35 -28.99 -27.68
N ALA F 230 -10.92 -30.15 -27.37
CA ALA F 230 -12.26 -30.49 -27.86
C ALA F 230 -13.32 -29.56 -27.30
N SER F 231 -13.15 -29.09 -26.07
CA SER F 231 -14.16 -28.26 -25.43
C SER F 231 -14.14 -26.83 -25.98
N ASP F 232 -15.23 -26.12 -25.71
CA ASP F 232 -15.40 -24.72 -26.08
C ASP F 232 -14.46 -23.80 -25.32
N ASP F 233 -13.80 -24.29 -24.28
CA ASP F 233 -12.81 -23.45 -23.58
C ASP F 233 -11.67 -23.06 -24.51
N SER F 234 -11.38 -23.87 -25.53
CA SER F 234 -10.32 -23.58 -26.48
C SER F 234 -10.80 -22.75 -27.67
N SER F 235 -11.84 -21.91 -27.50
CA SER F 235 -12.45 -21.24 -28.64
C SER F 235 -11.48 -20.33 -29.35
N PHE F 236 -10.59 -19.66 -28.62
CA PHE F 236 -9.58 -18.80 -29.23
C PHE F 236 -8.28 -19.51 -29.57
N ILE F 237 -8.17 -20.82 -29.35
CA ILE F 237 -6.98 -21.57 -29.75
C ILE F 237 -7.18 -22.10 -31.16
N ASN F 238 -6.26 -21.77 -32.07
CA ASN F 238 -6.32 -22.26 -33.44
C ASN F 238 -4.90 -22.39 -33.99
N GLY F 239 -4.63 -23.50 -34.66
CA GLY F 239 -3.34 -23.75 -35.26
C GLY F 239 -2.21 -23.98 -34.27
N ALA F 240 -2.52 -24.09 -32.99
CA ALA F 240 -1.52 -24.15 -31.94
C ALA F 240 -1.08 -25.59 -31.67
N GLU F 241 0.08 -25.71 -31.07
CA GLU F 241 0.61 -27.00 -30.63
C GLU F 241 0.65 -26.96 -29.11
N ILE F 242 -0.01 -27.91 -28.48
CA ILE F 242 0.07 -28.08 -27.03
C ILE F 242 0.92 -29.30 -26.76
N THR F 243 2.01 -29.10 -26.06
CA THR F 243 3.01 -30.13 -25.84
C THR F 243 2.93 -30.58 -24.39
N ALA F 244 2.65 -31.87 -24.20
CA ALA F 244 2.66 -32.49 -22.88
C ALA F 244 3.83 -33.48 -22.86
N ASP F 245 4.98 -33.04 -22.32
CA ASP F 245 6.21 -33.82 -22.35
C ASP F 245 6.91 -33.91 -21.00
N GLY F 246 6.30 -33.45 -19.91
CA GLY F 246 7.03 -33.40 -18.65
C GLY F 246 8.17 -32.41 -18.62
N GLY F 247 8.24 -31.52 -19.61
CA GLY F 247 9.33 -30.58 -19.76
C GLY F 247 10.45 -31.03 -20.67
N GLN F 248 10.34 -32.20 -21.28
CA GLN F 248 11.49 -32.78 -21.97
C GLN F 248 11.95 -31.92 -23.14
N ALA F 249 11.03 -31.58 -24.05
CA ALA F 249 11.40 -30.78 -25.20
C ALA F 249 11.47 -29.29 -24.87
N GLN F 250 10.85 -28.86 -23.78
CA GLN F 250 10.88 -27.45 -23.39
C GLN F 250 12.24 -27.02 -22.89
N VAL F 251 12.94 -27.90 -22.19
CA VAL F 251 14.25 -27.54 -21.69
C VAL F 251 15.30 -27.76 -22.77
N ARG G 4 5.67 50.09 45.31
CA ARG G 4 5.30 49.02 46.29
C ARG G 4 3.83 49.16 46.66
N LEU G 5 3.44 48.58 47.80
CA LEU G 5 2.03 48.53 48.27
C LEU G 5 1.81 49.69 49.25
N GLU G 6 2.79 50.58 49.39
CA GLU G 6 2.70 51.66 50.41
C GLU G 6 1.50 52.56 50.09
N GLY G 7 0.82 53.05 51.13
CA GLY G 7 -0.43 53.83 50.91
C GLY G 7 -1.62 52.93 50.65
N LYS G 8 -1.54 52.03 49.67
CA LYS G 8 -2.64 51.07 49.40
C LYS G 8 -3.15 50.48 50.72
N VAL G 9 -4.48 50.41 50.89
CA VAL G 9 -5.07 49.82 52.11
C VAL G 9 -5.64 48.43 51.82
N ALA G 10 -5.36 47.47 52.73
CA ALA G 10 -5.72 46.06 52.58
C ALA G 10 -6.52 45.54 53.78
N LEU G 11 -7.54 44.74 53.48
CA LEU G 11 -8.32 44.00 54.48
C LEU G 11 -8.11 42.50 54.28
N VAL G 12 -7.74 41.81 55.35
CA VAL G 12 -7.61 40.35 55.34
C VAL G 12 -8.54 39.82 56.42
N THR G 13 -9.61 39.12 56.01
CA THR G 13 -10.42 38.36 56.95
C THR G 13 -9.75 37.02 57.28
N GLY G 14 -9.91 36.58 58.52
CA GLY G 14 -9.15 35.42 58.96
C GLY G 14 -7.65 35.67 58.95
N GLY G 15 -7.24 36.88 59.32
CA GLY G 15 -5.84 37.26 59.31
C GLY G 15 -5.02 36.71 60.45
N THR G 16 -5.67 36.18 61.49
CA THR G 16 -4.93 35.83 62.71
C THR G 16 -4.08 34.57 62.55
N SER G 17 -4.41 33.68 61.63
CA SER G 17 -3.67 32.42 61.53
C SER G 17 -3.38 32.08 60.07
N GLY G 18 -2.44 31.16 59.90
CA GLY G 18 -2.23 30.47 58.63
C GLY G 18 -1.91 31.39 57.47
N ILE G 19 -2.57 31.13 56.34
CA ILE G 19 -2.28 31.85 55.12
C ILE G 19 -2.64 33.33 55.27
N GLY G 20 -3.71 33.62 56.01
CA GLY G 20 -4.09 35.00 56.22
C GLY G 20 -3.03 35.80 56.97
N LEU G 21 -2.46 35.18 58.01
CA LEU G 21 -1.39 35.84 58.76
C LEU G 21 -0.17 36.08 57.89
N ALA G 22 0.26 35.05 57.14
CA ALA G 22 1.40 35.23 56.26
C ALA G 22 1.11 36.30 55.22
N THR G 23 -0.12 36.36 54.74
CA THR G 23 -0.51 37.40 53.80
C THR G 23 -0.49 38.77 54.47
N ALA G 24 -1.01 38.85 55.71
CA ALA G 24 -0.98 40.11 56.43
C ALA G 24 0.46 40.59 56.64
N LYS G 25 1.36 39.67 57.02
CA LYS G 25 2.76 40.05 57.22
C LYS G 25 3.39 40.53 55.93
N ASP G 26 3.16 39.82 54.84
CA ASP G 26 3.78 40.21 53.58
C ASP G 26 3.27 41.57 53.11
N LEU G 27 1.95 41.77 53.14
CA LEU G 27 1.41 43.05 52.68
C LEU G 27 1.94 44.20 53.52
N ALA G 28 2.03 44.03 54.84
CA ALA G 28 2.58 45.08 55.68
C ALA G 28 4.05 45.34 55.33
N ALA G 29 4.80 44.28 55.06
CA ALA G 29 6.19 44.44 54.63
C ALA G 29 6.27 45.22 53.33
N GLN G 30 5.31 45.05 52.43
CA GLN G 30 5.26 45.87 51.22
C GLN G 30 4.83 47.30 51.50
N GLY G 31 4.47 47.63 52.74
CA GLY G 31 4.11 48.99 53.11
C GLY G 31 2.63 49.29 53.05
N ALA G 32 1.85 48.30 52.65
CA ALA G 32 0.41 48.46 52.70
C ALA G 32 -0.04 48.42 54.14
N ARG G 33 -1.00 49.30 54.42
CA ARG G 33 -1.68 49.42 55.72
C ARG G 33 -2.73 48.33 55.81
N VAL G 34 -2.70 47.51 56.89
CA VAL G 34 -3.46 46.26 56.90
C VAL G 34 -4.46 46.14 58.05
N ILE G 35 -5.68 45.66 57.76
CA ILE G 35 -6.69 45.32 58.75
C ILE G 35 -6.90 43.82 58.72
N ILE G 36 -6.82 43.18 59.88
CA ILE G 36 -7.03 41.74 60.00
C ILE G 36 -8.18 41.50 60.95
N THR G 37 -8.97 40.46 60.67
CA THR G 37 -10.11 40.08 61.49
C THR G 37 -9.88 38.71 62.10
N GLY G 38 -10.29 38.57 63.35
CA GLY G 38 -10.24 37.29 64.02
C GLY G 38 -11.47 37.09 64.88
N ARG G 39 -11.82 35.82 65.07
CA ARG G 39 -12.97 35.51 65.91
C ARG G 39 -12.67 35.68 67.39
N ARG G 40 -11.46 35.32 67.81
CA ARG G 40 -11.08 35.28 69.23
C ARG G 40 -10.16 36.44 69.56
N GLN G 41 -10.45 37.13 70.67
CA GLN G 41 -9.77 38.38 70.98
C GLN G 41 -8.29 38.18 71.27
N ALA G 42 -7.95 37.17 72.08
CA ALA G 42 -6.57 37.00 72.50
C ALA G 42 -5.65 36.75 71.31
N GLU G 43 -6.00 35.80 70.44
CA GLU G 43 -5.15 35.54 69.28
C GLU G 43 -5.12 36.74 68.35
N LEU G 44 -6.26 37.39 68.16
CA LEU G 44 -6.27 38.57 67.29
C LEU G 44 -5.34 39.63 67.85
N ASP G 45 -5.37 39.84 69.17
CA ASP G 45 -4.51 40.86 69.75
C ASP G 45 -3.04 40.53 69.57
N GLN G 46 -2.62 39.30 69.84
CA GLN G 46 -1.20 39.03 69.59
C GLN G 46 -0.85 39.07 68.12
N ALA G 47 -1.77 38.67 67.26
CA ALA G 47 -1.44 38.68 65.85
C ALA G 47 -1.10 40.10 65.41
N VAL G 48 -1.94 41.06 65.79
CA VAL G 48 -1.63 42.45 65.46
C VAL G 48 -0.35 42.89 66.17
N ALA G 49 -0.19 42.46 67.42
CA ALA G 49 1.02 42.82 68.19
C ALA G 49 2.27 42.32 67.44
N ALA G 50 2.30 41.03 67.10
CA ALA G 50 3.45 40.45 66.38
C ALA G 50 3.59 41.14 65.02
N LEU G 51 2.46 41.39 64.36
CA LEU G 51 2.47 42.04 63.03
C LEU G 51 3.08 43.44 63.16
N GLY G 52 2.78 44.14 64.26
CA GLY G 52 3.42 45.44 64.49
C GLY G 52 2.73 46.61 63.83
N GLN G 53 3.43 47.74 63.70
CA GLN G 53 2.81 49.01 63.20
C GLN G 53 2.34 48.86 61.75
N GLY G 54 1.25 49.56 61.42
CA GLY G 54 0.65 49.44 60.07
C GLY G 54 -0.29 48.24 60.02
N VAL G 55 -0.51 47.60 61.18
CA VAL G 55 -1.49 46.47 61.23
C VAL G 55 -2.52 46.75 62.31
N ARG G 56 -3.80 46.66 61.96
CA ARG G 56 -4.91 46.86 62.88
C ARG G 56 -5.79 45.62 62.91
N GLY G 57 -6.36 45.34 64.07
CA GLY G 57 -7.24 44.18 64.24
C GLY G 57 -8.65 44.58 64.64
N VAL G 58 -9.64 43.94 64.00
CA VAL G 58 -11.05 44.06 64.36
C VAL G 58 -11.59 42.66 64.61
N ARG G 59 -12.18 42.45 65.78
CA ARG G 59 -12.72 41.14 66.11
C ARG G 59 -14.09 40.98 65.47
N SER G 60 -14.21 40.03 64.55
CA SER G 60 -15.48 39.83 63.86
C SER G 60 -15.60 38.40 63.36
N ASP G 61 -16.85 37.96 63.26
CA ASP G 61 -17.23 36.68 62.65
C ASP G 61 -17.93 37.03 61.34
N VAL G 62 -17.34 36.59 60.22
CA VAL G 62 -17.82 36.98 58.91
C VAL G 62 -19.23 36.45 58.66
N THR G 63 -19.63 35.35 59.32
CA THR G 63 -20.99 34.85 59.15
C THR G 63 -22.03 35.77 59.79
N ARG G 64 -21.63 36.61 60.74
CA ARG G 64 -22.54 37.56 61.38
C ARG G 64 -22.68 38.80 60.51
N SER G 65 -23.90 39.14 60.11
CA SER G 65 -24.09 40.31 59.26
C SER G 65 -23.75 41.60 60.00
N ALA G 66 -24.04 41.67 61.30
CA ALA G 66 -23.72 42.86 62.06
C ALA G 66 -22.22 43.07 62.14
N ASP G 67 -21.45 41.98 62.32
CA ASP G 67 -19.99 42.10 62.37
C ASP G 67 -19.44 42.65 61.07
N LEU G 68 -19.99 42.22 59.94
CA LEU G 68 -19.52 42.76 58.66
C LEU G 68 -19.81 44.26 58.56
N ASP G 69 -20.99 44.69 59.01
CA ASP G 69 -21.31 46.11 59.00
C ASP G 69 -20.40 46.89 59.94
N ALA G 70 -20.21 46.38 61.15
CA ALA G 70 -19.35 47.05 62.11
C ALA G 70 -17.93 47.15 61.57
N LEU G 71 -17.45 46.08 60.93
CA LEU G 71 -16.08 46.09 60.42
C LEU G 71 -15.92 47.11 59.31
N PHE G 72 -16.81 47.11 58.33
CA PHE G 72 -16.66 48.04 57.22
C PHE G 72 -16.98 49.48 57.63
N GLU G 73 -17.81 49.67 58.64
CA GLU G 73 -18.04 51.03 59.15
C GLU G 73 -16.78 51.56 59.82
N THR G 74 -16.06 50.70 60.55
CA THR G 74 -14.82 51.14 61.17
C THR G 74 -13.76 51.50 60.12
N ILE G 75 -13.78 50.83 58.96
CA ILE G 75 -12.75 51.11 57.94
C ILE G 75 -13.07 52.49 57.34
N ARG G 76 -14.33 52.73 57.01
CA ARG G 76 -14.75 54.03 56.44
C ARG G 76 -14.51 55.15 57.45
N ALA G 77 -14.82 54.90 58.72
CA ALA G 77 -14.61 55.92 59.77
C ALA G 77 -13.12 56.22 59.89
N THR G 78 -12.27 55.19 59.80
CA THR G 78 -10.81 55.39 59.98
C THR G 78 -10.14 55.61 58.62
N GLU G 79 -9.64 54.53 58.02
CA GLU G 79 -8.88 54.67 56.75
C GLU G 79 -9.75 55.29 55.65
N GLY G 80 -11.01 54.87 55.53
CA GLY G 80 -11.94 55.49 54.56
C GLY G 80 -11.70 54.97 53.15
N ARG G 81 -10.80 54.01 52.98
CA ARG G 81 -10.47 53.46 51.64
C ARG G 81 -10.17 51.96 51.76
N LEU G 82 -10.31 51.21 50.67
CA LEU G 82 -9.93 49.78 50.68
C LEU G 82 -9.36 49.40 49.31
N ASP G 83 -8.03 49.38 49.18
CA ASP G 83 -7.42 49.02 47.90
C ASP G 83 -7.35 47.51 47.64
N ILE G 84 -7.14 46.71 48.68
CA ILE G 84 -6.90 45.27 48.56
C ILE G 84 -7.81 44.53 49.53
N LEU G 85 -8.51 43.51 49.03
CA LEU G 85 -9.30 42.66 49.90
C LEU G 85 -8.92 41.21 49.66
N PHE G 86 -8.58 40.51 50.74
CA PHE G 86 -8.30 39.09 50.72
C PHE G 86 -9.15 38.41 51.79
N THR G 87 -9.95 37.43 51.37
CA THR G 87 -10.84 36.67 52.26
C THR G 87 -10.15 35.35 52.59
N ASN G 88 -9.79 35.16 53.86
CA ASN G 88 -9.20 33.90 54.32
C ASN G 88 -10.02 33.22 55.40
N ALA G 89 -11.24 33.70 55.65
CA ALA G 89 -12.11 33.11 56.68
C ALA G 89 -12.86 31.93 56.07
N GLY G 90 -12.31 30.74 56.24
CA GLY G 90 -12.91 29.55 55.67
C GLY G 90 -12.50 28.33 56.46
N GLY G 91 -13.35 27.30 56.42
CA GLY G 91 -13.11 26.10 57.20
C GLY G 91 -13.40 24.86 56.40
N ALA G 92 -12.81 23.75 56.86
CA ALA G 92 -13.03 22.42 56.32
C ALA G 92 -13.46 21.50 57.44
N SER G 93 -14.47 20.68 57.16
CA SER G 93 -14.92 19.62 58.06
C SER G 93 -15.11 18.35 57.24
N MET G 94 -15.11 17.20 57.92
CA MET G 94 -15.16 15.90 57.26
C MET G 94 -16.56 15.31 57.34
N ALA G 95 -17.13 14.94 56.20
CA ALA G 95 -18.36 14.14 56.17
C ALA G 95 -18.40 13.36 54.87
N ALA G 96 -18.51 12.03 54.96
CA ALA G 96 -18.74 11.24 53.76
C ALA G 96 -20.20 11.34 53.34
N LEU G 97 -20.44 11.21 52.03
CA LEU G 97 -21.81 11.12 51.55
C LEU G 97 -22.49 9.96 52.24
N GLY G 98 -23.71 10.18 52.70
CA GLY G 98 -24.40 9.25 53.56
C GLY G 98 -24.32 9.59 55.03
N GLU G 99 -23.38 10.44 55.41
CA GLU G 99 -23.27 10.93 56.79
C GLU G 99 -23.34 12.46 56.87
N ILE G 100 -23.63 13.14 55.76
CA ILE G 100 -23.63 14.59 55.73
C ILE G 100 -24.88 15.12 56.42
N SER G 101 -24.67 15.97 57.42
CA SER G 101 -25.75 16.57 58.18
C SER G 101 -26.10 17.94 57.62
N GLU G 102 -27.33 18.36 57.90
CA GLU G 102 -27.78 19.67 57.46
C GLU G 102 -26.94 20.78 58.07
N GLN G 103 -26.58 20.64 59.33
CA GLN G 103 -25.72 21.63 59.97
C GLN G 103 -24.35 21.67 59.29
N HIS G 104 -23.86 20.50 58.87
CA HIS G 104 -22.55 20.46 58.23
C HIS G 104 -22.58 21.19 56.90
N PHE G 105 -23.65 21.02 56.13
CA PHE G 105 -23.75 21.76 54.87
C PHE G 105 -23.88 23.26 55.13
N ASP G 106 -24.76 23.64 56.06
CA ASP G 106 -25.00 25.05 56.30
C ASP G 106 -23.76 25.74 56.87
N ASP G 107 -23.07 25.09 57.81
CA ASP G 107 -21.88 25.70 58.39
C ASP G 107 -20.82 25.94 57.33
N THR G 108 -20.59 24.96 56.47
CA THR G 108 -19.55 25.08 55.45
C THR G 108 -19.89 26.18 54.44
N PHE G 109 -21.10 26.16 53.91
CA PHE G 109 -21.42 27.09 52.83
C PHE G 109 -21.60 28.51 53.35
N GLU G 110 -22.01 28.65 54.61
CA GLU G 110 -22.14 30.00 55.19
C GLU G 110 -20.79 30.68 55.32
N ARG G 111 -19.76 29.96 55.78
CA ARG G 111 -18.44 30.57 55.96
C ARG G 111 -17.68 30.68 54.64
N ASN G 112 -17.69 29.62 53.84
CA ASN G 112 -16.85 29.57 52.66
C ASN G 112 -17.47 30.31 51.48
N VAL G 113 -18.80 30.35 51.39
CA VAL G 113 -19.39 30.96 50.21
C VAL G 113 -20.19 32.20 50.58
N LYS G 114 -21.20 32.02 51.46
CA LYS G 114 -22.08 33.14 51.80
C LYS G 114 -21.28 34.31 52.37
N ALA G 115 -20.38 34.02 53.31
CA ALA G 115 -19.60 35.08 53.92
C ALA G 115 -18.69 35.75 52.90
N VAL G 116 -18.21 35.01 51.91
CA VAL G 116 -17.41 35.63 50.86
C VAL G 116 -18.25 36.60 50.04
N VAL G 117 -19.47 36.18 49.69
CA VAL G 117 -20.32 37.01 48.82
C VAL G 117 -20.58 38.36 49.47
N PHE G 118 -20.93 38.35 50.76
CA PHE G 118 -21.32 39.58 51.42
C PHE G 118 -20.13 40.41 51.91
N THR G 119 -19.04 39.79 52.33
CA THR G 119 -17.84 40.57 52.65
C THR G 119 -17.40 41.37 51.44
N VAL G 120 -17.42 40.77 50.26
CA VAL G 120 -17.05 41.50 49.06
C VAL G 120 -18.08 42.60 48.79
N GLN G 121 -19.37 42.29 48.93
CA GLN G 121 -20.42 43.29 48.59
C GLN G 121 -20.29 44.54 49.47
N LYS G 122 -20.15 44.35 50.78
CA LYS G 122 -20.02 45.49 51.74
C LYS G 122 -18.74 46.27 51.43
N ALA G 123 -17.67 45.59 51.05
CA ALA G 123 -16.36 46.22 50.76
C ALA G 123 -16.43 47.19 49.56
N LEU G 124 -17.23 46.91 48.53
CA LEU G 124 -17.14 47.70 47.28
C LEU G 124 -17.40 49.19 47.46
N PRO G 125 -18.38 49.68 48.26
CA PRO G 125 -18.51 51.13 48.47
C PRO G 125 -17.15 51.76 48.80
N LEU G 126 -16.34 51.08 49.62
CA LEU G 126 -15.03 51.59 50.05
C LEU G 126 -13.96 51.44 48.97
N MET G 127 -14.13 50.55 48.02
CA MET G 127 -13.03 50.22 47.12
C MET G 127 -12.98 51.16 45.93
N PRO G 128 -11.86 51.83 45.69
CA PRO G 128 -11.73 52.70 44.52
C PRO G 128 -11.42 51.89 43.26
N GLN G 129 -11.41 52.59 42.15
CA GLN G 129 -10.97 52.00 40.90
C GLN G 129 -9.51 51.59 40.99
N GLY G 130 -9.18 50.45 40.39
CA GLY G 130 -7.86 49.86 40.48
C GLY G 130 -7.63 48.98 41.69
N ALA G 131 -8.65 48.77 42.51
CA ALA G 131 -8.53 47.87 43.65
C ALA G 131 -8.41 46.42 43.19
N SER G 132 -7.83 45.60 44.05
CA SER G 132 -7.61 44.18 43.79
C SER G 132 -8.31 43.35 44.86
N ILE G 133 -9.12 42.38 44.42
CA ILE G 133 -9.75 41.42 45.32
C ILE G 133 -9.16 40.05 45.05
N ILE G 134 -8.76 39.36 46.11
CA ILE G 134 -8.26 37.99 46.01
C ILE G 134 -9.14 37.10 46.86
N LEU G 135 -9.66 36.03 46.25
CA LEU G 135 -10.56 35.09 46.90
C LEU G 135 -9.80 33.82 47.27
N ASN G 136 -10.14 33.24 48.42
CA ASN G 136 -9.55 32.00 48.90
C ASN G 136 -10.18 30.79 48.19
N GLY G 137 -9.41 30.13 47.35
CA GLY G 137 -9.82 28.91 46.68
C GLY G 137 -9.04 27.74 47.23
N SER G 138 -9.22 26.59 46.59
CA SER G 138 -8.46 25.41 46.94
C SER G 138 -8.35 24.50 45.73
N ILE G 139 -7.28 23.69 45.70
CA ILE G 139 -7.24 22.61 44.73
C ILE G 139 -8.36 21.59 44.99
N LYS G 140 -8.89 21.54 46.22
CA LYS G 140 -10.04 20.68 46.50
C LYS G 140 -11.26 21.10 45.70
N GLY G 141 -11.30 22.36 45.26
CA GLY G 141 -12.40 22.83 44.42
C GLY G 141 -12.45 22.19 43.06
N SER G 142 -11.30 21.79 42.52
CA SER G 142 -11.23 21.19 41.20
C SER G 142 -10.86 19.71 41.26
N THR G 143 -10.82 19.10 42.44
CA THR G 143 -10.42 17.71 42.59
C THR G 143 -11.46 16.96 43.42
N GLY G 144 -11.25 15.65 43.53
CA GLY G 144 -12.07 14.78 44.36
C GLY G 144 -11.30 14.32 45.57
N THR G 145 -11.89 14.50 46.75
CA THR G 145 -11.32 14.00 47.98
C THR G 145 -12.42 13.31 48.77
N GLN G 146 -12.18 12.06 49.16
CA GLN G 146 -13.18 11.29 49.88
C GLN G 146 -13.49 11.95 51.21
N ALA G 147 -14.80 12.04 51.53
CA ALA G 147 -15.36 12.65 52.73
C ALA G 147 -15.23 14.17 52.76
N PHE G 148 -14.85 14.79 51.63
CA PHE G 148 -14.70 16.23 51.56
C PHE G 148 -15.56 16.88 50.49
N SER G 149 -16.70 16.26 50.13
CA SER G 149 -17.47 16.74 48.99
C SER G 149 -17.98 18.16 49.23
N ILE G 150 -18.48 18.43 50.44
CA ILE G 150 -19.05 19.75 50.72
C ILE G 150 -17.97 20.83 50.66
N TYR G 151 -16.78 20.56 51.22
CA TYR G 151 -15.71 21.57 51.19
C TYR G 151 -15.28 21.87 49.76
N GLY G 152 -15.03 20.81 48.98
CA GLY G 152 -14.62 21.04 47.60
C GLY G 152 -15.66 21.80 46.81
N ALA G 153 -16.94 21.46 47.02
CA ALA G 153 -18.00 22.21 46.34
C ALA G 153 -17.98 23.69 46.73
N SER G 154 -17.78 23.98 48.02
CA SER G 154 -17.73 25.36 48.48
C SER G 154 -16.57 26.11 47.85
N LYS G 155 -15.39 25.49 47.78
CA LYS G 155 -14.25 26.16 47.15
C LYS G 155 -14.50 26.35 45.65
N ALA G 156 -15.14 25.37 45.01
CA ALA G 156 -15.47 25.54 43.59
C ALA G 156 -16.44 26.70 43.38
N ALA G 157 -17.40 26.88 44.31
CA ALA G 157 -18.30 28.04 44.19
C ALA G 157 -17.51 29.35 44.26
N VAL G 158 -16.53 29.42 45.17
CA VAL G 158 -15.72 30.64 45.32
C VAL G 158 -15.03 30.97 44.01
N ARG G 159 -14.41 29.98 43.37
CA ARG G 159 -13.71 30.26 42.12
C ARG G 159 -14.67 30.77 41.07
N ALA G 160 -15.86 30.16 40.98
CA ALA G 160 -16.82 30.56 39.95
C ALA G 160 -17.30 31.99 40.16
N LEU G 161 -17.46 32.41 41.42
CA LEU G 161 -17.90 33.77 41.70
C LEU G 161 -17.04 34.80 40.97
N ALA G 162 -15.72 34.57 40.97
CA ALA G 162 -14.79 35.52 40.37
C ALA G 162 -15.06 35.70 38.88
N ARG G 163 -15.45 34.63 38.18
CA ARG G 163 -15.62 34.75 36.74
C ARG G 163 -16.74 35.74 36.42
N SER G 164 -17.87 35.64 37.11
CA SER G 164 -18.96 36.58 36.86
C SER G 164 -18.66 37.96 37.44
N TRP G 165 -18.02 38.02 38.62
CA TRP G 165 -17.74 39.30 39.26
C TRP G 165 -16.82 40.16 38.41
N VAL G 166 -16.01 39.54 37.55
CA VAL G 166 -15.21 40.32 36.60
C VAL G 166 -16.12 41.19 35.77
N LEU G 167 -17.22 40.60 35.28
CA LEU G 167 -18.17 41.33 34.44
C LEU G 167 -18.96 42.35 35.25
N ASP G 168 -19.40 41.99 36.46
CA ASP G 168 -20.10 42.93 37.31
C ASP G 168 -19.22 44.13 37.65
N LEU G 169 -17.95 43.89 37.99
CA LEU G 169 -17.08 45.01 38.47
C LEU G 169 -16.31 45.67 37.33
N LYS G 170 -16.64 45.38 36.08
CA LYS G 170 -15.82 45.93 34.97
C LYS G 170 -15.88 47.46 34.97
N GLU G 171 -17.06 48.04 35.19
CA GLU G 171 -17.24 49.52 35.21
C GLU G 171 -16.41 50.20 36.30
N ARG G 172 -16.41 49.63 37.50
CA ARG G 172 -15.62 50.18 38.64
C ARG G 172 -14.11 50.00 38.41
N GLY G 173 -13.73 48.96 37.67
CA GLY G 173 -12.30 48.64 37.45
C GLY G 173 -11.68 47.83 38.57
N ILE G 174 -12.47 47.38 39.54
CA ILE G 174 -11.95 46.45 40.58
C ILE G 174 -11.73 45.12 39.86
N ARG G 175 -10.76 44.42 40.30
CA ARG G 175 -10.47 43.13 39.61
C ARG G 175 -10.60 42.03 40.67
N VAL G 176 -11.00 40.80 40.19
CA VAL G 176 -11.17 39.69 41.12
C VAL G 176 -10.36 38.51 40.62
N ASN G 177 -9.59 37.89 41.51
CA ASN G 177 -8.81 36.73 41.15
C ASN G 177 -8.79 35.77 42.33
N VAL G 178 -8.40 34.52 42.05
CA VAL G 178 -8.47 33.44 43.02
C VAL G 178 -7.09 32.84 43.23
N VAL G 179 -6.69 32.68 44.48
CA VAL G 179 -5.52 31.87 44.81
C VAL G 179 -6.01 30.52 45.32
N SER G 180 -5.53 29.43 44.72
CA SER G 180 -5.90 28.10 45.18
C SER G 180 -4.68 27.37 45.73
N PRO G 181 -4.51 27.33 47.05
CA PRO G 181 -3.36 26.61 47.60
C PRO G 181 -3.59 25.11 47.60
N GLY G 182 -2.51 24.38 47.38
CA GLY G 182 -2.41 22.99 47.73
C GLY G 182 -2.17 22.84 49.22
N SER G 183 -1.59 21.70 49.58
CA SER G 183 -1.35 21.41 51.02
C SER G 183 -0.34 22.41 51.59
N THR G 184 -0.81 23.26 52.51
CA THR G 184 0.08 24.28 53.12
C THR G 184 0.15 23.99 54.62
N ARG G 185 1.34 23.93 55.22
CA ARG G 185 1.32 23.59 56.65
C ARG G 185 0.58 24.71 57.34
N THR G 186 -0.38 24.37 58.21
CA THR G 186 -1.21 25.40 58.88
C THR G 186 -1.76 24.81 60.18
N ILE G 187 -2.17 25.66 61.10
CA ILE G 187 -2.82 25.14 62.34
C ILE G 187 -4.12 24.47 61.90
N GLY G 188 -4.76 25.01 60.85
CA GLY G 188 -5.98 24.39 60.37
C GLY G 188 -5.75 23.02 59.76
N LEU G 189 -4.69 22.88 58.97
CA LEU G 189 -4.35 21.57 58.39
C LEU G 189 -3.98 20.58 59.47
N ALA G 190 -3.22 21.04 60.48
CA ALA G 190 -2.82 20.15 61.55
C ALA G 190 -4.03 19.62 62.31
N GLU G 191 -5.00 20.49 62.62
CA GLU G 191 -6.17 20.06 63.38
C GLU G 191 -6.99 19.02 62.63
N LEU G 192 -7.04 19.11 61.29
CA LEU G 192 -7.70 18.10 60.49
C LEU G 192 -7.05 16.73 60.63
N GLY G 193 -5.74 16.69 60.83
CA GLY G 193 -5.04 15.43 60.93
C GLY G 193 -5.48 14.59 62.10
N GLY G 194 -5.80 15.21 63.21
CA GLY G 194 -6.24 14.40 64.31
C GLY G 194 -6.13 15.13 65.62
N ASP G 195 -6.67 14.46 66.60
CA ASP G 195 -6.87 15.04 67.89
C ASP G 195 -5.56 14.97 68.63
N THR G 196 -4.83 13.93 68.27
CA THR G 196 -3.60 13.49 68.90
C THR G 196 -2.44 14.24 68.26
N GLN G 197 -1.39 14.50 69.03
CA GLN G 197 -0.25 15.22 68.47
C GLN G 197 0.51 14.43 67.38
N GLU G 198 0.63 13.11 67.50
CA GLU G 198 1.21 12.44 66.31
C GLU G 198 0.19 11.69 65.47
N GLY G 199 -1.09 11.91 65.73
CA GLY G 199 -2.09 11.67 64.72
C GLY G 199 -1.98 12.68 63.60
N GLN G 200 -1.79 13.96 63.95
CA GLN G 200 -1.47 15.03 63.00
C GLN G 200 -0.11 14.91 62.34
N ASP G 201 0.93 14.50 63.06
CA ASP G 201 2.22 14.45 62.40
C ASP G 201 2.21 13.44 61.26
N GLY G 202 1.59 12.28 61.49
CA GLY G 202 1.45 11.30 60.43
C GLY G 202 0.61 11.80 59.27
N THR G 203 -0.47 12.53 59.59
CA THR G 203 -1.35 13.06 58.54
C THR G 203 -0.62 14.08 57.68
N LEU G 204 0.08 15.04 58.31
CA LEU G 204 0.81 16.04 57.52
C LEU G 204 1.92 15.38 56.71
N ALA G 205 2.62 14.41 57.32
CA ALA G 205 3.66 13.69 56.58
C ALA G 205 3.08 12.93 55.41
N TYR G 206 1.89 12.32 55.60
CA TYR G 206 1.23 11.64 54.50
C TYR G 206 0.83 12.64 53.41
N LEU G 207 0.30 13.79 53.80
CA LEU G 207 -0.05 14.80 52.81
C LEU G 207 1.19 15.27 52.04
N ALA G 208 2.33 15.38 52.73
CA ALA G 208 3.56 15.80 52.05
C ALA G 208 3.96 14.80 50.98
N SER G 209 3.72 13.51 51.20
CA SER G 209 4.00 12.50 50.18
C SER G 209 3.12 12.69 48.95
N LEU G 210 1.90 13.22 49.14
CA LEU G 210 1.02 13.51 48.01
C LEU G 210 1.54 14.66 47.15
N VAL G 211 2.23 15.62 47.76
CA VAL G 211 2.77 16.74 46.98
C VAL G 211 3.95 16.25 46.16
N PRO G 212 4.02 16.53 44.86
CA PRO G 212 5.18 16.08 44.07
C PRO G 212 6.51 16.63 44.57
N ILE G 213 6.55 17.90 44.98
CA ILE G 213 7.77 18.47 45.54
C ILE G 213 8.13 17.79 46.87
N GLY G 214 7.17 17.08 47.48
CA GLY G 214 7.43 16.27 48.65
C GLY G 214 7.34 17.01 49.96
N ARG G 215 6.97 18.29 49.96
CA ARG G 215 6.81 19.04 51.19
C ARG G 215 5.50 19.80 51.18
N LEU G 216 4.94 20.01 52.37
CA LEU G 216 3.89 20.99 52.53
C LEU G 216 4.44 22.39 52.33
N ALA G 217 3.58 23.30 51.86
CA ALA G 217 3.99 24.68 51.67
C ALA G 217 4.04 25.41 53.01
N ASP G 218 5.00 26.32 53.13
CA ASP G 218 4.92 27.31 54.19
C ASP G 218 3.88 28.36 53.83
N PRO G 219 3.10 28.85 54.79
CA PRO G 219 2.06 29.84 54.46
C PRO G 219 2.60 31.03 53.69
N SER G 220 3.84 31.43 53.95
CA SER G 220 4.44 32.55 53.25
C SER G 220 4.52 32.32 51.74
N GLU G 221 4.72 31.07 51.32
CA GLU G 221 4.80 30.80 49.88
C GLU G 221 3.48 31.09 49.18
N ILE G 222 2.35 30.82 49.87
CA ILE G 222 1.05 31.21 49.34
C ILE G 222 0.88 32.72 49.44
N ALA G 223 1.33 33.31 50.54
CA ALA G 223 1.18 34.75 50.75
C ALA G 223 1.84 35.53 49.63
N LYS G 224 2.96 35.03 49.11
CA LYS G 224 3.62 35.70 48.00
C LYS G 224 2.70 35.78 46.80
N VAL G 225 1.85 34.78 46.60
CA VAL G 225 0.92 34.75 45.46
C VAL G 225 -0.15 35.84 45.60
N VAL G 226 -0.68 36.02 46.82
CA VAL G 226 -1.69 37.06 47.02
C VAL G 226 -1.08 38.43 46.76
N SER G 227 0.13 38.67 47.29
CA SER G 227 0.79 39.96 47.11
C SER G 227 0.98 40.25 45.63
N PHE G 228 1.37 39.23 44.86
CA PHE G 228 1.49 39.46 43.43
C PHE G 228 0.15 39.85 42.84
N LEU G 229 -0.92 39.12 43.19
CA LEU G 229 -2.24 39.47 42.67
C LEU G 229 -2.70 40.81 43.23
N ALA G 230 -2.43 41.07 44.52
CA ALA G 230 -2.76 42.35 45.10
C ALA G 230 -1.93 43.47 44.47
N SER G 231 -0.70 43.17 44.05
CA SER G 231 0.13 44.20 43.47
C SER G 231 -0.37 44.58 42.08
N ASP G 232 0.01 45.78 41.64
CA ASP G 232 -0.32 46.29 40.32
C ASP G 232 0.42 45.60 39.19
N ASP G 233 1.42 44.77 39.50
CA ASP G 233 2.13 44.07 38.43
C ASP G 233 1.19 43.15 37.66
N SER G 234 0.16 42.64 38.32
CA SER G 234 -0.81 41.73 37.73
C SER G 234 -1.95 42.45 37.01
N SER G 235 -1.69 43.61 36.42
CA SER G 235 -2.77 44.48 35.92
C SER G 235 -3.64 43.75 34.89
N PHE G 236 -3.04 42.87 34.10
CA PHE G 236 -3.78 42.12 33.10
C PHE G 236 -4.34 40.79 33.60
N ILE G 237 -4.21 40.48 34.89
CA ILE G 237 -4.81 39.26 35.46
C ILE G 237 -6.21 39.63 35.95
N ASN G 238 -7.24 38.96 35.41
CA ASN G 238 -8.59 39.22 35.87
C ASN G 238 -9.45 37.96 35.81
N GLY G 239 -10.13 37.65 36.92
CA GLY G 239 -10.96 36.47 36.94
C GLY G 239 -10.21 35.16 36.91
N ALA G 240 -8.89 35.20 37.08
CA ALA G 240 -8.04 34.04 36.93
C ALA G 240 -7.87 33.31 38.24
N GLU G 241 -7.42 32.06 38.14
CA GLU G 241 -7.04 31.26 39.27
C GLU G 241 -5.54 30.99 39.18
N ILE G 242 -4.82 31.26 40.27
CA ILE G 242 -3.41 30.93 40.38
C ILE G 242 -3.26 29.81 41.40
N THR G 243 -2.80 28.64 40.96
CA THR G 243 -2.77 27.48 41.89
C THR G 243 -1.36 27.12 42.32
N ALA G 244 -1.01 27.33 43.58
CA ALA G 244 0.30 26.81 44.04
C ALA G 244 0.01 25.51 44.80
N ASP G 245 0.25 24.37 44.15
CA ASP G 245 -0.03 23.06 44.78
C ASP G 245 1.25 22.23 44.91
N GLY G 246 2.38 22.75 44.45
CA GLY G 246 3.60 21.92 44.41
C GLY G 246 3.50 21.01 43.21
N GLY G 247 2.51 21.25 42.34
CA GLY G 247 2.28 20.39 41.16
C GLY G 247 1.28 19.30 41.44
N GLN G 248 0.68 19.28 42.63
CA GLN G 248 -0.19 18.15 42.99
C GLN G 248 -1.41 18.07 42.09
N ALA G 249 -2.17 19.16 41.98
CA ALA G 249 -3.32 19.17 41.09
C ALA G 249 -2.92 19.35 39.64
N GLN G 250 -1.70 19.84 39.38
CA GLN G 250 -1.25 20.03 38.01
C GLN G 250 -0.92 18.71 37.31
N VAL G 251 -0.40 17.74 38.04
CA VAL G 251 -0.10 16.43 37.43
C VAL G 251 -1.39 15.58 37.40
N LEU H 5 15.97 39.28 41.90
CA LEU H 5 16.49 38.39 40.88
C LEU H 5 17.95 38.62 40.59
N GLU H 6 18.60 39.48 41.37
CA GLU H 6 20.01 39.76 41.21
C GLU H 6 20.82 38.53 41.58
N GLY H 7 21.89 38.28 40.84
CA GLY H 7 22.72 37.11 41.05
C GLY H 7 22.23 35.83 40.38
N LYS H 8 21.10 35.88 39.68
CA LYS H 8 20.56 34.74 38.96
C LYS H 8 20.80 34.93 37.47
N VAL H 9 21.04 33.83 36.76
CA VAL H 9 21.29 33.86 35.32
C VAL H 9 20.02 33.48 34.59
N ALA H 10 19.65 34.26 33.59
CA ALA H 10 18.42 34.07 32.83
C ALA H 10 18.75 33.97 31.35
N LEU H 11 18.10 33.05 30.67
CA LEU H 11 18.13 32.96 29.22
C LEU H 11 16.71 33.18 28.73
N VAL H 12 16.55 34.13 27.81
CA VAL H 12 15.27 34.39 27.19
C VAL H 12 15.44 34.14 25.71
N THR H 13 14.82 33.08 25.20
CA THR H 13 14.75 32.86 23.78
C THR H 13 13.72 33.77 23.14
N GLY H 14 14.00 34.21 21.92
CA GLY H 14 13.15 35.21 21.29
C GLY H 14 13.06 36.49 22.08
N GLY H 15 14.17 36.89 22.71
CA GLY H 15 14.24 38.06 23.54
C GLY H 15 14.25 39.38 22.78
N THR H 16 14.43 39.33 21.45
CA THR H 16 14.65 40.57 20.72
C THR H 16 13.38 41.41 20.62
N SER H 17 12.21 40.76 20.57
CA SER H 17 10.96 41.45 20.31
C SER H 17 9.88 40.96 21.28
N GLY H 18 8.81 41.76 21.35
CA GLY H 18 7.60 41.32 22.03
C GLY H 18 7.80 41.04 23.50
N ILE H 19 7.11 40.02 24.00
CA ILE H 19 7.13 39.75 25.47
C ILE H 19 8.56 39.49 25.96
N GLY H 20 9.38 38.84 25.15
CA GLY H 20 10.72 38.46 25.64
C GLY H 20 11.54 39.70 25.97
N LEU H 21 11.46 40.73 25.12
CA LEU H 21 12.24 41.95 25.36
C LEU H 21 11.79 42.60 26.67
N ALA H 22 10.47 42.66 26.89
CA ALA H 22 9.97 43.22 28.17
C ALA H 22 10.42 42.32 29.32
N THR H 23 10.35 41.01 29.12
CA THR H 23 10.75 40.08 30.20
C THR H 23 12.24 40.26 30.47
N ALA H 24 13.04 40.39 29.42
CA ALA H 24 14.49 40.53 29.62
C ALA H 24 14.75 41.83 30.38
N LYS H 25 14.05 42.90 30.00
CA LYS H 25 14.21 44.19 30.72
C LYS H 25 13.73 44.01 32.16
N ASP H 26 12.60 43.32 32.34
CA ASP H 26 12.04 43.13 33.71
C ASP H 26 13.03 42.33 34.54
N LEU H 27 13.62 41.29 33.93
CA LEU H 27 14.63 40.48 34.66
C LEU H 27 15.85 41.36 34.90
N ALA H 28 16.33 42.02 33.85
CA ALA H 28 17.52 42.85 33.99
C ALA H 28 17.28 43.96 35.01
N ALA H 29 16.09 44.57 34.97
CA ALA H 29 15.77 45.58 35.98
C ALA H 29 15.79 44.97 37.38
N GLN H 30 15.35 43.73 37.51
CA GLN H 30 15.40 43.03 38.79
C GLN H 30 16.83 42.68 39.19
N GLY H 31 17.81 42.95 38.34
CA GLY H 31 19.19 42.62 38.61
C GLY H 31 19.62 41.30 38.03
N ALA H 32 18.77 40.61 37.28
CA ALA H 32 19.19 39.36 36.68
C ALA H 32 20.16 39.54 35.53
N ARG H 33 21.09 38.59 35.43
CA ARG H 33 22.02 38.43 34.34
C ARG H 33 21.22 37.94 33.13
N VAL H 34 21.19 38.64 32.00
CA VAL H 34 20.24 38.17 31.00
C VAL H 34 20.94 37.92 29.69
N ILE H 35 20.65 36.76 29.09
CA ILE H 35 21.05 36.38 27.74
C ILE H 35 19.81 36.26 26.86
N ILE H 36 19.83 36.90 25.69
CA ILE H 36 18.72 36.87 24.74
C ILE H 36 19.21 36.34 23.39
N THR H 37 18.34 35.65 22.66
CA THR H 37 18.68 35.09 21.34
C THR H 37 17.81 35.61 20.22
N GLY H 38 18.42 35.81 19.06
CA GLY H 38 17.70 36.16 17.86
C GLY H 38 18.24 35.42 16.66
N ARG H 39 17.33 35.13 15.73
CA ARG H 39 17.72 34.36 14.56
C ARG H 39 18.56 35.19 13.60
N ARG H 40 18.21 36.48 13.46
CA ARG H 40 18.78 37.36 12.45
C ARG H 40 19.73 38.31 13.14
N GLN H 41 20.96 38.41 12.62
CA GLN H 41 22.02 39.12 13.33
C GLN H 41 21.75 40.61 13.46
N ALA H 42 21.32 41.26 12.38
CA ALA H 42 21.15 42.72 12.39
C ALA H 42 20.11 43.16 13.41
N GLU H 43 18.91 42.58 13.35
CA GLU H 43 17.87 42.92 14.31
C GLU H 43 18.24 42.47 15.72
N LEU H 44 18.87 41.29 15.85
CA LEU H 44 19.34 40.89 17.17
C LEU H 44 20.38 41.87 17.69
N ASP H 45 21.30 42.29 16.81
CA ASP H 45 22.27 43.30 17.20
C ASP H 45 21.57 44.60 17.57
N GLN H 46 20.59 45.00 16.76
CA GLN H 46 19.80 46.19 17.10
C GLN H 46 19.07 46.00 18.42
N ALA H 47 18.56 44.78 18.66
CA ALA H 47 17.82 44.46 19.88
C ALA H 47 18.72 44.54 21.11
N VAL H 48 19.91 43.93 21.06
CA VAL H 48 20.82 44.02 22.19
C VAL H 48 21.23 45.47 22.39
N ALA H 49 21.38 46.21 21.29
CA ALA H 49 21.70 47.63 21.37
C ALA H 49 20.55 48.40 22.00
N ALA H 50 19.34 48.14 21.49
CA ALA H 50 18.16 48.81 22.07
C ALA H 50 18.06 48.46 23.55
N LEU H 51 18.04 47.17 23.89
CA LEU H 51 17.81 46.80 25.31
C LEU H 51 18.94 47.33 26.20
N GLY H 52 20.20 47.17 25.76
CA GLY H 52 21.33 47.72 26.54
C GLY H 52 21.25 47.18 27.95
N GLN H 53 21.39 48.05 28.97
CA GLN H 53 21.15 47.68 30.40
C GLN H 53 22.00 46.47 30.81
N GLY H 54 23.23 46.35 30.33
CA GLY H 54 24.06 45.23 30.79
C GLY H 54 23.35 43.92 30.51
N VAL H 55 22.67 43.81 29.37
CA VAL H 55 22.00 42.53 28.98
C VAL H 55 22.88 41.90 27.91
N ARG H 56 23.18 40.62 28.02
CA ARG H 56 24.12 40.00 27.05
C ARG H 56 23.30 39.39 25.90
N GLY H 57 23.87 39.34 24.69
CA GLY H 57 23.18 38.72 23.57
C GLY H 57 23.94 37.63 22.85
N VAL H 58 23.21 36.57 22.47
CA VAL H 58 23.72 35.46 21.64
C VAL H 58 22.79 35.21 20.45
N ARG H 59 23.34 35.09 19.25
CA ARG H 59 22.56 34.80 18.05
C ARG H 59 22.31 33.31 17.90
N SER H 60 21.04 32.90 17.86
CA SER H 60 20.69 31.48 17.71
C SER H 60 19.33 31.33 17.04
N ASP H 61 19.19 30.24 16.28
CA ASP H 61 17.93 29.78 15.69
C ASP H 61 17.53 28.49 16.39
N VAL H 62 16.35 28.48 17.03
CA VAL H 62 15.97 27.35 17.87
C VAL H 62 15.67 26.08 17.06
N THR H 63 15.21 26.20 15.82
CA THR H 63 15.03 25.02 14.98
C THR H 63 16.38 24.41 14.63
N ARG H 64 17.43 25.22 14.72
CA ARG H 64 18.77 24.84 14.35
C ARG H 64 19.33 23.97 15.50
N SER H 65 19.68 22.69 15.26
CA SER H 65 20.13 21.86 16.38
C SER H 65 21.51 22.29 16.97
N ALA H 66 22.41 22.79 16.12
CA ALA H 66 23.74 23.19 16.62
C ALA H 66 23.74 24.50 17.39
N ASP H 67 22.88 25.45 16.99
CA ASP H 67 22.81 26.75 17.67
C ASP H 67 22.42 26.59 19.13
N LEU H 68 21.51 25.67 19.41
CA LEU H 68 21.15 25.39 20.78
C LEU H 68 22.36 24.90 21.56
N ASP H 69 23.14 24.02 20.94
CA ASP H 69 24.37 23.51 21.60
C ASP H 69 25.30 24.69 21.89
N ALA H 70 25.59 25.51 20.89
CA ALA H 70 26.56 26.61 21.07
C ALA H 70 26.08 27.60 22.13
N LEU H 71 24.79 27.95 22.11
CA LEU H 71 24.32 28.99 23.07
C LEU H 71 24.51 28.46 24.49
N PHE H 72 24.16 27.19 24.71
CA PHE H 72 24.28 26.58 26.05
C PHE H 72 25.76 26.53 26.47
N GLU H 73 26.64 26.23 25.51
CA GLU H 73 28.09 26.15 25.82
C GLU H 73 28.57 27.52 26.28
N THR H 74 28.10 28.58 25.62
CA THR H 74 28.55 29.96 25.95
C THR H 74 28.14 30.26 27.39
N ILE H 75 26.92 29.86 27.77
CA ILE H 75 26.44 30.11 29.15
C ILE H 75 27.29 29.28 30.12
N ARG H 76 27.52 28.00 29.82
CA ARG H 76 28.26 27.22 30.81
C ARG H 76 29.66 27.81 30.92
N ALA H 77 30.17 28.32 29.79
CA ALA H 77 31.53 28.88 29.74
C ALA H 77 31.66 30.14 30.60
N THR H 78 30.61 30.97 30.63
CA THR H 78 30.70 32.26 31.32
C THR H 78 30.23 32.13 32.78
N GLU H 79 28.93 31.91 32.97
CA GLU H 79 28.38 31.82 34.33
C GLU H 79 28.40 30.43 34.94
N GLY H 80 28.27 29.39 34.13
CA GLY H 80 28.27 28.07 34.74
C GLY H 80 26.94 27.66 35.33
N ARG H 81 25.89 28.45 35.14
CA ARG H 81 24.57 28.16 35.71
C ARG H 81 23.50 28.80 34.87
N LEU H 82 22.29 28.24 34.97
CA LEU H 82 21.09 28.79 34.35
C LEU H 82 20.00 28.73 35.43
N ASP H 83 19.76 29.84 36.11
CA ASP H 83 18.73 29.84 37.15
C ASP H 83 17.33 30.03 36.57
N ILE H 84 17.21 30.79 35.50
CA ILE H 84 15.91 31.15 34.94
C ILE H 84 15.94 30.91 33.44
N LEU H 85 14.91 30.21 32.92
CA LEU H 85 14.74 30.00 31.48
C LEU H 85 13.31 30.35 31.08
N PHE H 86 13.16 31.22 30.09
CA PHE H 86 11.87 31.55 29.48
C PHE H 86 11.98 31.46 27.98
N THR H 87 11.10 30.70 27.35
CA THR H 87 11.08 30.56 25.90
C THR H 87 10.01 31.49 25.34
N ASN H 88 10.44 32.52 24.60
CA ASN H 88 9.52 33.42 23.92
C ASN H 88 9.68 33.35 22.42
N ALA H 89 10.45 32.38 21.92
CA ALA H 89 10.66 32.21 20.48
C ALA H 89 9.52 31.35 19.95
N GLY H 90 8.48 32.02 19.48
CA GLY H 90 7.33 31.32 18.94
C GLY H 90 6.64 32.22 17.95
N GLY H 91 5.96 31.61 17.00
CA GLY H 91 5.32 32.36 15.95
C GLY H 91 3.90 31.88 15.74
N ALA H 92 3.09 32.76 15.17
CA ALA H 92 1.71 32.43 14.84
C ALA H 92 1.49 32.70 13.36
N SER H 93 0.91 31.73 12.67
CA SER H 93 0.45 31.92 11.31
C SER H 93 -0.94 31.30 11.22
N MET H 94 -1.80 31.89 10.39
CA MET H 94 -3.20 31.49 10.34
C MET H 94 -3.47 30.72 9.05
N ALA H 95 -4.13 29.57 9.20
CA ALA H 95 -4.65 28.83 8.06
C ALA H 95 -5.91 28.12 8.53
N ALA H 96 -7.00 28.34 7.82
CA ALA H 96 -8.23 27.61 8.14
C ALA H 96 -8.14 26.18 7.65
N LEU H 97 -8.88 25.31 8.31
CA LEU H 97 -8.98 23.93 7.89
C LEU H 97 -9.52 23.85 6.48
N GLY H 98 -8.92 22.97 5.68
CA GLY H 98 -9.14 22.91 4.26
C GLY H 98 -8.10 23.67 3.47
N GLU H 99 -7.38 24.57 4.11
CA GLU H 99 -6.27 25.29 3.51
C GLU H 99 -4.95 25.07 4.24
N ILE H 100 -4.90 24.20 5.24
CA ILE H 100 -3.71 24.00 6.05
C ILE H 100 -2.67 23.22 5.23
N SER H 101 -1.48 23.79 5.10
CA SER H 101 -0.42 23.17 4.32
C SER H 101 0.54 22.38 5.19
N GLU H 102 1.12 21.32 4.62
CA GLU H 102 2.11 20.49 5.37
C GLU H 102 3.17 21.41 5.95
N GLN H 103 3.65 22.36 5.14
CA GLN H 103 4.70 23.30 5.60
C GLN H 103 4.17 24.13 6.76
N HIS H 104 2.91 24.56 6.67
CA HIS H 104 2.35 25.46 7.73
C HIS H 104 2.36 24.70 9.05
N PHE H 105 1.99 23.42 9.03
CA PHE H 105 2.00 22.61 10.27
C PHE H 105 3.45 22.44 10.72
N ASP H 106 4.31 21.98 9.83
CA ASP H 106 5.67 21.67 10.23
C ASP H 106 6.39 22.88 10.79
N ASP H 107 6.21 24.04 10.14
CA ASP H 107 6.85 25.26 10.61
C ASP H 107 6.32 25.63 11.97
N THR H 108 5.01 25.61 12.11
CA THR H 108 4.41 26.00 13.37
C THR H 108 4.90 25.11 14.49
N PHE H 109 4.89 23.80 14.28
CA PHE H 109 5.10 22.90 15.42
C PHE H 109 6.57 22.79 15.85
N GLU H 110 7.59 22.85 14.94
CA GLU H 110 8.93 22.65 15.52
C GLU H 110 9.42 23.95 16.11
N ARG H 111 8.87 25.08 15.65
CA ARG H 111 9.25 26.35 16.26
C ARG H 111 8.59 26.49 17.62
N ASN H 112 7.30 26.14 17.68
CA ASN H 112 6.41 26.28 18.81
C ASN H 112 6.58 25.17 19.84
N VAL H 113 6.83 23.93 19.41
CA VAL H 113 6.85 22.81 20.35
C VAL H 113 8.21 22.11 20.35
N LYS H 114 8.64 21.60 19.19
CA LYS H 114 9.89 20.84 19.11
C LYS H 114 11.06 21.66 19.63
N ALA H 115 11.15 22.94 19.23
CA ALA H 115 12.25 23.75 19.74
C ALA H 115 12.15 23.95 21.24
N VAL H 116 10.94 23.98 21.78
CA VAL H 116 10.79 24.16 23.23
C VAL H 116 11.34 22.96 23.99
N VAL H 117 10.99 21.74 23.55
CA VAL H 117 11.44 20.55 24.29
C VAL H 117 12.96 20.48 24.28
N PHE H 118 13.58 20.70 23.12
CA PHE H 118 15.02 20.56 23.02
C PHE H 118 15.78 21.75 23.63
N THR H 119 15.20 22.96 23.59
CA THR H 119 15.79 24.06 24.34
C THR H 119 15.81 23.76 25.83
N VAL H 120 14.69 23.23 26.35
CA VAL H 120 14.63 22.86 27.76
C VAL H 120 15.56 21.70 28.05
N GLN H 121 15.59 20.70 27.16
CA GLN H 121 16.42 19.53 27.40
C GLN H 121 17.89 19.90 27.47
N LYS H 122 18.37 20.68 26.50
CA LYS H 122 19.78 21.11 26.50
C LYS H 122 20.08 22.07 27.64
N ALA H 123 19.09 22.83 28.09
CA ALA H 123 19.33 23.77 29.19
C ALA H 123 19.61 23.04 30.49
N LEU H 124 19.04 21.85 30.66
CA LEU H 124 18.99 21.20 31.97
C LEU H 124 20.31 21.01 32.71
N PRO H 125 21.41 20.55 32.07
CA PRO H 125 22.65 20.39 32.83
C PRO H 125 23.14 21.70 33.45
N LEU H 126 22.87 22.84 32.78
CA LEU H 126 23.27 24.12 33.34
C LEU H 126 22.39 24.52 34.52
N MET H 127 21.19 23.98 34.60
CA MET H 127 20.22 24.52 35.54
C MET H 127 20.43 23.86 36.92
N PRO H 128 20.63 24.66 37.94
CA PRO H 128 20.79 24.08 39.28
C PRO H 128 19.46 23.72 39.89
N GLN H 129 19.52 23.10 41.07
CA GLN H 129 18.33 22.84 41.84
C GLN H 129 17.69 24.17 42.25
N GLY H 130 16.36 24.23 42.17
CA GLY H 130 15.64 25.46 42.41
C GLY H 130 15.54 26.39 41.22
N ALA H 131 16.03 25.98 40.06
CA ALA H 131 15.92 26.77 38.85
C ALA H 131 14.47 26.79 38.35
N SER H 132 14.15 27.83 37.55
CA SER H 132 12.79 28.07 37.08
C SER H 132 12.71 28.06 35.56
N ILE H 133 11.74 27.32 35.04
CA ILE H 133 11.46 27.26 33.61
C ILE H 133 10.07 27.87 33.35
N ILE H 134 10.00 28.74 32.35
CA ILE H 134 8.77 29.38 31.91
C ILE H 134 8.54 29.05 30.45
N LEU H 135 7.39 28.46 30.14
CA LEU H 135 7.06 28.15 28.76
C LEU H 135 6.04 29.17 28.27
N ASN H 136 6.15 29.55 27.00
CA ASN H 136 5.21 30.48 26.41
C ASN H 136 3.94 29.74 26.03
N GLY H 137 2.85 30.01 26.76
CA GLY H 137 1.55 29.46 26.45
C GLY H 137 0.64 30.57 25.97
N SER H 138 -0.62 30.20 25.70
CA SER H 138 -1.59 31.18 25.24
C SER H 138 -3.00 30.76 25.62
N ILE H 139 -3.89 31.76 25.74
CA ILE H 139 -5.31 31.45 25.82
C ILE H 139 -5.79 30.76 24.56
N LYS H 140 -5.06 30.94 23.45
CA LYS H 140 -5.41 30.21 22.23
C LYS H 140 -5.28 28.71 22.42
N GLY H 141 -4.46 28.26 23.38
CA GLY H 141 -4.33 26.83 23.62
C GLY H 141 -5.58 26.19 24.19
N SER H 142 -6.37 26.92 24.97
CA SER H 142 -7.56 26.41 25.63
C SER H 142 -8.86 26.94 25.04
N THR H 143 -8.83 27.66 23.92
CA THR H 143 -10.00 28.28 23.30
C THR H 143 -10.02 27.95 21.82
N GLY H 144 -11.11 28.36 21.15
CA GLY H 144 -11.24 28.21 19.71
C GLY H 144 -11.21 29.56 19.01
N THR H 145 -10.35 29.66 18.00
CA THR H 145 -10.31 30.82 17.11
C THR H 145 -10.28 30.32 15.67
N GLN H 146 -11.16 30.87 14.85
CA GLN H 146 -11.27 30.44 13.46
C GLN H 146 -9.95 30.67 12.72
N ALA H 147 -9.55 29.68 11.93
CA ALA H 147 -8.34 29.68 11.12
C ALA H 147 -7.06 29.60 11.95
N PHE H 148 -7.16 29.32 13.26
CA PHE H 148 -6.01 29.28 14.15
C PHE H 148 -5.79 27.92 14.81
N SER H 149 -6.29 26.84 14.19
CA SER H 149 -6.23 25.54 14.86
C SER H 149 -4.81 25.05 15.09
N ILE H 150 -3.95 25.15 14.07
CA ILE H 150 -2.58 24.66 14.22
C ILE H 150 -1.86 25.45 15.29
N TYR H 151 -2.06 26.77 15.31
CA TYR H 151 -1.42 27.57 16.34
C TYR H 151 -1.92 27.18 17.73
N GLY H 152 -3.24 27.03 17.87
CA GLY H 152 -3.79 26.67 19.17
C GLY H 152 -3.34 25.31 19.66
N ALA H 153 -3.27 24.34 18.76
CA ALA H 153 -2.80 23.01 19.16
C ALA H 153 -1.36 23.06 19.69
N SER H 154 -0.47 23.79 19.01
CA SER H 154 0.92 23.85 19.47
C SER H 154 1.00 24.49 20.85
N LYS H 155 0.18 25.52 21.08
CA LYS H 155 0.19 26.14 22.39
C LYS H 155 -0.35 25.21 23.47
N ALA H 156 -1.37 24.40 23.14
CA ALA H 156 -1.86 23.43 24.13
C ALA H 156 -0.79 22.41 24.47
N ALA H 157 -0.02 21.97 23.47
CA ALA H 157 1.08 21.05 23.73
C ALA H 157 2.08 21.65 24.71
N VAL H 158 2.38 22.94 24.56
CA VAL H 158 3.33 23.56 25.47
C VAL H 158 2.83 23.49 26.91
N ARG H 159 1.55 23.82 27.12
CA ARG H 159 1.01 23.75 28.47
C ARG H 159 1.07 22.32 29.00
N ALA H 160 0.79 21.34 28.14
CA ALA H 160 0.80 19.94 28.57
C ALA H 160 2.20 19.48 28.96
N LEU H 161 3.22 19.93 28.23
CA LEU H 161 4.59 19.52 28.55
C LEU H 161 4.92 19.81 30.01
N ALA H 162 4.46 20.95 30.51
CA ALA H 162 4.81 21.36 31.86
C ALA H 162 4.33 20.34 32.90
N ARG H 163 3.11 19.80 32.73
CA ARG H 163 2.59 18.91 33.76
C ARG H 163 3.42 17.65 33.88
N SER H 164 3.81 17.04 32.76
CA SER H 164 4.67 15.87 32.83
C SER H 164 6.10 16.24 33.26
N TRP H 165 6.63 17.38 32.78
CA TRP H 165 7.98 17.78 33.15
C TRP H 165 8.10 18.06 34.64
N VAL H 166 6.98 18.31 35.34
CA VAL H 166 7.06 18.38 36.80
C VAL H 166 7.61 17.09 37.36
N LEU H 167 7.10 15.96 36.87
CA LEU H 167 7.54 14.64 37.36
C LEU H 167 8.95 14.29 36.88
N ASP H 168 9.28 14.59 35.62
CA ASP H 168 10.64 14.34 35.16
C ASP H 168 11.66 15.13 35.97
N LEU H 169 11.32 16.36 36.33
CA LEU H 169 12.27 17.29 36.94
C LEU H 169 12.23 17.27 38.46
N LYS H 170 11.43 16.40 39.08
CA LYS H 170 11.26 16.50 40.54
C LYS H 170 12.57 16.24 41.27
N GLU H 171 13.39 15.31 40.78
CA GLU H 171 14.65 15.02 41.46
C GLU H 171 15.63 16.18 41.34
N ARG H 172 15.62 16.87 40.19
CA ARG H 172 16.54 17.99 40.02
C ARG H 172 16.11 19.21 40.82
N GLY H 173 14.83 19.28 41.21
CA GLY H 173 14.32 20.43 41.98
C GLY H 173 13.90 21.59 41.08
N ILE H 174 14.11 21.48 39.78
CA ILE H 174 13.69 22.56 38.82
C ILE H 174 12.16 22.61 38.74
N ARG H 175 11.58 23.80 38.59
CA ARG H 175 10.10 23.96 38.55
C ARG H 175 9.66 24.47 37.18
N VAL H 176 8.64 23.84 36.59
CA VAL H 176 8.17 24.22 35.23
C VAL H 176 6.78 24.83 35.32
N ASN H 177 6.59 26.07 34.84
CA ASN H 177 5.28 26.70 34.81
C ASN H 177 5.05 27.37 33.47
N VAL H 178 3.79 27.71 33.20
CA VAL H 178 3.39 28.27 31.90
C VAL H 178 2.69 29.61 32.13
N VAL H 179 3.11 30.62 31.38
CA VAL H 179 2.42 31.90 31.30
C VAL H 179 1.61 31.93 30.01
N SER H 180 0.32 32.22 30.12
CA SER H 180 -0.60 32.29 28.98
C SER H 180 -1.15 33.69 28.78
N PRO H 181 -0.64 34.45 27.81
CA PRO H 181 -1.19 35.76 27.54
C PRO H 181 -2.44 35.72 26.71
N GLY H 182 -3.33 36.66 26.99
CA GLY H 182 -4.32 37.03 26.02
C GLY H 182 -3.67 37.90 24.98
N SER H 183 -4.49 38.44 24.09
CA SER H 183 -3.97 39.35 23.06
C SER H 183 -3.45 40.63 23.69
N THR H 184 -2.17 40.91 23.44
CA THR H 184 -1.42 42.01 24.02
C THR H 184 -0.82 42.89 22.92
N ARG H 185 -0.86 44.21 23.14
CA ARG H 185 -0.06 45.13 22.31
C ARG H 185 1.44 44.82 22.26
N THR H 186 1.86 44.30 21.09
CA THR H 186 3.20 43.80 20.84
C THR H 186 3.54 43.92 19.36
N ILE H 187 4.84 43.87 19.09
CA ILE H 187 5.32 43.82 17.72
C ILE H 187 4.77 42.59 17.01
N GLY H 188 4.76 41.45 17.71
CA GLY H 188 4.26 40.23 17.10
C GLY H 188 2.77 40.26 16.80
N LEU H 189 1.97 40.75 17.75
CA LEU H 189 0.53 40.86 17.52
C LEU H 189 0.21 41.88 16.43
N ALA H 190 0.96 42.98 16.39
CA ALA H 190 0.70 44.01 15.38
C ALA H 190 0.88 43.45 13.97
N GLU H 191 1.91 42.64 13.75
CA GLU H 191 2.12 42.06 12.44
C GLU H 191 1.00 41.09 12.07
N LEU H 192 0.42 40.42 13.07
CA LEU H 192 -0.72 39.54 12.81
C LEU H 192 -1.92 40.29 12.26
N GLY H 193 -2.11 41.54 12.71
CA GLY H 193 -3.29 42.33 12.31
C GLY H 193 -3.42 42.54 10.82
N GLY H 202 -8.62 48.03 12.42
CA GLY H 202 -9.92 47.40 12.63
C GLY H 202 -9.81 46.20 13.55
N THR H 203 -8.76 45.39 13.38
CA THR H 203 -8.53 44.26 14.27
C THR H 203 -8.16 44.69 15.70
N LEU H 204 -7.32 45.72 15.85
CA LEU H 204 -6.94 46.17 17.18
C LEU H 204 -8.15 46.64 17.98
N ALA H 205 -9.06 47.37 17.35
CA ALA H 205 -10.24 47.81 18.07
C ALA H 205 -11.12 46.62 18.44
N TYR H 206 -11.27 45.67 17.51
CA TYR H 206 -12.09 44.49 17.78
C TYR H 206 -11.50 43.63 18.89
N LEU H 207 -10.17 43.40 18.85
CA LEU H 207 -9.54 42.57 19.86
C LEU H 207 -9.69 43.18 21.26
N ALA H 208 -9.58 44.50 21.37
CA ALA H 208 -9.76 45.15 22.67
C ALA H 208 -11.20 44.98 23.18
N SER H 209 -12.18 44.95 22.28
CA SER H 209 -13.56 44.76 22.70
C SER H 209 -13.77 43.38 23.31
N LEU H 210 -13.01 42.37 22.86
CA LEU H 210 -13.11 41.03 23.42
C LEU H 210 -12.59 40.97 24.84
N VAL H 211 -11.65 41.84 25.19
CA VAL H 211 -11.12 41.82 26.56
C VAL H 211 -12.15 42.44 27.51
N PRO H 212 -12.50 41.78 28.61
CA PRO H 212 -13.47 42.39 29.53
C PRO H 212 -13.04 43.75 30.03
N ILE H 213 -11.78 43.92 30.41
CA ILE H 213 -11.28 45.23 30.83
C ILE H 213 -11.18 46.21 29.67
N GLY H 214 -11.28 45.73 28.44
CA GLY H 214 -11.44 46.60 27.29
C GLY H 214 -10.17 47.12 26.66
N ARG H 215 -9.01 46.75 27.16
CA ARG H 215 -7.74 47.14 26.57
C ARG H 215 -6.85 45.93 26.35
N LEU H 216 -6.06 45.99 25.27
CA LEU H 216 -4.97 45.05 25.03
C LEU H 216 -3.89 45.22 26.09
N ALA H 217 -3.13 44.15 26.33
CA ALA H 217 -2.07 44.22 27.34
C ALA H 217 -0.83 44.93 26.84
N ASP H 218 -0.20 45.66 27.75
CA ASP H 218 1.19 46.08 27.57
C ASP H 218 2.13 44.90 27.86
N PRO H 219 3.18 44.72 27.04
CA PRO H 219 4.08 43.58 27.25
C PRO H 219 4.66 43.53 28.64
N SER H 220 4.91 44.68 29.24
CA SER H 220 5.43 44.69 30.60
C SER H 220 4.48 44.01 31.56
N GLU H 221 3.17 44.11 31.32
CA GLU H 221 2.19 43.47 32.21
C GLU H 221 2.34 41.95 32.20
N ILE H 222 2.67 41.39 31.05
CA ILE H 222 2.98 39.96 30.97
C ILE H 222 4.31 39.66 31.65
N ALA H 223 5.31 40.53 31.47
CA ALA H 223 6.63 40.29 32.03
C ALA H 223 6.59 40.19 33.55
N LYS H 224 5.73 40.97 34.19
CA LYS H 224 5.67 40.93 35.65
C LYS H 224 5.30 39.55 36.16
N VAL H 225 4.43 38.83 35.45
CA VAL H 225 4.10 37.47 35.89
C VAL H 225 5.29 36.54 35.68
N VAL H 226 5.97 36.66 34.53
CA VAL H 226 7.15 35.83 34.28
C VAL H 226 8.21 36.14 35.34
N SER H 227 8.39 37.42 35.67
CA SER H 227 9.33 37.77 36.73
C SER H 227 8.90 37.18 38.06
N PHE H 228 7.61 37.26 38.37
CA PHE H 228 7.11 36.62 39.59
C PHE H 228 7.36 35.13 39.53
N LEU H 229 7.08 34.51 38.38
CA LEU H 229 7.34 33.09 38.25
C LEU H 229 8.84 32.82 38.29
N ALA H 230 9.66 33.66 37.65
CA ALA H 230 11.10 33.46 37.76
C ALA H 230 11.61 33.65 39.18
N SER H 231 10.99 34.54 39.96
CA SER H 231 11.47 34.80 41.30
C SER H 231 11.22 33.62 42.23
N ASP H 232 11.93 33.60 43.35
CA ASP H 232 11.75 32.56 44.35
C ASP H 232 10.39 32.64 45.05
N ASP H 233 9.64 33.73 44.85
CA ASP H 233 8.32 33.86 45.48
C ASP H 233 7.39 32.75 45.06
N SER H 234 7.55 32.24 43.85
CA SER H 234 6.72 31.19 43.27
C SER H 234 7.20 29.77 43.63
N SER H 235 7.76 29.59 44.84
CA SER H 235 8.40 28.33 45.19
C SER H 235 7.44 27.15 45.15
N PHE H 236 6.18 27.35 45.54
CA PHE H 236 5.20 26.27 45.54
C PHE H 236 4.44 26.14 44.23
N ILE H 237 4.74 26.96 43.22
CA ILE H 237 4.07 26.87 41.94
C ILE H 237 4.87 25.96 41.01
N ASN H 238 4.25 24.88 40.56
CA ASN H 238 4.86 23.91 39.64
C ASN H 238 3.79 23.32 38.75
N GLY H 239 4.07 23.25 37.45
CA GLY H 239 3.14 22.72 36.47
C GLY H 239 1.92 23.59 36.22
N ALA H 240 1.85 24.76 36.85
CA ALA H 240 0.66 25.59 36.83
C ALA H 240 0.67 26.51 35.63
N GLU H 241 -0.52 26.97 35.28
CA GLU H 241 -0.71 27.95 34.22
C GLU H 241 -1.25 29.23 34.82
N ILE H 242 -0.56 30.34 34.58
CA ILE H 242 -1.03 31.67 34.96
C ILE H 242 -1.45 32.38 33.69
N THR H 243 -2.71 32.81 33.64
CA THR H 243 -3.31 33.39 32.45
C THR H 243 -3.45 34.89 32.64
N ALA H 244 -2.86 35.66 31.73
CA ALA H 244 -3.02 37.11 31.66
C ALA H 244 -3.79 37.38 30.38
N ASP H 245 -5.12 37.52 30.51
CA ASP H 245 -5.95 37.67 29.33
C ASP H 245 -6.88 38.87 29.42
N GLY H 246 -6.75 39.69 30.46
CA GLY H 246 -7.72 40.73 30.75
C GLY H 246 -9.08 40.19 31.20
N GLY H 247 -9.14 38.90 31.52
CA GLY H 247 -10.37 38.21 31.83
C GLY H 247 -11.03 37.54 30.64
N GLN H 248 -10.41 37.61 29.46
CA GLN H 248 -11.10 37.15 28.26
C GLN H 248 -11.44 35.68 28.34
N ALA H 249 -10.47 34.84 28.66
CA ALA H 249 -10.70 33.40 28.75
C ALA H 249 -11.38 32.99 30.04
N GLN H 250 -11.30 33.80 31.09
CA GLN H 250 -11.92 33.46 32.38
C GLN H 250 -13.44 33.53 32.31
N VAL H 251 -13.98 34.41 31.46
CA VAL H 251 -15.41 34.66 31.32
C VAL H 251 -16.07 33.60 30.45
#